data_8RKD
#
_entry.id   8RKD
#
_cell.length_a   1.00
_cell.length_b   1.00
_cell.length_c   1.00
_cell.angle_alpha   90.00
_cell.angle_beta   90.00
_cell.angle_gamma   90.00
#
_symmetry.space_group_name_H-M   'P 1'
#
loop_
_entity.id
_entity.type
_entity.pdbx_description
1 polymer 'Pilus assembly ATPase CpaF'
2 non-polymer "ADENOSINE-5'-DIPHOSPHATE"
3 non-polymer '4-(2-HYDROXYETHYL)-1-PIPERAZINE ETHANESULFONIC ACID'
4 non-polymer 'MAGNESIUM ION'
5 non-polymer 'PHOSPHOAMINOPHOSPHONIC ACID-ADENYLATE ESTER'
#
_entity_poly.entity_id   1
_entity_poly.type   'polypeptide(L)'
_entity_poly.pdbx_seq_one_letter_code
;DYYHATKTTIFNALLNTIDLSQLAQLDLKQAGEEIRDIVAELVAIKNVSMSVAEQEHLVQDIINDVLGYGPLEPLLARDD
IADIMVNGAHRVFIEVGGKVQLTNVRFRDNLQLMNICQRIVSQVGRRVDESSPICDARLPDGSRVNVIAPPLALDGPTLT
IRKFKKDKLTMKNLVEFASISPEGARVLGVIGACRCNLVISGGTGSGKTTLLNTMTAFIDPTERVVTCEDAAELQLQQPH
VVRLETRPPNLEGSGAVTMRDLVKNCLRMRPERIIVGEVRGPEAFDLLQAMNTGHDGSMGTLHANSPREAISRIESMITM
GGYGLPSKTIKEMIVGSVDVIIQAARLRDGSRRITHITEVVGLEGDVIVTQDLFVYEITGEDEHGKVVGKHRSTGIARPR
FWDRARYYGLERELAEALDAAEA
;
_entity_poly.pdbx_strand_id   E,F,A,B,C,D
#
# COMPACT_ATOMS: atom_id res chain seq x y z
N ASP A 1 -44.30 -33.61 -38.59
CA ASP A 1 -42.87 -33.47 -38.74
C ASP A 1 -42.53 -32.45 -39.83
N TYR A 2 -43.31 -32.46 -40.91
CA TYR A 2 -43.09 -31.54 -42.02
C TYR A 2 -43.39 -30.09 -41.65
N TYR A 3 -44.03 -29.85 -40.51
CA TYR A 3 -44.36 -28.49 -40.13
C TYR A 3 -43.11 -27.62 -39.98
N HIS A 4 -41.96 -28.24 -39.70
CA HIS A 4 -40.74 -27.45 -39.52
C HIS A 4 -40.36 -26.74 -40.82
N ALA A 5 -40.43 -27.45 -41.96
CA ALA A 5 -40.09 -26.83 -43.23
C ALA A 5 -41.05 -25.69 -43.56
N THR A 6 -42.35 -25.90 -43.33
CA THR A 6 -43.32 -24.84 -43.58
C THR A 6 -43.07 -23.64 -42.70
N LYS A 7 -42.75 -23.87 -41.42
CA LYS A 7 -42.47 -22.76 -40.51
C LYS A 7 -41.24 -21.98 -40.97
N THR A 8 -40.18 -22.69 -41.35
CA THR A 8 -38.97 -22.02 -41.82
C THR A 8 -39.26 -21.20 -43.08
N THR A 9 -40.02 -21.78 -44.02
CA THR A 9 -40.35 -21.07 -45.24
C THR A 9 -41.17 -19.83 -44.95
N ILE A 10 -42.16 -19.94 -44.06
CA ILE A 10 -42.99 -18.79 -43.71
C ILE A 10 -42.16 -17.70 -43.06
N PHE A 11 -41.26 -18.09 -42.14
CA PHE A 11 -40.42 -17.10 -41.48
C PHE A 11 -39.52 -16.40 -42.49
N ASN A 12 -38.92 -17.16 -43.41
CA ASN A 12 -38.06 -16.55 -44.42
C ASN A 12 -38.84 -15.61 -45.31
N ALA A 13 -40.04 -16.02 -45.74
CA ALA A 13 -40.86 -15.17 -46.60
C ALA A 13 -41.23 -13.88 -45.89
N LEU A 14 -41.67 -13.98 -44.63
CA LEU A 14 -42.03 -12.78 -43.89
C LEU A 14 -40.83 -11.86 -43.69
N LEU A 15 -39.67 -12.43 -43.36
CA LEU A 15 -38.48 -11.61 -43.14
C LEU A 15 -38.06 -10.90 -44.43
N ASN A 16 -38.10 -11.60 -45.56
CA ASN A 16 -37.72 -10.99 -46.83
C ASN A 16 -38.70 -9.90 -47.22
N THR A 17 -40.00 -10.21 -47.19
CA THR A 17 -41.01 -9.20 -47.55
C THR A 17 -41.00 -8.05 -46.56
N ILE A 18 -40.93 -8.35 -45.26
CA ILE A 18 -40.86 -7.36 -44.21
C ILE A 18 -39.66 -7.68 -43.34
N ASP A 19 -38.73 -6.74 -43.24
CA ASP A 19 -37.47 -6.97 -42.54
C ASP A 19 -37.58 -6.49 -41.10
N LEU A 20 -37.13 -7.34 -40.17
CA LEU A 20 -37.05 -6.93 -38.77
C LEU A 20 -36.03 -5.83 -38.56
N SER A 21 -35.11 -5.63 -39.51
CA SER A 21 -34.16 -4.53 -39.42
C SER A 21 -34.85 -3.18 -39.53
N GLN A 22 -36.11 -3.15 -39.95
CA GLN A 22 -36.91 -1.93 -40.02
C GLN A 22 -37.65 -1.65 -38.71
N LEU A 23 -37.12 -2.11 -37.57
CA LEU A 23 -37.74 -1.87 -36.28
C LEU A 23 -38.18 -0.41 -36.16
N ALA A 24 -39.18 -0.18 -35.31
CA ALA A 24 -39.93 1.07 -35.18
C ALA A 24 -40.90 1.22 -36.34
N GLN A 25 -40.89 0.31 -37.31
CA GLN A 25 -41.92 0.19 -38.33
C GLN A 25 -42.57 -1.18 -38.19
N LEU A 26 -43.86 -1.27 -38.46
CA LEU A 26 -44.62 -2.48 -38.16
C LEU A 26 -44.51 -2.81 -36.67
N ASP A 27 -45.08 -1.89 -35.88
CA ASP A 27 -44.89 -1.89 -34.43
C ASP A 27 -45.59 -3.10 -33.83
N LEU A 28 -45.75 -3.10 -32.50
CA LEU A 28 -46.25 -4.29 -31.80
C LEU A 28 -47.54 -4.81 -32.44
N LYS A 29 -48.63 -4.05 -32.30
CA LYS A 29 -49.90 -4.48 -32.88
C LYS A 29 -49.81 -4.56 -34.40
N GLN A 30 -49.15 -3.59 -35.02
CA GLN A 30 -48.98 -3.62 -36.47
C GLN A 30 -48.23 -4.88 -36.89
N ALA A 31 -47.21 -5.27 -36.13
CA ALA A 31 -46.50 -6.51 -36.46
C ALA A 31 -47.42 -7.71 -36.29
N GLY A 32 -48.07 -7.83 -35.14
CA GLY A 32 -48.92 -8.98 -34.91
C GLY A 32 -50.01 -9.15 -35.96
N GLU A 33 -50.46 -8.03 -36.55
CA GLU A 33 -51.46 -8.11 -37.60
C GLU A 33 -50.84 -8.40 -38.96
N GLU A 34 -49.86 -7.59 -39.36
CA GLU A 34 -49.31 -7.66 -40.71
C GLU A 34 -48.50 -8.93 -40.94
N ILE A 35 -47.78 -9.41 -39.92
CA ILE A 35 -47.03 -10.65 -40.08
C ILE A 35 -47.98 -11.81 -40.32
N ARG A 36 -49.07 -11.87 -39.55
CA ARG A 36 -50.06 -12.92 -39.77
C ARG A 36 -50.69 -12.79 -41.15
N ASP A 37 -51.02 -11.56 -41.57
CA ASP A 37 -51.61 -11.37 -42.88
C ASP A 37 -50.68 -11.83 -43.99
N ILE A 38 -49.39 -11.49 -43.88
CA ILE A 38 -48.42 -11.86 -44.90
C ILE A 38 -48.20 -13.37 -44.90
N VAL A 39 -48.18 -13.99 -43.71
CA VAL A 39 -48.04 -15.44 -43.64
C VAL A 39 -49.22 -16.12 -44.33
N ALA A 40 -50.43 -15.62 -44.07
CA ALA A 40 -51.62 -16.18 -44.72
C ALA A 40 -51.55 -15.98 -46.23
N GLU A 41 -51.09 -14.81 -46.68
CA GLU A 41 -50.96 -14.56 -48.11
C GLU A 41 -49.96 -15.52 -48.74
N LEU A 42 -48.83 -15.75 -48.08
CA LEU A 42 -47.84 -16.70 -48.60
C LEU A 42 -48.41 -18.10 -48.64
N VAL A 43 -49.15 -18.50 -47.60
CA VAL A 43 -49.76 -19.82 -47.58
C VAL A 43 -50.74 -19.97 -48.74
N ALA A 44 -51.51 -18.92 -49.01
CA ALA A 44 -52.42 -18.95 -50.15
C ALA A 44 -51.65 -19.06 -51.46
N ILE A 45 -50.57 -18.30 -51.60
CA ILE A 45 -49.81 -18.31 -52.85
C ILE A 45 -49.10 -19.64 -53.04
N LYS A 46 -48.44 -20.14 -51.99
CA LYS A 46 -47.73 -21.40 -52.04
C LYS A 46 -48.50 -22.45 -51.26
N ASN A 47 -48.83 -23.57 -51.92
CA ASN A 47 -49.68 -24.57 -51.30
C ASN A 47 -49.06 -25.08 -50.00
N VAL A 48 -49.89 -25.14 -48.96
CA VAL A 48 -49.48 -25.63 -47.65
C VAL A 48 -50.58 -26.55 -47.12
N SER A 49 -50.20 -27.68 -46.55
CA SER A 49 -51.14 -28.66 -46.03
C SER A 49 -51.54 -28.41 -44.59
N MET A 50 -50.98 -27.39 -43.95
CA MET A 50 -51.32 -27.10 -42.56
C MET A 50 -52.79 -26.69 -42.42
N SER A 51 -53.39 -27.11 -41.31
CA SER A 51 -54.79 -26.81 -41.03
C SER A 51 -54.92 -25.42 -40.41
N VAL A 52 -56.16 -25.02 -40.14
CA VAL A 52 -56.41 -23.70 -39.57
C VAL A 52 -55.77 -23.59 -38.19
N ALA A 53 -55.94 -24.61 -37.35
CA ALA A 53 -55.30 -24.59 -36.04
C ALA A 53 -53.78 -24.55 -36.17
N GLU A 54 -53.23 -25.37 -37.07
CA GLU A 54 -51.80 -25.31 -37.35
C GLU A 54 -51.40 -23.94 -37.90
N GLN A 55 -52.29 -23.32 -38.70
CA GLN A 55 -52.00 -21.99 -39.21
C GLN A 55 -51.87 -20.99 -38.07
N GLU A 56 -52.80 -21.04 -37.12
CA GLU A 56 -52.73 -20.14 -35.97
C GLU A 56 -51.47 -20.42 -35.14
N HIS A 57 -51.11 -21.70 -34.99
CA HIS A 57 -49.90 -22.04 -34.24
C HIS A 57 -48.66 -21.49 -34.93
N LEU A 58 -48.59 -21.60 -36.26
CA LEU A 58 -47.46 -21.06 -36.99
C LEU A 58 -47.42 -19.54 -36.91
N VAL A 59 -48.58 -18.89 -36.96
CA VAL A 59 -48.63 -17.43 -36.80
C VAL A 59 -48.12 -17.04 -35.42
N GLN A 60 -48.50 -17.80 -34.39
CA GLN A 60 -48.01 -17.51 -33.04
C GLN A 60 -46.50 -17.71 -32.95
N ASP A 61 -45.98 -18.75 -33.61
CA ASP A 61 -44.53 -18.95 -33.63
C ASP A 61 -43.83 -17.80 -34.32
N ILE A 62 -44.39 -17.32 -35.44
CA ILE A 62 -43.80 -16.17 -36.13
C ILE A 62 -43.82 -14.94 -35.24
N ILE A 63 -44.92 -14.73 -34.52
CA ILE A 63 -44.99 -13.60 -33.60
C ILE A 63 -43.92 -13.72 -32.53
N ASN A 64 -43.76 -14.93 -31.97
CA ASN A 64 -42.70 -15.16 -30.99
C ASN A 64 -41.34 -14.79 -31.58
N ASP A 65 -41.10 -15.19 -32.83
CA ASP A 65 -39.85 -14.83 -33.48
C ASP A 65 -39.70 -13.32 -33.58
N VAL A 66 -40.77 -12.62 -33.95
CA VAL A 66 -40.72 -11.16 -34.06
C VAL A 66 -40.87 -10.51 -32.70
N LEU A 67 -41.94 -10.83 -31.97
CA LEU A 67 -42.20 -10.29 -30.64
C LEU A 67 -42.38 -11.45 -29.68
N GLY A 68 -41.37 -11.71 -28.87
CA GLY A 68 -41.44 -12.79 -27.90
C GLY A 68 -40.06 -13.27 -27.52
N TYR A 69 -40.04 -14.41 -26.84
CA TYR A 69 -38.81 -15.03 -26.34
C TYR A 69 -38.73 -16.49 -26.75
N GLY A 70 -39.10 -16.78 -27.99
CA GLY A 70 -38.88 -18.09 -28.58
C GLY A 70 -39.57 -19.21 -27.83
N PRO A 71 -39.19 -20.46 -28.16
CA PRO A 71 -39.85 -21.63 -27.57
C PRO A 71 -39.78 -21.70 -26.05
N LEU A 72 -39.09 -20.75 -25.42
CA LEU A 72 -39.13 -20.67 -23.96
C LEU A 72 -40.52 -20.31 -23.45
N GLU A 73 -41.28 -19.53 -24.22
CA GLU A 73 -42.58 -19.05 -23.77
C GLU A 73 -43.51 -20.17 -23.31
N PRO A 74 -43.67 -21.27 -24.04
CA PRO A 74 -44.49 -22.37 -23.52
C PRO A 74 -44.06 -22.86 -22.16
N LEU A 75 -42.77 -22.83 -21.85
CA LEU A 75 -42.28 -23.18 -20.53
C LEU A 75 -42.27 -21.98 -19.59
N LEU A 76 -41.96 -20.80 -20.09
CA LEU A 76 -41.93 -19.60 -19.26
C LEU A 76 -43.32 -19.17 -18.81
N ALA A 77 -44.39 -19.74 -19.38
CA ALA A 77 -45.74 -19.34 -19.04
C ALA A 77 -46.32 -20.18 -17.90
N ARG A 78 -46.07 -21.48 -17.88
CA ARG A 78 -46.63 -22.34 -16.86
C ARG A 78 -46.04 -22.00 -15.49
N ASP A 79 -46.79 -22.34 -14.44
CA ASP A 79 -46.49 -21.90 -13.09
C ASP A 79 -45.56 -22.83 -12.33
N ASP A 80 -45.68 -24.14 -12.55
CA ASP A 80 -44.87 -25.09 -11.79
C ASP A 80 -43.39 -25.00 -12.10
N ILE A 81 -43.01 -24.30 -13.18
CA ILE A 81 -41.61 -24.17 -13.56
C ILE A 81 -41.02 -23.02 -12.75
N ALA A 82 -40.20 -23.34 -11.75
CA ALA A 82 -39.53 -22.35 -10.93
C ALA A 82 -38.10 -22.09 -11.35
N ASP A 83 -37.53 -22.90 -12.25
CA ASP A 83 -36.16 -22.73 -12.70
C ASP A 83 -36.03 -23.24 -14.13
N ILE A 84 -35.25 -22.54 -14.94
CA ILE A 84 -34.97 -22.92 -16.32
C ILE A 84 -33.46 -22.89 -16.50
N MET A 85 -32.89 -24.00 -16.95
CA MET A 85 -31.44 -24.11 -17.12
C MET A 85 -31.16 -24.63 -18.52
N VAL A 86 -30.54 -23.81 -19.36
CA VAL A 86 -30.26 -24.14 -20.76
C VAL A 86 -28.76 -24.23 -20.95
N ASN A 87 -28.27 -25.39 -21.38
CA ASN A 87 -26.86 -25.59 -21.66
C ASN A 87 -26.67 -25.55 -23.17
N GLY A 88 -26.09 -24.47 -23.66
CA GLY A 88 -25.94 -24.32 -25.11
C GLY A 88 -27.28 -24.35 -25.79
N ALA A 89 -27.42 -25.23 -26.78
CA ALA A 89 -28.66 -25.33 -27.54
C ALA A 89 -29.07 -26.79 -27.75
N HIS A 90 -28.65 -27.69 -26.87
CA HIS A 90 -28.98 -29.10 -27.01
C HIS A 90 -29.56 -29.74 -25.76
N ARG A 91 -29.56 -29.07 -24.61
CA ARG A 91 -30.13 -29.65 -23.40
C ARG A 91 -30.70 -28.55 -22.53
N VAL A 92 -31.87 -28.82 -21.97
CA VAL A 92 -32.57 -27.90 -21.08
C VAL A 92 -33.14 -28.70 -19.91
N PHE A 93 -33.21 -28.05 -18.75
CA PHE A 93 -33.69 -28.68 -17.53
C PHE A 93 -34.60 -27.71 -16.79
N ILE A 94 -35.55 -28.29 -16.05
CA ILE A 94 -36.45 -27.52 -15.20
C ILE A 94 -36.66 -28.29 -13.90
N GLU A 95 -36.94 -27.55 -12.83
CA GLU A 95 -37.07 -28.10 -11.49
C GLU A 95 -38.53 -28.10 -11.05
N VAL A 96 -38.95 -29.20 -10.43
CA VAL A 96 -40.27 -29.31 -9.82
C VAL A 96 -40.14 -30.20 -8.59
N GLY A 97 -40.60 -29.71 -7.45
CA GLY A 97 -40.56 -30.50 -6.23
C GLY A 97 -39.19 -31.01 -5.87
N GLY A 98 -38.16 -30.21 -6.13
CA GLY A 98 -36.80 -30.61 -5.82
C GLY A 98 -36.19 -31.63 -6.77
N LYS A 99 -36.87 -31.95 -7.87
CA LYS A 99 -36.36 -32.88 -8.86
C LYS A 99 -36.26 -32.19 -10.21
N VAL A 100 -35.15 -32.41 -10.91
CA VAL A 100 -34.86 -31.74 -12.17
C VAL A 100 -35.08 -32.72 -13.31
N GLN A 101 -35.68 -32.24 -14.39
CA GLN A 101 -35.98 -33.08 -15.55
C GLN A 101 -35.74 -32.29 -16.83
N LEU A 102 -35.50 -33.03 -17.90
CA LEU A 102 -35.18 -32.47 -19.21
C LEU A 102 -36.44 -32.45 -20.09
N THR A 103 -36.49 -31.46 -20.97
CA THR A 103 -37.62 -31.26 -21.87
C THR A 103 -37.15 -31.39 -23.32
N ASN A 104 -38.09 -31.26 -24.25
CA ASN A 104 -37.81 -31.43 -25.67
C ASN A 104 -37.47 -30.14 -26.38
N VAL A 105 -37.90 -28.99 -25.85
CA VAL A 105 -37.65 -27.72 -26.51
C VAL A 105 -36.15 -27.56 -26.74
N ARG A 106 -35.79 -27.25 -27.98
CA ARG A 106 -34.39 -27.10 -28.37
C ARG A 106 -34.25 -25.89 -29.27
N PHE A 107 -33.20 -25.10 -29.07
CA PHE A 107 -32.92 -23.97 -29.94
C PHE A 107 -32.19 -24.46 -31.19
N ARG A 108 -32.76 -24.16 -32.36
CA ARG A 108 -32.23 -24.68 -33.61
C ARG A 108 -30.77 -24.25 -33.81
N ASP A 109 -30.54 -22.95 -33.92
CA ASP A 109 -29.23 -22.40 -34.25
C ASP A 109 -28.75 -21.53 -33.11
N ASN A 110 -27.48 -21.68 -32.73
CA ASN A 110 -26.93 -20.93 -31.62
C ASN A 110 -26.90 -19.42 -31.90
N LEU A 111 -26.91 -19.01 -33.16
CA LEU A 111 -26.98 -17.58 -33.46
C LEU A 111 -28.30 -17.00 -33.00
N GLN A 112 -29.42 -17.64 -33.37
CA GLN A 112 -30.71 -17.15 -32.92
C GLN A 112 -30.87 -17.32 -31.40
N LEU A 113 -30.21 -18.32 -30.81
CA LEU A 113 -30.25 -18.45 -29.36
C LEU A 113 -29.52 -17.29 -28.68
N MET A 114 -28.36 -16.90 -29.22
CA MET A 114 -27.67 -15.73 -28.70
C MET A 114 -28.52 -14.49 -28.88
N ASN A 115 -29.21 -14.38 -30.00
CA ASN A 115 -30.13 -13.27 -30.19
C ASN A 115 -31.26 -13.29 -29.16
N ILE A 116 -31.78 -14.48 -28.86
CA ILE A 116 -32.84 -14.60 -27.84
C ILE A 116 -32.34 -14.11 -26.50
N CYS A 117 -31.15 -14.55 -26.10
CA CYS A 117 -30.60 -14.11 -24.82
C CYS A 117 -30.36 -12.62 -24.81
N GLN A 118 -29.83 -12.09 -25.91
CA GLN A 118 -29.55 -10.66 -25.98
C GLN A 118 -30.83 -9.84 -25.93
N ARG A 119 -31.92 -10.34 -26.52
CA ARG A 119 -33.20 -9.64 -26.39
C ARG A 119 -33.75 -9.72 -24.98
N ILE A 120 -33.66 -10.90 -24.36
CA ILE A 120 -34.17 -11.08 -23.01
C ILE A 120 -33.47 -10.12 -22.06
N VAL A 121 -32.16 -9.95 -22.21
CA VAL A 121 -31.45 -8.93 -21.44
C VAL A 121 -31.62 -7.54 -22.02
N SER A 122 -32.13 -7.43 -23.25
CA SER A 122 -32.50 -6.13 -23.80
C SER A 122 -33.76 -5.58 -23.14
N GLN A 123 -34.55 -6.44 -22.52
CA GLN A 123 -35.66 -5.97 -21.70
C GLN A 123 -35.21 -4.79 -20.84
N VAL A 124 -33.96 -4.82 -20.39
CA VAL A 124 -33.35 -3.67 -19.74
C VAL A 124 -32.21 -3.05 -20.55
N GLY A 125 -31.76 -3.72 -21.61
CA GLY A 125 -30.85 -3.09 -22.56
C GLY A 125 -29.37 -3.32 -22.32
N ARG A 126 -28.99 -4.35 -21.57
CA ARG A 126 -27.59 -4.60 -21.27
C ARG A 126 -26.97 -5.48 -22.36
N ARG A 127 -25.67 -5.29 -22.56
CA ARG A 127 -24.97 -5.94 -23.67
C ARG A 127 -24.52 -7.35 -23.29
N VAL A 128 -24.67 -8.28 -24.23
CA VAL A 128 -24.13 -9.63 -24.11
C VAL A 128 -23.58 -10.05 -25.46
N ASP A 129 -22.26 -10.01 -25.61
CA ASP A 129 -21.63 -10.29 -26.90
C ASP A 129 -20.21 -10.79 -26.64
N GLU A 130 -19.48 -11.04 -27.74
CA GLU A 130 -18.11 -11.48 -27.62
C GLU A 130 -17.22 -10.43 -26.95
N SER A 131 -17.65 -9.17 -26.92
CA SER A 131 -16.95 -8.12 -26.21
C SER A 131 -17.41 -7.97 -24.77
N SER A 132 -18.54 -8.59 -24.40
CA SER A 132 -19.02 -8.57 -23.03
C SER A 132 -19.82 -9.85 -22.81
N PRO A 133 -19.17 -10.94 -22.43
CA PRO A 133 -19.81 -12.26 -22.46
C PRO A 133 -20.64 -12.63 -21.25
N ILE A 134 -20.59 -11.87 -20.17
CA ILE A 134 -21.28 -12.20 -18.93
C ILE A 134 -22.37 -11.17 -18.70
N CYS A 135 -23.56 -11.63 -18.30
CA CYS A 135 -24.64 -10.72 -17.94
C CYS A 135 -25.47 -11.33 -16.82
N ASP A 136 -25.87 -10.47 -15.87
CA ASP A 136 -26.68 -10.87 -14.73
C ASP A 136 -27.75 -9.80 -14.54
N ALA A 137 -28.95 -10.06 -15.04
CA ALA A 137 -30.02 -9.07 -15.08
C ALA A 137 -31.17 -9.48 -14.17
N ARG A 138 -31.67 -8.51 -13.41
CA ARG A 138 -32.89 -8.68 -12.61
C ARG A 138 -34.02 -8.02 -13.39
N LEU A 139 -34.79 -8.85 -14.10
CA LEU A 139 -35.85 -8.33 -14.94
C LEU A 139 -36.92 -7.66 -14.08
N PRO A 140 -37.66 -6.70 -14.63
CA PRO A 140 -38.70 -6.03 -13.84
C PRO A 140 -39.80 -6.96 -13.36
N ASP A 141 -39.98 -8.11 -14.00
CA ASP A 141 -41.06 -9.04 -13.67
C ASP A 141 -40.67 -10.04 -12.59
N GLY A 142 -39.71 -9.69 -11.74
CA GLY A 142 -39.33 -10.53 -10.62
C GLY A 142 -38.65 -11.83 -11.01
N SER A 143 -37.71 -11.76 -11.95
CA SER A 143 -36.94 -12.92 -12.36
C SER A 143 -35.48 -12.52 -12.49
N ARG A 144 -34.59 -13.51 -12.35
CA ARG A 144 -33.16 -13.31 -12.48
C ARG A 144 -32.66 -14.13 -13.66
N VAL A 145 -31.89 -13.50 -14.54
CA VAL A 145 -31.38 -14.14 -15.76
C VAL A 145 -29.87 -13.98 -15.78
N ASN A 146 -29.17 -15.10 -15.90
CA ASN A 146 -27.71 -15.11 -16.02
C ASN A 146 -27.33 -15.73 -17.35
N VAL A 147 -26.48 -15.03 -18.10
CA VAL A 147 -26.11 -15.43 -19.46
C VAL A 147 -24.59 -15.40 -19.58
N ILE A 148 -24.01 -16.49 -20.09
CA ILE A 148 -22.59 -16.55 -20.42
C ILE A 148 -22.47 -16.93 -21.89
N ALA A 149 -21.59 -16.23 -22.60
CA ALA A 149 -21.51 -16.25 -24.05
C ALA A 149 -20.68 -17.44 -24.56
N PRO A 150 -20.80 -17.77 -25.84
CA PRO A 150 -20.06 -18.91 -26.40
C PRO A 150 -18.56 -18.77 -26.23
N PRO A 151 -17.99 -17.56 -26.39
CA PRO A 151 -16.53 -17.44 -26.31
C PRO A 151 -15.93 -18.00 -25.03
N LEU A 152 -16.65 -17.92 -23.91
CA LEU A 152 -16.21 -18.54 -22.66
C LEU A 152 -16.84 -19.91 -22.44
N ALA A 153 -18.10 -20.10 -22.82
CA ALA A 153 -18.71 -21.42 -22.75
C ALA A 153 -18.10 -22.33 -23.80
N LEU A 154 -18.34 -23.64 -23.64
CA LEU A 154 -17.81 -24.64 -24.55
C LEU A 154 -18.87 -25.64 -24.98
N ASP A 155 -20.15 -25.34 -24.75
CA ASP A 155 -21.25 -26.15 -25.24
C ASP A 155 -22.36 -25.26 -25.79
N GLY A 156 -21.98 -24.08 -26.30
CA GLY A 156 -22.92 -23.05 -26.64
C GLY A 156 -23.17 -22.13 -25.48
N PRO A 157 -23.98 -21.08 -25.69
CA PRO A 157 -24.25 -20.15 -24.59
C PRO A 157 -24.93 -20.87 -23.43
N THR A 158 -24.63 -20.41 -22.21
CA THR A 158 -25.23 -20.97 -21.01
C THR A 158 -26.20 -19.95 -20.42
N LEU A 159 -27.43 -20.39 -20.15
CA LEU A 159 -28.49 -19.51 -19.70
C LEU A 159 -29.17 -20.10 -18.47
N THR A 160 -29.44 -19.24 -17.48
CA THR A 160 -30.17 -19.64 -16.29
C THR A 160 -31.22 -18.59 -15.98
N ILE A 161 -32.45 -19.05 -15.71
CA ILE A 161 -33.56 -18.16 -15.38
C ILE A 161 -34.21 -18.69 -14.11
N ARG A 162 -34.18 -17.88 -13.05
CA ARG A 162 -34.77 -18.24 -11.77
C ARG A 162 -35.87 -17.23 -11.45
N LYS A 163 -37.08 -17.72 -11.28
CA LYS A 163 -38.27 -16.87 -11.20
C LYS A 163 -38.97 -17.07 -9.86
N PHE A 164 -39.76 -16.08 -9.48
CA PHE A 164 -40.63 -15.73 -8.36
C PHE A 164 -41.48 -16.92 -7.95
N LYS A 165 -41.38 -17.29 -6.67
CA LYS A 165 -42.07 -18.47 -6.18
C LYS A 165 -43.58 -18.31 -6.16
N LYS A 166 -44.09 -17.10 -6.32
CA LYS A 166 -45.52 -16.85 -6.48
C LYS A 166 -46.30 -17.06 -5.18
N ASP A 167 -45.62 -17.54 -4.13
CA ASP A 167 -46.27 -17.77 -2.85
C ASP A 167 -45.21 -18.26 -1.87
N LYS A 168 -45.58 -18.28 -0.60
CA LYS A 168 -44.71 -18.73 0.47
C LYS A 168 -45.42 -19.75 1.33
N LEU A 169 -44.63 -20.61 1.97
CA LEU A 169 -45.15 -21.59 2.92
C LEU A 169 -45.51 -20.84 4.19
N THR A 170 -46.76 -20.38 4.26
CA THR A 170 -47.22 -19.58 5.38
C THR A 170 -47.22 -20.41 6.66
N MET A 171 -47.21 -19.70 7.79
CA MET A 171 -47.24 -20.39 9.08
C MET A 171 -48.40 -21.36 9.15
N LYS A 172 -49.52 -21.01 8.54
CA LYS A 172 -50.63 -21.96 8.43
C LYS A 172 -50.22 -23.20 7.66
N ASN A 173 -49.49 -23.02 6.55
CA ASN A 173 -48.98 -24.16 5.80
C ASN A 173 -47.82 -24.84 6.53
N LEU A 174 -46.97 -24.07 7.22
CA LEU A 174 -45.84 -24.66 7.92
C LEU A 174 -46.30 -25.49 9.11
N VAL A 175 -47.43 -25.13 9.73
CA VAL A 175 -47.92 -25.91 10.87
C VAL A 175 -48.14 -27.36 10.47
N GLU A 176 -48.41 -27.61 9.20
CA GLU A 176 -48.60 -28.99 8.73
C GLU A 176 -47.30 -29.77 8.83
N PHE A 177 -46.26 -29.31 8.14
CA PHE A 177 -44.99 -30.03 8.13
C PHE A 177 -44.40 -30.06 9.53
N ALA A 178 -43.87 -31.21 9.92
CA ALA A 178 -43.46 -31.44 11.29
C ALA A 178 -42.15 -30.75 11.64
N SER A 179 -42.14 -29.43 11.60
CA SER A 179 -41.02 -28.64 12.12
C SER A 179 -41.47 -27.57 13.09
N ILE A 180 -42.65 -26.99 12.89
CA ILE A 180 -43.22 -25.99 13.77
C ILE A 180 -44.34 -26.68 14.55
N SER A 181 -44.05 -27.05 15.79
CA SER A 181 -45.00 -27.74 16.65
C SER A 181 -46.04 -26.73 17.15
N PRO A 182 -47.03 -27.19 17.91
CA PRO A 182 -48.03 -26.26 18.45
C PRO A 182 -47.55 -25.47 19.66
N GLU A 183 -46.30 -25.67 20.08
CA GLU A 183 -45.70 -24.90 21.17
C GLU A 183 -44.56 -24.03 20.66
N GLY A 184 -44.44 -23.86 19.35
CA GLY A 184 -43.43 -22.99 18.78
C GLY A 184 -44.02 -21.89 17.93
N ALA A 185 -45.19 -22.14 17.33
CA ALA A 185 -45.83 -21.12 16.53
C ALA A 185 -46.32 -19.96 17.40
N ARG A 186 -46.91 -20.27 18.56
CA ARG A 186 -47.31 -19.22 19.48
C ARG A 186 -46.09 -18.44 19.96
N VAL A 187 -45.00 -19.13 20.26
CA VAL A 187 -43.79 -18.43 20.69
C VAL A 187 -43.23 -17.60 19.55
N LEU A 188 -43.31 -18.11 18.32
CA LEU A 188 -42.88 -17.32 17.17
C LEU A 188 -43.70 -16.04 17.06
N GLY A 189 -45.01 -16.13 17.25
CA GLY A 189 -45.83 -14.93 17.21
C GLY A 189 -45.50 -13.97 18.33
N VAL A 190 -45.27 -14.50 19.54
CA VAL A 190 -44.96 -13.65 20.68
C VAL A 190 -43.66 -12.90 20.44
N ILE A 191 -42.63 -13.59 19.95
CA ILE A 191 -41.34 -12.96 19.72
C ILE A 191 -41.29 -12.17 18.42
N GLY A 192 -42.30 -12.32 17.56
CA GLY A 192 -42.36 -11.58 16.32
C GLY A 192 -43.03 -10.23 16.46
N ALA A 193 -44.18 -10.20 17.15
CA ALA A 193 -44.92 -8.97 17.35
C ALA A 193 -44.43 -8.16 18.55
N CYS A 194 -43.49 -8.68 19.32
CA CYS A 194 -42.99 -8.03 20.52
C CYS A 194 -41.71 -7.23 20.25
N ARG A 195 -41.34 -7.06 18.98
CA ARG A 195 -40.16 -6.29 18.59
C ARG A 195 -38.92 -6.76 19.38
N CYS A 196 -38.56 -8.01 19.12
CA CYS A 196 -37.38 -8.62 19.70
C CYS A 196 -36.22 -8.57 18.72
N ASN A 197 -35.00 -8.69 19.26
CA ASN A 197 -33.78 -8.70 18.47
C ASN A 197 -33.40 -10.16 18.25
N LEU A 198 -33.84 -10.71 17.12
CA LEU A 198 -33.68 -12.12 16.80
C LEU A 198 -32.69 -12.28 15.65
N VAL A 199 -31.78 -13.24 15.78
CA VAL A 199 -30.78 -13.54 14.76
C VAL A 199 -30.92 -14.99 14.37
N ILE A 200 -31.29 -15.24 13.11
CA ILE A 200 -31.44 -16.59 12.60
C ILE A 200 -30.06 -17.15 12.29
N SER A 201 -29.92 -18.48 12.38
CA SER A 201 -28.66 -19.14 12.11
C SER A 201 -28.95 -20.49 11.45
N GLY A 202 -27.89 -21.22 11.13
CA GLY A 202 -28.00 -22.53 10.51
C GLY A 202 -26.73 -22.97 9.81
N LYS A 208 -34.82 -20.32 5.22
CA LYS A 208 -34.76 -19.13 6.07
C LYS A 208 -35.62 -18.01 5.48
N THR A 209 -35.53 -17.85 4.15
CA THR A 209 -36.26 -16.76 3.50
C THR A 209 -37.76 -16.90 3.71
N THR A 210 -38.29 -18.11 3.51
CA THR A 210 -39.71 -18.33 3.74
C THR A 210 -40.05 -18.16 5.22
N LEU A 211 -39.18 -18.65 6.11
CA LEU A 211 -39.39 -18.44 7.53
C LEU A 211 -39.45 -16.95 7.86
N LEU A 212 -38.58 -16.15 7.23
CA LEU A 212 -38.59 -14.72 7.48
C LEU A 212 -39.85 -14.06 6.93
N ASN A 213 -40.27 -14.45 5.72
CA ASN A 213 -41.48 -13.87 5.15
C ASN A 213 -42.72 -14.31 5.90
N THR A 214 -42.63 -15.39 6.68
CA THR A 214 -43.75 -15.78 7.54
C THR A 214 -43.72 -15.01 8.86
N MET A 215 -42.53 -14.84 9.45
CA MET A 215 -42.41 -14.09 10.69
C MET A 215 -42.66 -12.60 10.48
N THR A 216 -42.59 -12.10 9.25
CA THR A 216 -43.00 -10.74 8.97
C THR A 216 -44.51 -10.55 9.03
N ALA A 217 -45.27 -11.63 9.18
CA ALA A 217 -46.71 -11.54 9.36
C ALA A 217 -47.10 -11.14 10.77
N PHE A 218 -46.15 -11.04 11.69
CA PHE A 218 -46.39 -10.61 13.06
C PHE A 218 -45.96 -9.16 13.26
N ILE A 219 -46.15 -8.33 12.23
CA ILE A 219 -45.79 -6.93 12.25
C ILE A 219 -47.08 -6.11 12.24
N ASP A 220 -47.19 -5.18 13.18
CA ASP A 220 -48.39 -4.36 13.27
C ASP A 220 -48.55 -3.56 11.98
N PRO A 221 -49.79 -3.33 11.51
CA PRO A 221 -49.97 -2.65 10.23
C PRO A 221 -49.32 -1.27 10.17
N THR A 222 -49.17 -0.61 11.31
CA THR A 222 -48.68 0.77 11.34
C THR A 222 -47.16 0.87 11.20
N GLU A 223 -46.41 -0.09 11.73
CA GLU A 223 -44.96 0.05 11.78
C GLU A 223 -44.37 0.18 10.39
N ARG A 224 -43.49 1.17 10.21
CA ARG A 224 -42.75 1.30 8.97
C ARG A 224 -41.62 0.30 8.92
N VAL A 225 -41.47 -0.37 7.78
CA VAL A 225 -40.44 -1.38 7.60
C VAL A 225 -39.68 -1.08 6.32
N VAL A 226 -38.36 -1.00 6.41
CA VAL A 226 -37.48 -0.87 5.26
C VAL A 226 -36.55 -2.08 5.26
N THR A 227 -36.52 -2.82 4.16
CA THR A 227 -35.84 -4.09 4.08
C THR A 227 -34.59 -3.98 3.23
N CYS A 228 -33.49 -4.57 3.71
CA CYS A 228 -32.25 -4.67 2.95
C CYS A 228 -32.22 -6.04 2.27
N GLU A 229 -32.12 -6.04 0.94
CA GLU A 229 -32.23 -7.26 0.17
C GLU A 229 -31.12 -7.33 -0.87
N ASP A 230 -30.81 -8.56 -1.29
CA ASP A 230 -30.03 -8.83 -2.48
C ASP A 230 -30.88 -9.34 -3.63
N ALA A 231 -31.88 -10.17 -3.34
CA ALA A 231 -32.87 -10.61 -4.29
C ALA A 231 -34.25 -10.53 -3.66
N ALA A 232 -35.27 -10.32 -4.49
CA ALA A 232 -36.62 -10.12 -3.99
C ALA A 232 -37.21 -11.43 -3.48
N GLU A 233 -36.64 -11.95 -2.39
CA GLU A 233 -37.07 -13.20 -1.80
C GLU A 233 -38.12 -13.05 -0.71
N LEU A 234 -38.49 -11.81 -0.35
CA LEU A 234 -39.38 -11.26 0.67
C LEU A 234 -40.47 -10.41 0.03
N GLN A 235 -41.69 -10.61 0.49
CA GLN A 235 -42.82 -9.74 0.15
C GLN A 235 -43.77 -9.74 1.32
N LEU A 236 -44.36 -8.57 1.61
CA LEU A 236 -45.20 -8.38 2.78
C LEU A 236 -46.53 -7.75 2.37
N GLN A 237 -47.56 -8.06 3.15
CA GLN A 237 -48.89 -7.48 2.95
C GLN A 237 -49.11 -6.25 3.82
N GLN A 238 -48.14 -5.86 4.64
CA GLN A 238 -48.29 -4.70 5.49
C GLN A 238 -48.43 -3.45 4.62
N PRO A 239 -49.35 -2.54 4.94
CA PRO A 239 -49.65 -1.44 4.00
C PRO A 239 -48.62 -0.33 3.97
N HIS A 240 -47.56 -0.39 4.78
CA HIS A 240 -46.62 0.72 4.89
C HIS A 240 -45.18 0.22 4.88
N VAL A 241 -44.86 -0.65 3.92
CA VAL A 241 -43.52 -1.23 3.82
C VAL A 241 -42.83 -0.71 2.58
N VAL A 242 -41.52 -0.56 2.67
CA VAL A 242 -40.67 -0.17 1.56
C VAL A 242 -39.53 -1.18 1.45
N ARG A 243 -39.01 -1.36 0.24
CA ARG A 243 -38.02 -2.38 -0.04
C ARG A 243 -36.81 -1.77 -0.73
N LEU A 244 -35.66 -2.43 -0.58
CA LEU A 244 -34.42 -1.96 -1.16
C LEU A 244 -33.57 -3.16 -1.58
N GLU A 245 -32.86 -3.02 -2.71
CA GLU A 245 -31.94 -4.02 -3.20
C GLU A 245 -30.66 -3.33 -3.66
N THR A 246 -29.55 -4.07 -3.61
CA THR A 246 -28.24 -3.50 -3.89
C THR A 246 -28.02 -3.37 -5.39
N ARG A 247 -26.86 -2.84 -5.77
CA ARG A 247 -26.46 -2.72 -7.16
C ARG A 247 -24.97 -3.04 -7.26
N PRO A 248 -24.60 -4.27 -7.61
CA PRO A 248 -23.18 -4.63 -7.67
C PRO A 248 -22.46 -3.80 -8.71
N PRO A 249 -21.13 -3.94 -8.80
CA PRO A 249 -20.37 -3.08 -9.71
C PRO A 249 -20.87 -3.19 -11.15
N ASN A 250 -20.90 -2.04 -11.83
CA ASN A 250 -21.36 -1.97 -13.20
C ASN A 250 -20.18 -2.19 -14.15
N LEU A 251 -20.40 -1.94 -15.44
CA LEU A 251 -19.34 -2.13 -16.42
C LEU A 251 -18.15 -1.19 -16.17
N GLU A 252 -18.37 -0.07 -15.49
CA GLU A 252 -17.32 0.89 -15.20
C GLU A 252 -16.60 0.60 -13.89
N GLY A 253 -16.98 -0.46 -13.18
CA GLY A 253 -16.37 -0.75 -11.90
C GLY A 253 -16.61 0.31 -10.85
N SER A 254 -17.78 0.95 -10.89
CA SER A 254 -18.12 2.00 -9.94
C SER A 254 -19.64 2.17 -9.95
N GLY A 255 -20.12 3.18 -9.22
CA GLY A 255 -21.54 3.42 -9.12
C GLY A 255 -22.30 2.41 -8.29
N ALA A 256 -21.62 1.45 -7.68
CA ALA A 256 -22.28 0.43 -6.88
C ALA A 256 -22.65 0.99 -5.51
N VAL A 257 -23.58 0.29 -4.86
CA VAL A 257 -24.04 0.63 -3.52
C VAL A 257 -23.99 -0.65 -2.71
N THR A 258 -22.91 -0.84 -1.95
CA THR A 258 -22.74 -2.05 -1.17
C THR A 258 -23.79 -2.12 -0.07
N MET A 259 -23.74 -3.20 0.72
CA MET A 259 -24.74 -3.39 1.77
C MET A 259 -24.66 -2.27 2.80
N ARG A 260 -23.44 -1.87 3.18
CA ARG A 260 -23.30 -0.77 4.13
C ARG A 260 -23.91 0.51 3.56
N ASP A 261 -23.68 0.77 2.28
CA ASP A 261 -24.19 2.00 1.68
C ASP A 261 -25.71 2.03 1.67
N LEU A 262 -26.37 0.90 1.91
CA LEU A 262 -27.82 0.85 2.04
C LEU A 262 -28.27 0.91 3.50
N VAL A 263 -27.63 0.13 4.37
CA VAL A 263 -28.04 0.09 5.77
C VAL A 263 -27.80 1.45 6.43
N LYS A 264 -26.66 2.08 6.13
CA LYS A 264 -26.34 3.35 6.76
C LYS A 264 -27.38 4.40 6.40
N ASN A 265 -27.85 4.41 5.16
CA ASN A 265 -28.91 5.34 4.78
C ASN A 265 -30.26 4.91 5.33
N CYS A 266 -30.49 3.61 5.48
CA CYS A 266 -31.72 3.15 6.12
C CYS A 266 -31.80 3.65 7.56
N LEU A 267 -30.66 3.84 8.20
CA LEU A 267 -30.62 4.39 9.55
C LEU A 267 -30.91 5.88 9.60
N ARG A 268 -31.36 6.49 8.50
CA ARG A 268 -31.54 7.94 8.45
C ARG A 268 -32.90 8.37 7.91
N MET A 269 -33.81 7.45 7.62
CA MET A 269 -35.16 7.78 7.18
C MET A 269 -36.19 7.32 8.22
N ARG A 270 -35.78 7.28 9.49
CA ARG A 270 -36.60 6.93 10.64
C ARG A 270 -37.54 5.76 10.37
N PRO A 271 -37.03 4.58 10.06
CA PRO A 271 -37.85 3.38 10.08
C PRO A 271 -37.89 2.78 11.49
N GLU A 272 -38.86 1.91 11.70
CA GLU A 272 -39.05 1.25 12.98
C GLU A 272 -38.45 -0.15 13.01
N ARG A 273 -38.73 -0.96 11.99
CA ARG A 273 -38.13 -2.28 11.84
C ARG A 273 -37.21 -2.28 10.63
N ILE A 274 -35.95 -2.65 10.85
CA ILE A 274 -34.98 -2.85 9.78
C ILE A 274 -34.75 -4.34 9.66
N ILE A 275 -35.20 -4.92 8.55
CA ILE A 275 -35.10 -6.36 8.31
C ILE A 275 -34.10 -6.56 7.17
N VAL A 276 -32.99 -7.21 7.48
CA VAL A 276 -31.90 -7.41 6.54
C VAL A 276 -31.92 -8.87 6.10
N GLY A 277 -31.90 -9.08 4.77
CA GLY A 277 -31.98 -10.42 4.22
C GLY A 277 -30.82 -11.31 4.61
N GLU A 278 -29.62 -10.97 4.15
CA GLU A 278 -28.43 -11.78 4.38
C GLU A 278 -27.32 -10.92 4.95
N VAL A 279 -26.59 -11.47 5.91
CA VAL A 279 -25.50 -10.78 6.60
C VAL A 279 -24.19 -11.46 6.18
N ARG A 280 -23.29 -10.69 5.57
CA ARG A 280 -22.04 -11.23 5.04
C ARG A 280 -20.86 -11.00 5.96
N GLY A 281 -20.59 -9.75 6.34
CA GLY A 281 -19.36 -9.40 7.00
C GLY A 281 -19.47 -8.16 7.85
N PRO A 282 -18.53 -7.22 7.70
CA PRO A 282 -18.51 -6.05 8.59
C PRO A 282 -19.76 -5.19 8.51
N GLU A 283 -20.51 -5.24 7.40
CA GLU A 283 -21.71 -4.43 7.31
C GLU A 283 -22.72 -4.77 8.40
N ALA A 284 -22.62 -5.97 8.98
CA ALA A 284 -23.48 -6.33 10.09
C ALA A 284 -23.41 -5.28 11.19
N PHE A 285 -22.24 -4.66 11.37
CA PHE A 285 -22.08 -3.57 12.32
C PHE A 285 -23.25 -2.59 12.23
N ASP A 286 -23.49 -2.07 11.03
CA ASP A 286 -24.58 -1.12 10.86
C ASP A 286 -25.90 -1.71 11.37
N LEU A 287 -26.22 -2.92 10.95
CA LEU A 287 -27.42 -3.57 11.45
C LEU A 287 -27.38 -3.70 12.96
N LEU A 288 -26.23 -4.11 13.51
CA LEU A 288 -26.11 -4.20 14.96
C LEU A 288 -26.20 -2.83 15.60
N GLN A 289 -25.79 -1.77 14.89
CA GLN A 289 -26.05 -0.43 15.38
C GLN A 289 -27.53 -0.10 15.33
N ALA A 290 -28.23 -0.56 14.28
CA ALA A 290 -29.66 -0.34 14.19
C ALA A 290 -30.39 -1.05 15.33
N MET A 291 -29.97 -2.27 15.64
CA MET A 291 -30.66 -3.08 16.64
C MET A 291 -30.51 -2.51 18.04
N ASN A 292 -29.55 -1.62 18.25
CA ASN A 292 -29.35 -0.98 19.56
C ASN A 292 -29.77 0.48 19.60
N THR A 293 -29.63 1.22 18.49
CA THR A 293 -29.86 2.66 18.49
C THR A 293 -31.31 3.00 18.17
N GLY A 294 -32.24 2.39 18.91
CA GLY A 294 -33.64 2.79 18.87
C GLY A 294 -34.51 2.04 17.89
N HIS A 295 -33.91 1.39 16.88
CA HIS A 295 -34.69 0.68 15.87
C HIS A 295 -34.89 -0.76 16.35
N ASP A 296 -35.76 -0.91 17.34
CA ASP A 296 -36.04 -2.23 17.88
C ASP A 296 -36.73 -3.10 16.84
N GLY A 297 -36.37 -4.38 16.85
CA GLY A 297 -36.99 -5.34 15.95
C GLY A 297 -36.27 -5.51 14.63
N SER A 298 -34.97 -5.79 14.69
CA SER A 298 -34.17 -6.07 13.51
C SER A 298 -33.80 -7.53 13.48
N MET A 299 -33.82 -8.12 12.28
CA MET A 299 -33.63 -9.55 12.11
C MET A 299 -32.56 -9.80 11.04
N GLY A 300 -31.56 -10.61 11.39
CA GLY A 300 -30.50 -10.94 10.48
C GLY A 300 -30.41 -12.44 10.27
N THR A 301 -29.75 -12.82 9.18
CA THR A 301 -29.61 -14.22 8.78
C THR A 301 -28.16 -14.49 8.43
N LEU A 302 -27.54 -15.44 9.14
CA LEU A 302 -26.17 -15.84 8.88
C LEU A 302 -26.12 -17.36 8.75
N HIS A 303 -24.90 -17.89 8.57
CA HIS A 303 -24.67 -19.32 8.39
C HIS A 303 -23.65 -19.78 9.44
N ALA A 304 -24.14 -20.19 10.60
CA ALA A 304 -23.31 -20.76 11.65
C ALA A 304 -24.02 -21.95 12.27
N ASN A 305 -23.24 -22.89 12.80
CA ASN A 305 -23.82 -24.14 13.29
C ASN A 305 -24.42 -23.99 14.68
N SER A 306 -23.60 -23.59 15.65
CA SER A 306 -24.01 -23.49 17.04
C SER A 306 -24.04 -22.04 17.50
N PRO A 307 -24.78 -21.74 18.58
CA PRO A 307 -24.82 -20.34 19.04
C PRO A 307 -23.43 -19.77 19.32
N ARG A 308 -22.55 -20.56 19.93
CA ARG A 308 -21.17 -20.10 20.08
C ARG A 308 -20.55 -19.81 18.72
N GLU A 309 -20.80 -20.68 17.74
CA GLU A 309 -20.28 -20.45 16.40
C GLU A 309 -20.89 -19.20 15.77
N ALA A 310 -22.18 -18.96 15.99
CA ALA A 310 -22.81 -17.76 15.46
C ALA A 310 -22.16 -16.51 16.04
N ILE A 311 -21.94 -16.49 17.35
CA ILE A 311 -21.35 -15.30 17.96
C ILE A 311 -19.90 -15.14 17.52
N SER A 312 -19.17 -16.26 17.36
CA SER A 312 -17.80 -16.17 16.87
C SER A 312 -17.76 -15.60 15.45
N ARG A 313 -18.69 -16.04 14.60
CA ARG A 313 -18.77 -15.50 13.26
C ARG A 313 -19.09 -14.01 13.28
N ILE A 314 -20.00 -13.59 14.16
CA ILE A 314 -20.32 -12.17 14.27
C ILE A 314 -19.08 -11.38 14.69
N GLU A 315 -18.34 -11.90 15.67
CA GLU A 315 -17.11 -11.22 16.11
C GLU A 315 -16.12 -11.10 14.97
N SER A 316 -15.93 -12.18 14.21
CA SER A 316 -15.00 -12.14 13.09
C SER A 316 -15.45 -11.13 12.04
N MET A 317 -16.75 -11.11 11.73
CA MET A 317 -17.26 -10.18 10.74
C MET A 317 -17.06 -8.74 11.20
N ILE A 318 -17.31 -8.46 12.47
CA ILE A 318 -17.12 -7.11 12.99
C ILE A 318 -15.66 -6.70 12.91
N THR A 319 -14.75 -7.61 13.30
CA THR A 319 -13.32 -7.29 13.23
C THR A 319 -12.87 -7.12 11.78
N MET A 320 -13.55 -7.78 10.83
CA MET A 320 -13.16 -7.69 9.43
C MET A 320 -13.28 -6.28 8.87
N GLY A 321 -14.06 -5.41 9.52
CA GLY A 321 -14.28 -4.08 9.00
C GLY A 321 -13.14 -3.11 9.16
N GLY A 322 -12.09 -3.49 9.89
CA GLY A 322 -10.97 -2.60 10.11
C GLY A 322 -11.17 -1.60 11.22
N TYR A 323 -12.32 -1.59 11.88
CA TYR A 323 -12.57 -0.65 12.96
C TYR A 323 -11.64 -0.90 14.14
N GLY A 324 -11.12 -2.11 14.28
CA GLY A 324 -10.15 -2.40 15.32
C GLY A 324 -10.71 -2.44 16.72
N LEU A 325 -12.01 -2.61 16.88
CA LEU A 325 -12.59 -2.67 18.21
C LEU A 325 -12.06 -3.89 18.94
N PRO A 326 -11.64 -3.76 20.19
CA PRO A 326 -11.19 -4.95 20.94
C PRO A 326 -12.32 -5.96 21.07
N SER A 327 -11.95 -7.25 21.04
CA SER A 327 -12.96 -8.30 21.00
C SER A 327 -13.93 -8.22 22.17
N LYS A 328 -13.48 -7.73 23.33
CA LYS A 328 -14.36 -7.61 24.48
C LYS A 328 -15.53 -6.67 24.17
N THR A 329 -15.23 -5.49 23.62
CA THR A 329 -16.29 -4.55 23.29
C THR A 329 -17.17 -5.06 22.16
N ILE A 330 -16.60 -5.81 21.22
CA ILE A 330 -17.41 -6.40 20.16
C ILE A 330 -18.40 -7.39 20.75
N LYS A 331 -17.95 -8.20 21.72
CA LYS A 331 -18.85 -9.14 22.37
C LYS A 331 -19.93 -8.40 23.16
N GLU A 332 -19.56 -7.30 23.82
CA GLU A 332 -20.57 -6.51 24.52
C GLU A 332 -21.63 -5.99 23.54
N MET A 333 -21.19 -5.50 22.38
CA MET A 333 -22.14 -5.03 21.37
C MET A 333 -23.02 -6.17 20.89
N ILE A 334 -22.44 -7.36 20.71
CA ILE A 334 -23.21 -8.51 20.25
C ILE A 334 -24.28 -8.86 21.28
N VAL A 335 -23.92 -8.84 22.56
CA VAL A 335 -24.91 -9.10 23.61
C VAL A 335 -26.00 -8.05 23.56
N GLY A 336 -25.63 -6.78 23.39
CA GLY A 336 -26.62 -5.73 23.33
C GLY A 336 -27.59 -5.88 22.18
N SER A 337 -27.08 -6.31 21.02
CA SER A 337 -27.87 -6.35 19.80
C SER A 337 -28.59 -7.66 19.57
N VAL A 338 -28.22 -8.72 20.27
CA VAL A 338 -28.78 -10.05 20.05
C VAL A 338 -29.55 -10.45 21.29
N ASP A 339 -30.82 -10.84 21.10
CA ASP A 339 -31.66 -11.34 22.17
C ASP A 339 -32.20 -12.74 21.91
N VAL A 340 -32.60 -13.02 20.67
CA VAL A 340 -33.18 -14.31 20.31
C VAL A 340 -32.35 -14.91 19.18
N ILE A 341 -32.05 -16.20 19.30
CA ILE A 341 -31.35 -16.96 18.29
C ILE A 341 -32.25 -18.12 17.92
N ILE A 342 -32.81 -18.08 16.72
CA ILE A 342 -33.54 -19.20 16.12
C ILE A 342 -32.51 -20.00 15.33
N GLN A 343 -31.87 -20.96 16.00
CA GLN A 343 -30.81 -21.76 15.39
C GLN A 343 -31.46 -22.98 14.75
N ALA A 344 -31.62 -22.91 13.42
CA ALA A 344 -32.28 -23.99 12.68
C ALA A 344 -31.40 -25.24 12.63
N ALA A 345 -30.14 -25.07 12.29
CA ALA A 345 -29.22 -26.21 12.17
C ALA A 345 -29.78 -27.25 11.20
N ARG A 353 -35.51 -28.43 10.53
CA ARG A 353 -35.54 -28.42 11.99
C ARG A 353 -35.23 -27.02 12.53
N ILE A 354 -35.76 -26.75 13.74
CA ILE A 354 -35.56 -25.48 14.42
C ILE A 354 -34.80 -25.78 15.70
N THR A 355 -33.82 -26.69 15.60
CA THR A 355 -33.24 -27.39 16.74
C THR A 355 -33.15 -26.56 18.00
N HIS A 356 -32.68 -25.32 17.89
CA HIS A 356 -32.45 -24.49 19.08
C HIS A 356 -33.23 -23.18 18.99
N ILE A 357 -33.81 -22.78 20.11
CA ILE A 357 -34.23 -21.39 20.34
C ILE A 357 -33.58 -20.97 21.65
N THR A 358 -32.70 -19.97 21.56
CA THR A 358 -31.79 -19.62 22.65
C THR A 358 -31.75 -18.11 22.80
N GLU A 359 -31.30 -17.65 23.98
CA GLU A 359 -31.17 -16.23 24.24
C GLU A 359 -29.92 -15.96 25.06
N VAL A 360 -29.39 -14.74 24.93
CA VAL A 360 -28.22 -14.35 25.70
C VAL A 360 -28.63 -13.98 27.13
N VAL A 361 -27.68 -14.05 28.05
CA VAL A 361 -27.93 -13.75 29.46
C VAL A 361 -26.98 -12.65 29.94
N GLY A 362 -25.83 -12.53 29.31
CA GLY A 362 -24.86 -11.53 29.69
C GLY A 362 -23.45 -12.00 29.39
N LEU A 363 -22.49 -11.24 29.91
CA LEU A 363 -21.07 -11.52 29.71
C LEU A 363 -20.34 -11.54 31.05
N GLU A 364 -19.29 -12.38 31.11
CA GLU A 364 -18.39 -12.42 32.25
C GLU A 364 -16.95 -12.55 31.80
N GLY A 365 -16.63 -12.01 30.62
CA GLY A 365 -15.33 -12.19 30.01
C GLY A 365 -15.47 -12.74 28.61
N ASP A 366 -14.53 -13.58 28.18
CA ASP A 366 -14.70 -14.27 26.91
C ASP A 366 -15.95 -15.12 26.90
N VAL A 367 -16.36 -15.60 28.07
CA VAL A 367 -17.57 -16.41 28.18
C VAL A 367 -18.79 -15.56 27.89
N ILE A 368 -19.67 -16.05 27.02
CA ILE A 368 -20.92 -15.37 26.71
C ILE A 368 -22.07 -16.18 27.30
N VAL A 369 -22.51 -15.80 28.49
CA VAL A 369 -23.55 -16.54 29.20
C VAL A 369 -24.78 -16.61 28.30
N THR A 370 -25.13 -17.82 27.87
CA THR A 370 -26.24 -18.03 26.94
C THR A 370 -27.04 -19.22 27.42
N GLN A 371 -28.33 -18.99 27.69
CA GLN A 371 -29.25 -20.04 28.12
C GLN A 371 -30.12 -20.46 26.94
N ASP A 372 -31.05 -21.37 27.19
CA ASP A 372 -31.87 -21.96 26.15
C ASP A 372 -33.35 -21.86 26.52
N LEU A 373 -34.19 -21.94 25.50
CA LEU A 373 -35.63 -21.93 25.67
C LEU A 373 -36.27 -23.14 25.02
N PHE A 374 -35.72 -23.56 23.87
CA PHE A 374 -36.19 -24.79 23.23
C PHE A 374 -35.01 -25.57 22.69
N VAL A 375 -34.96 -26.86 23.00
CA VAL A 375 -33.86 -27.74 22.62
C VAL A 375 -34.44 -28.97 21.94
N TYR A 376 -33.86 -29.36 20.80
CA TYR A 376 -34.26 -30.57 20.09
C TYR A 376 -33.22 -31.66 20.35
N GLU A 377 -33.69 -32.82 20.80
CA GLU A 377 -32.84 -33.93 21.17
C GLU A 377 -33.20 -35.16 20.37
N ILE A 378 -32.22 -36.05 20.20
CA ILE A 378 -32.36 -37.27 19.41
C ILE A 378 -32.43 -38.46 20.37
N THR A 379 -33.35 -39.39 20.08
CA THR A 379 -33.52 -40.59 20.90
C THR A 379 -33.09 -41.87 20.19
N GLY A 380 -33.10 -41.89 18.87
CA GLY A 380 -32.73 -43.09 18.12
C GLY A 380 -33.02 -42.97 16.64
N GLU A 381 -33.47 -44.07 16.04
CA GLU A 381 -33.81 -44.08 14.63
C GLU A 381 -35.00 -44.99 14.40
N ASP A 382 -35.73 -44.71 13.31
CA ASP A 382 -36.89 -45.49 12.92
C ASP A 382 -36.49 -46.56 11.91
N GLU A 383 -37.37 -47.55 11.72
CA GLU A 383 -37.08 -48.62 10.77
C GLU A 383 -36.87 -48.07 9.36
N HIS A 384 -37.64 -47.04 8.99
CA HIS A 384 -37.47 -46.42 7.69
C HIS A 384 -36.19 -45.59 7.59
N GLY A 385 -35.53 -45.33 8.71
CA GLY A 385 -34.30 -44.55 8.73
C GLY A 385 -34.46 -43.15 9.28
N LYS A 386 -35.68 -42.70 9.54
CA LYS A 386 -35.88 -41.36 10.06
C LYS A 386 -35.22 -41.20 11.42
N VAL A 387 -34.70 -40.01 11.67
CA VAL A 387 -34.11 -39.67 12.96
C VAL A 387 -35.24 -39.36 13.93
N VAL A 388 -35.42 -40.21 14.94
CA VAL A 388 -36.48 -40.05 15.92
C VAL A 388 -35.96 -39.19 17.05
N GLY A 389 -36.73 -38.17 17.42
CA GLY A 389 -36.34 -37.29 18.50
C GLY A 389 -37.51 -36.58 19.14
N LYS A 390 -37.22 -35.53 19.89
CA LYS A 390 -38.24 -34.73 20.55
C LYS A 390 -37.76 -33.29 20.64
N HIS A 391 -38.71 -32.39 20.87
CA HIS A 391 -38.43 -30.96 21.00
C HIS A 391 -38.97 -30.49 22.34
N ARG A 392 -38.08 -30.14 23.25
CA ARG A 392 -38.43 -29.84 24.63
C ARG A 392 -38.38 -28.33 24.84
N SER A 393 -39.45 -27.78 25.42
CA SER A 393 -39.40 -26.46 26.04
C SER A 393 -38.55 -26.58 27.29
N THR A 394 -37.34 -26.01 27.23
CA THR A 394 -36.34 -26.24 28.26
C THR A 394 -36.93 -26.22 29.66
N GLY A 395 -37.78 -25.24 29.96
CA GLY A 395 -38.44 -25.21 31.24
C GLY A 395 -38.50 -23.85 31.90
N ILE A 396 -37.50 -23.00 31.63
CA ILE A 396 -37.47 -21.68 32.25
C ILE A 396 -38.66 -20.87 31.76
N ALA A 397 -39.33 -20.21 32.69
CA ALA A 397 -40.56 -19.48 32.42
C ALA A 397 -40.34 -18.03 32.01
N ARG A 398 -39.35 -17.36 32.61
CA ARG A 398 -39.09 -15.96 32.31
C ARG A 398 -37.86 -15.82 31.42
N PRO A 399 -38.03 -15.85 30.10
CA PRO A 399 -36.89 -15.58 29.21
C PRO A 399 -36.41 -14.13 29.34
N ARG A 400 -35.38 -13.77 28.59
CA ARG A 400 -34.82 -12.42 28.69
C ARG A 400 -35.82 -11.36 28.23
N PHE A 401 -36.81 -11.71 27.42
CA PHE A 401 -37.73 -10.74 26.83
C PHE A 401 -39.06 -10.68 27.59
N TRP A 402 -39.05 -10.92 28.89
CA TRP A 402 -40.28 -10.82 29.67
C TRP A 402 -40.80 -9.39 29.70
N ASP A 403 -39.91 -8.42 29.88
CA ASP A 403 -40.33 -7.03 30.03
C ASP A 403 -41.03 -6.52 28.77
N ARG A 404 -40.47 -6.81 27.60
CA ARG A 404 -41.12 -6.40 26.36
C ARG A 404 -42.50 -7.01 26.25
N ALA A 405 -42.61 -8.31 26.53
CA ALA A 405 -43.90 -8.98 26.42
C ALA A 405 -44.93 -8.36 27.36
N ARG A 406 -44.52 -8.04 28.59
CA ARG A 406 -45.44 -7.41 29.52
C ARG A 406 -45.83 -6.02 29.04
N TYR A 407 -44.88 -5.27 28.48
CA TYR A 407 -45.18 -3.93 27.99
C TYR A 407 -46.23 -3.99 26.88
N TYR A 408 -46.09 -4.93 25.94
CA TYR A 408 -47.02 -5.02 24.83
C TYR A 408 -48.28 -5.80 25.17
N GLY A 409 -48.38 -6.33 26.39
CA GLY A 409 -49.59 -7.01 26.82
C GLY A 409 -49.72 -8.41 26.27
N LEU A 410 -48.68 -9.23 26.47
CA LEU A 410 -48.69 -10.60 25.96
C LEU A 410 -48.15 -11.61 26.97
N GLU A 411 -47.86 -11.22 28.21
CA GLU A 411 -47.35 -12.18 29.18
C GLU A 411 -48.34 -13.32 29.41
N ARG A 412 -49.64 -13.05 29.28
CA ARG A 412 -50.62 -14.12 29.43
C ARG A 412 -50.46 -15.16 28.32
N GLU A 413 -50.16 -14.74 27.10
CA GLU A 413 -49.88 -15.70 26.03
C GLU A 413 -48.66 -16.54 26.37
N LEU A 414 -47.62 -15.90 26.91
CA LEU A 414 -46.43 -16.65 27.31
C LEU A 414 -46.76 -17.70 28.36
N ALA A 415 -47.59 -17.34 29.34
CA ALA A 415 -48.01 -18.31 30.34
C ALA A 415 -48.83 -19.43 29.70
N GLU A 416 -49.73 -19.08 28.78
CA GLU A 416 -50.58 -20.08 28.16
C GLU A 416 -49.80 -21.04 27.27
N ALA A 417 -48.63 -20.61 26.78
CA ALA A 417 -47.87 -21.41 25.82
C ALA A 417 -46.61 -21.99 26.43
N LEU A 418 -45.73 -21.16 26.99
CA LEU A 418 -44.44 -21.67 27.46
C LEU A 418 -44.56 -22.40 28.78
N ASP A 419 -45.41 -21.92 29.69
CA ASP A 419 -45.60 -22.61 30.96
C ASP A 419 -46.39 -23.89 30.77
N ALA A 420 -47.43 -23.86 29.94
CA ALA A 420 -48.19 -25.05 29.64
C ALA A 420 -47.39 -26.07 28.84
N ALA A 421 -46.35 -25.62 28.12
CA ALA A 421 -45.53 -26.54 27.35
C ALA A 421 -44.74 -27.48 28.26
N GLU A 422 -44.30 -26.99 29.42
CA GLU A 422 -43.57 -27.85 30.35
C GLU A 422 -44.43 -29.00 30.84
N ALA A 423 -45.66 -28.70 31.27
CA ALA A 423 -46.56 -29.73 31.78
C ALA A 423 -47.06 -30.63 30.66
N ASP B 1 20.07 -31.10 -51.87
CA ASP B 1 21.31 -30.77 -52.55
C ASP B 1 21.24 -29.34 -53.12
N TYR B 2 21.23 -29.23 -54.44
CA TYR B 2 21.10 -27.92 -55.08
C TYR B 2 19.72 -27.29 -54.84
N TYR B 3 18.76 -28.06 -54.32
CA TYR B 3 17.43 -27.53 -54.08
C TYR B 3 17.44 -26.35 -53.12
N HIS B 4 18.49 -26.20 -52.30
CA HIS B 4 18.52 -25.09 -51.35
C HIS B 4 18.64 -23.75 -52.08
N ALA B 5 19.59 -23.64 -53.00
CA ALA B 5 19.79 -22.38 -53.73
C ALA B 5 18.58 -22.07 -54.60
N THR B 6 18.07 -23.08 -55.32
CA THR B 6 16.92 -22.87 -56.18
C THR B 6 15.70 -22.47 -55.34
N LYS B 7 15.51 -23.10 -54.18
CA LYS B 7 14.39 -22.76 -53.32
C LYS B 7 14.53 -21.34 -52.80
N THR B 8 15.75 -20.94 -52.43
CA THR B 8 15.95 -19.56 -51.98
C THR B 8 15.63 -18.57 -53.09
N THR B 9 16.07 -18.86 -54.31
CA THR B 9 15.77 -17.97 -55.44
C THR B 9 14.27 -17.90 -55.69
N ILE B 10 13.59 -19.04 -55.63
CA ILE B 10 12.15 -19.07 -55.86
C ILE B 10 11.42 -18.29 -54.78
N PHE B 11 11.85 -18.46 -53.52
CA PHE B 11 11.23 -17.71 -52.43
C PHE B 11 11.45 -16.21 -52.60
N ASN B 12 12.66 -15.82 -53.00
CA ASN B 12 12.92 -14.41 -53.24
C ASN B 12 12.03 -13.86 -54.35
N ALA B 13 11.89 -14.61 -55.45
CA ALA B 13 11.05 -14.16 -56.54
C ALA B 13 9.59 -14.04 -56.11
N LEU B 14 9.10 -15.04 -55.37
CA LEU B 14 7.72 -14.99 -54.89
C LEU B 14 7.50 -13.80 -53.96
N LEU B 15 8.42 -13.58 -53.03
CA LEU B 15 8.29 -12.46 -52.11
C LEU B 15 8.30 -11.12 -52.85
N ASN B 16 9.18 -10.99 -53.84
CA ASN B 16 9.20 -9.78 -54.64
C ASN B 16 7.87 -9.58 -55.37
N THR B 17 7.33 -10.67 -55.92
CA THR B 17 6.03 -10.59 -56.59
C THR B 17 4.89 -10.66 -55.57
N ILE B 18 4.73 -11.81 -54.92
CA ILE B 18 3.73 -12.00 -53.89
C ILE B 18 4.44 -11.82 -52.56
N ASP B 19 4.45 -10.59 -52.06
CA ASP B 19 5.14 -10.26 -50.82
C ASP B 19 4.27 -10.57 -49.61
N LEU B 20 4.93 -10.99 -48.53
CA LEU B 20 4.24 -11.20 -47.27
C LEU B 20 3.67 -9.91 -46.69
N SER B 21 4.14 -8.76 -47.16
CA SER B 21 3.63 -7.47 -46.69
C SER B 21 2.16 -7.25 -47.07
N GLN B 22 1.63 -8.05 -47.99
CA GLN B 22 0.23 -7.95 -48.40
C GLN B 22 -0.69 -8.78 -47.51
N LEU B 23 -0.32 -9.01 -46.25
CA LEU B 23 -1.17 -9.74 -45.33
C LEU B 23 -2.58 -9.15 -45.32
N ALA B 24 -3.56 -10.00 -44.99
CA ALA B 24 -4.99 -9.71 -45.04
C ALA B 24 -5.52 -9.82 -46.46
N GLN B 25 -4.67 -10.13 -47.44
CA GLN B 25 -5.10 -10.39 -48.81
C GLN B 25 -4.49 -11.71 -49.26
N LEU B 26 -5.13 -12.34 -50.24
CA LEU B 26 -4.72 -13.67 -50.69
C LEU B 26 -4.77 -14.66 -49.53
N ASP B 27 -5.98 -14.89 -49.04
CA ASP B 27 -6.20 -15.70 -47.85
C ASP B 27 -5.73 -17.13 -48.12
N LEU B 28 -5.93 -18.00 -47.13
CA LEU B 28 -5.36 -19.35 -47.14
C LEU B 28 -5.46 -20.02 -48.52
N LYS B 29 -6.69 -20.23 -49.00
CA LYS B 29 -6.86 -20.85 -50.32
C LYS B 29 -6.25 -19.98 -51.41
N GLN B 30 -6.49 -18.67 -51.35
CA GLN B 30 -5.91 -17.77 -52.33
C GLN B 30 -4.38 -17.78 -52.25
N ALA B 31 -3.83 -17.80 -51.03
CA ALA B 31 -2.38 -17.86 -50.88
C ALA B 31 -1.83 -19.13 -51.49
N GLY B 32 -2.49 -20.27 -51.25
CA GLY B 32 -2.02 -21.52 -51.82
C GLY B 32 -2.05 -21.51 -53.33
N GLU B 33 -3.16 -21.04 -53.91
CA GLU B 33 -3.27 -21.00 -55.37
C GLU B 33 -2.22 -20.07 -55.96
N GLU B 34 -2.06 -18.88 -55.38
CA GLU B 34 -1.09 -17.92 -55.89
C GLU B 34 0.33 -18.44 -55.76
N ILE B 35 0.64 -19.09 -54.64
CA ILE B 35 1.98 -19.64 -54.44
C ILE B 35 2.25 -20.74 -55.45
N ARG B 36 1.27 -21.62 -55.69
CA ARG B 36 1.45 -22.68 -56.66
C ARG B 36 1.70 -22.10 -58.05
N ASP B 37 0.88 -21.13 -58.45
CA ASP B 37 1.04 -20.53 -59.78
C ASP B 37 2.40 -19.84 -59.91
N ILE B 38 2.80 -19.09 -58.87
CA ILE B 38 4.06 -18.36 -58.93
C ILE B 38 5.23 -19.33 -58.97
N VAL B 39 5.17 -20.41 -58.19
CA VAL B 39 6.25 -21.38 -58.18
C VAL B 39 6.35 -22.08 -59.53
N ALA B 40 5.20 -22.42 -60.14
CA ALA B 40 5.24 -23.01 -61.46
C ALA B 40 5.84 -22.05 -62.48
N GLU B 41 5.44 -20.79 -62.43
CA GLU B 41 6.00 -19.80 -63.36
C GLU B 41 7.50 -19.65 -63.17
N LEU B 42 7.95 -19.62 -61.91
CA LEU B 42 9.39 -19.49 -61.64
C LEU B 42 10.14 -20.71 -62.14
N VAL B 43 9.60 -21.91 -61.89
CA VAL B 43 10.25 -23.12 -62.38
C VAL B 43 10.34 -23.10 -63.90
N ALA B 44 9.32 -22.57 -64.56
CA ALA B 44 9.39 -22.39 -66.00
C ALA B 44 10.46 -21.37 -66.39
N ILE B 45 10.63 -20.32 -65.58
CA ILE B 45 11.57 -19.25 -65.89
C ILE B 45 12.87 -19.49 -65.14
N LYS B 46 12.80 -19.53 -63.81
CA LYS B 46 13.99 -19.79 -63.00
C LYS B 46 14.58 -21.16 -63.36
N ASN B 47 15.88 -21.18 -63.58
CA ASN B 47 16.57 -22.41 -63.99
C ASN B 47 16.62 -23.37 -62.80
N VAL B 48 15.75 -24.38 -62.81
CA VAL B 48 15.69 -25.38 -61.75
C VAL B 48 15.76 -26.76 -62.41
N SER B 49 16.67 -27.60 -61.93
CA SER B 49 16.80 -28.96 -62.41
C SER B 49 15.87 -29.94 -61.69
N MET B 50 15.11 -29.47 -60.71
CA MET B 50 14.20 -30.34 -59.98
C MET B 50 13.10 -30.85 -60.90
N SER B 51 12.66 -32.08 -60.63
CA SER B 51 11.63 -32.71 -61.43
C SER B 51 10.25 -32.19 -61.02
N VAL B 52 9.20 -32.76 -61.62
CA VAL B 52 7.85 -32.32 -61.33
C VAL B 52 7.52 -32.55 -59.86
N ALA B 53 7.86 -33.73 -59.34
CA ALA B 53 7.66 -33.99 -57.92
C ALA B 53 8.51 -33.05 -57.08
N GLU B 54 9.74 -32.80 -57.51
CA GLU B 54 10.59 -31.85 -56.80
C GLU B 54 10.00 -30.45 -56.84
N GLN B 55 9.41 -30.06 -57.98
CA GLN B 55 8.76 -28.76 -58.06
C GLN B 55 7.57 -28.68 -57.11
N GLU B 56 6.79 -29.75 -57.02
CA GLU B 56 5.66 -29.77 -56.09
C GLU B 56 6.15 -29.67 -54.64
N HIS B 57 7.23 -30.36 -54.31
CA HIS B 57 7.77 -30.29 -52.95
C HIS B 57 8.31 -28.90 -52.66
N LEU B 58 8.92 -28.25 -53.65
CA LEU B 58 9.35 -26.86 -53.48
C LEU B 58 8.15 -25.95 -53.25
N VAL B 59 7.05 -26.21 -53.97
CA VAL B 59 5.83 -25.46 -53.74
C VAL B 59 5.34 -25.65 -52.31
N GLN B 60 5.41 -26.89 -51.81
CA GLN B 60 5.01 -27.15 -50.43
C GLN B 60 5.90 -26.40 -49.45
N ASP B 61 7.21 -26.36 -49.71
CA ASP B 61 8.11 -25.61 -48.85
C ASP B 61 7.78 -24.12 -48.87
N ILE B 62 7.46 -23.59 -50.05
CA ILE B 62 7.05 -22.18 -50.15
C ILE B 62 5.79 -21.95 -49.32
N ILE B 63 4.84 -22.87 -49.40
CA ILE B 63 3.59 -22.75 -48.63
C ILE B 63 3.91 -22.73 -47.14
N ASN B 64 4.78 -23.64 -46.69
CA ASN B 64 5.16 -23.67 -45.28
C ASN B 64 5.82 -22.37 -44.85
N ASP B 65 6.71 -21.84 -45.69
CA ASP B 65 7.38 -20.59 -45.36
C ASP B 65 6.37 -19.45 -45.24
N VAL B 66 5.43 -19.38 -46.19
CA VAL B 66 4.51 -18.25 -46.22
C VAL B 66 3.51 -18.33 -45.07
N LEU B 67 2.94 -19.50 -44.82
CA LEU B 67 1.87 -19.64 -43.84
C LEU B 67 2.02 -20.89 -42.95
N GLY B 68 3.23 -21.40 -42.77
CA GLY B 68 3.47 -22.59 -41.97
C GLY B 68 4.22 -22.29 -40.69
N TYR B 69 4.45 -23.35 -39.93
CA TYR B 69 5.25 -23.31 -38.71
C TYR B 69 6.75 -23.40 -38.98
N GLY B 70 7.15 -23.33 -40.25
CA GLY B 70 8.54 -23.49 -40.60
C GLY B 70 8.94 -24.95 -40.70
N PRO B 71 10.25 -25.23 -40.67
CA PRO B 71 10.72 -26.61 -40.84
C PRO B 71 10.15 -27.59 -39.83
N LEU B 72 9.48 -27.09 -38.79
CA LEU B 72 8.83 -27.97 -37.82
C LEU B 72 7.56 -28.60 -38.38
N GLU B 73 7.08 -28.16 -39.54
CA GLU B 73 5.78 -28.62 -40.05
C GLU B 73 5.67 -30.15 -40.12
N PRO B 74 6.64 -30.88 -40.68
CA PRO B 74 6.54 -32.34 -40.66
C PRO B 74 6.88 -32.97 -39.31
N LEU B 75 7.61 -32.24 -38.44
CA LEU B 75 8.03 -32.81 -37.18
C LEU B 75 6.83 -33.12 -36.28
N LEU B 76 5.85 -32.21 -36.23
CA LEU B 76 4.74 -32.36 -35.31
C LEU B 76 3.72 -33.41 -35.75
N ALA B 77 3.68 -33.73 -37.04
CA ALA B 77 2.63 -34.58 -37.61
C ALA B 77 3.11 -36.00 -37.89
N ARG B 78 3.94 -36.57 -37.03
CA ARG B 78 4.41 -37.94 -37.19
C ARG B 78 3.68 -38.86 -36.21
N ASP B 79 4.03 -40.14 -36.25
CA ASP B 79 3.19 -41.16 -35.64
C ASP B 79 3.39 -41.26 -34.14
N ASP B 80 4.59 -41.64 -33.70
CA ASP B 80 4.84 -41.98 -32.30
C ASP B 80 6.05 -41.22 -31.77
N ILE B 81 6.08 -39.92 -32.01
CA ILE B 81 7.11 -39.03 -31.48
C ILE B 81 6.56 -38.40 -30.21
N ALA B 82 7.02 -38.87 -29.05
CA ALA B 82 6.48 -38.40 -27.78
C ALA B 82 6.88 -36.95 -27.49
N ASP B 83 8.17 -36.64 -27.63
CA ASP B 83 8.70 -35.33 -27.26
C ASP B 83 9.55 -34.79 -28.40
N ILE B 84 9.46 -33.48 -28.64
CA ILE B 84 10.25 -32.78 -29.64
C ILE B 84 10.96 -31.63 -28.95
N MET B 85 12.29 -31.67 -28.91
CA MET B 85 13.09 -30.69 -28.21
C MET B 85 13.93 -29.90 -29.20
N VAL B 86 14.06 -28.61 -28.98
CA VAL B 86 14.88 -27.74 -29.81
C VAL B 86 15.80 -26.97 -28.87
N ASN B 87 17.06 -27.40 -28.80
CA ASN B 87 18.07 -26.75 -27.98
C ASN B 87 18.91 -25.87 -28.91
N GLY B 88 18.51 -24.62 -29.04
CA GLY B 88 19.14 -23.74 -30.00
C GLY B 88 18.46 -23.82 -31.35
N ALA B 89 19.24 -23.73 -32.42
CA ALA B 89 18.69 -23.73 -33.78
C ALA B 89 19.36 -24.76 -34.68
N HIS B 90 20.11 -25.71 -34.13
CA HIS B 90 20.81 -26.68 -34.96
C HIS B 90 20.83 -28.10 -34.38
N ARG B 91 20.19 -28.33 -33.24
CA ARG B 91 20.34 -29.60 -32.52
C ARG B 91 18.97 -30.11 -32.06
N VAL B 92 17.99 -30.14 -32.97
CA VAL B 92 16.66 -30.63 -32.63
C VAL B 92 16.73 -32.12 -32.33
N PHE B 93 16.22 -32.51 -31.16
CA PHE B 93 16.11 -33.89 -30.73
C PHE B 93 14.66 -34.34 -30.74
N ILE B 94 14.46 -35.67 -30.78
CA ILE B 94 13.13 -36.24 -30.63
C ILE B 94 13.23 -37.51 -29.78
N GLU B 95 12.16 -37.78 -29.04
CA GLU B 95 12.10 -38.96 -28.18
C GLU B 95 11.23 -40.03 -28.82
N VAL B 96 11.76 -41.25 -28.92
CA VAL B 96 11.05 -42.39 -29.47
C VAL B 96 11.33 -43.60 -28.57
N GLY B 97 10.31 -44.41 -28.35
CA GLY B 97 10.49 -45.63 -27.58
C GLY B 97 11.02 -45.38 -26.18
N GLY B 98 10.67 -44.25 -25.58
CA GLY B 98 11.16 -43.93 -24.25
C GLY B 98 12.63 -43.56 -24.19
N LYS B 99 13.24 -43.23 -25.32
CA LYS B 99 14.64 -42.83 -25.34
C LYS B 99 14.83 -41.72 -26.36
N VAL B 100 15.74 -40.80 -26.05
CA VAL B 100 15.98 -39.63 -26.89
C VAL B 100 16.85 -40.03 -28.07
N GLN B 101 16.88 -39.19 -29.10
CA GLN B 101 17.79 -39.39 -30.21
C GLN B 101 17.81 -38.14 -31.08
N LEU B 102 18.96 -37.92 -31.72
CA LEU B 102 19.17 -36.73 -32.53
C LEU B 102 18.40 -36.82 -33.84
N THR B 103 18.21 -35.67 -34.48
CA THR B 103 17.54 -35.58 -35.76
C THR B 103 18.32 -34.68 -36.69
N ASN B 104 18.43 -35.11 -37.95
CA ASN B 104 19.14 -34.33 -38.96
C ASN B 104 18.41 -33.05 -39.35
N VAL B 105 17.15 -32.88 -38.93
CA VAL B 105 16.44 -31.65 -39.26
C VAL B 105 17.14 -30.46 -38.61
N ARG B 106 17.20 -29.35 -39.34
CA ARG B 106 17.84 -28.15 -38.83
C ARG B 106 17.17 -26.93 -39.43
N PHE B 107 17.27 -25.81 -38.72
CA PHE B 107 16.62 -24.57 -39.09
C PHE B 107 17.50 -23.76 -40.05
N ARG B 108 17.10 -22.53 -40.33
CA ARG B 108 17.82 -21.63 -41.21
C ARG B 108 18.57 -20.54 -40.44
N ASP B 109 18.03 -20.09 -39.32
CA ASP B 109 18.66 -19.05 -38.51
C ASP B 109 17.87 -18.88 -37.22
N ASN B 110 18.53 -18.32 -36.21
CA ASN B 110 17.88 -18.14 -34.91
C ASN B 110 16.64 -17.27 -35.01
N LEU B 111 16.67 -16.26 -35.89
CA LEU B 111 15.52 -15.37 -36.00
C LEU B 111 14.27 -16.11 -36.46
N GLN B 112 14.43 -17.03 -37.42
CA GLN B 112 13.28 -17.81 -37.88
C GLN B 112 12.72 -18.67 -36.76
N LEU B 113 13.59 -19.30 -35.96
CA LEU B 113 13.10 -20.10 -34.84
C LEU B 113 12.38 -19.23 -33.81
N MET B 114 12.91 -18.03 -33.55
CA MET B 114 12.24 -17.12 -32.63
C MET B 114 10.85 -16.76 -33.14
N ASN B 115 10.75 -16.45 -34.43
CA ASN B 115 9.45 -16.14 -35.01
C ASN B 115 8.50 -17.33 -34.93
N ILE B 116 9.01 -18.53 -35.21
CA ILE B 116 8.17 -19.72 -35.18
C ILE B 116 7.65 -19.97 -33.77
N CYS B 117 8.50 -19.79 -32.76
CA CYS B 117 8.05 -19.96 -31.38
C CYS B 117 7.02 -18.91 -31.01
N GLN B 118 7.27 -17.65 -31.38
CA GLN B 118 6.33 -16.58 -31.07
C GLN B 118 5.01 -16.76 -31.79
N ARG B 119 5.00 -17.49 -32.90
CA ARG B 119 3.76 -17.81 -33.61
C ARG B 119 3.06 -19.03 -33.03
N ILE B 120 3.81 -20.05 -32.63
CA ILE B 120 3.20 -21.22 -32.02
C ILE B 120 2.52 -20.82 -30.71
N VAL B 121 3.15 -19.94 -29.92
CA VAL B 121 2.52 -19.47 -28.70
C VAL B 121 1.42 -18.45 -28.97
N SER B 122 1.14 -18.14 -30.24
CA SER B 122 0.06 -17.22 -30.55
C SER B 122 -1.30 -17.91 -30.57
N GLN B 123 -1.32 -19.23 -30.79
CA GLN B 123 -2.59 -19.95 -30.82
C GLN B 123 -3.36 -19.82 -29.52
N VAL B 124 -2.68 -19.55 -28.41
CA VAL B 124 -3.32 -19.43 -27.10
C VAL B 124 -3.33 -17.97 -26.63
N GLY B 125 -3.13 -17.02 -27.55
CA GLY B 125 -3.16 -15.62 -27.20
C GLY B 125 -2.13 -15.24 -26.15
N ARG B 126 -0.89 -15.70 -26.33
CA ARG B 126 0.17 -15.41 -25.39
C ARG B 126 1.41 -14.97 -26.16
N ARG B 127 2.24 -14.17 -25.51
CA ARG B 127 3.36 -13.50 -26.18
C ARG B 127 4.66 -13.78 -25.44
N VAL B 128 5.72 -14.03 -26.20
CA VAL B 128 7.07 -14.17 -25.67
C VAL B 128 7.96 -13.16 -26.39
N ASP B 129 8.76 -12.42 -25.64
CA ASP B 129 9.57 -11.35 -26.20
C ASP B 129 10.76 -11.12 -25.28
N GLU B 130 11.48 -10.02 -25.52
CA GLU B 130 12.64 -9.68 -24.71
C GLU B 130 12.25 -9.13 -23.34
N SER B 131 11.01 -8.63 -23.19
CA SER B 131 10.53 -8.15 -21.91
C SER B 131 9.82 -9.24 -21.10
N SER B 132 9.62 -10.42 -21.67
CA SER B 132 9.06 -11.56 -20.97
C SER B 132 9.52 -12.83 -21.67
N PRO B 133 10.66 -13.40 -21.28
CA PRO B 133 11.29 -14.45 -22.09
C PRO B 133 10.82 -15.87 -21.83
N ILE B 134 10.00 -16.11 -20.81
CA ILE B 134 9.56 -17.45 -20.43
C ILE B 134 8.09 -17.58 -20.80
N CYS B 135 7.76 -18.63 -21.54
CA CYS B 135 6.37 -18.90 -21.92
C CYS B 135 6.08 -20.38 -21.72
N ASP B 136 4.97 -20.68 -21.04
CA ASP B 136 4.49 -22.04 -20.86
C ASP B 136 3.02 -22.08 -21.23
N ALA B 137 2.66 -22.95 -22.17
CA ALA B 137 1.31 -22.94 -22.72
C ALA B 137 0.82 -24.35 -22.96
N ARG B 138 -0.51 -24.47 -22.94
CA ARG B 138 -1.22 -25.70 -23.31
C ARG B 138 -1.92 -25.44 -24.64
N LEU B 139 -1.42 -26.07 -25.70
CA LEU B 139 -2.03 -25.87 -27.01
C LEU B 139 -3.44 -26.43 -27.02
N PRO B 140 -4.35 -25.81 -27.79
CA PRO B 140 -5.72 -26.35 -27.84
C PRO B 140 -5.78 -27.80 -28.26
N ASP B 141 -4.90 -28.24 -29.17
CA ASP B 141 -4.92 -29.62 -29.62
C ASP B 141 -4.51 -30.59 -28.51
N GLY B 142 -3.93 -30.10 -27.43
CA GLY B 142 -3.65 -30.90 -26.25
C GLY B 142 -2.18 -30.99 -25.87
N SER B 143 -1.27 -30.62 -26.75
CA SER B 143 0.16 -30.74 -26.47
C SER B 143 0.56 -29.69 -25.42
N ARG B 144 1.80 -29.83 -24.93
CA ARG B 144 2.37 -28.90 -23.96
C ARG B 144 3.57 -28.22 -24.62
N VAL B 145 3.67 -26.90 -24.45
CA VAL B 145 4.72 -26.11 -25.10
C VAL B 145 5.43 -25.26 -24.06
N ASN B 146 6.76 -25.24 -24.13
CA ASN B 146 7.57 -24.37 -23.29
C ASN B 146 8.62 -23.68 -24.15
N VAL B 147 8.82 -22.39 -23.92
CA VAL B 147 9.69 -21.57 -24.75
C VAL B 147 10.49 -20.63 -23.85
N ILE B 148 11.78 -20.52 -24.13
CA ILE B 148 12.68 -19.60 -23.44
C ILE B 148 13.43 -18.79 -24.50
N ALA B 149 13.60 -17.50 -24.24
CA ALA B 149 14.05 -16.54 -25.24
C ALA B 149 15.55 -16.29 -25.13
N PRO B 150 16.12 -15.63 -26.14
CA PRO B 150 17.59 -15.41 -26.16
C PRO B 150 18.08 -14.61 -24.96
N PRO B 151 17.31 -13.64 -24.46
CA PRO B 151 17.83 -12.84 -23.34
C PRO B 151 18.27 -13.67 -22.15
N LEU B 152 17.60 -14.78 -21.87
CA LEU B 152 18.03 -15.72 -20.84
C LEU B 152 18.83 -16.88 -21.42
N ALA B 153 18.25 -17.62 -22.37
CA ALA B 153 18.97 -18.73 -22.99
C ALA B 153 20.13 -18.19 -23.83
N LEU B 154 21.27 -18.87 -23.74
CA LEU B 154 22.48 -18.39 -24.41
C LEU B 154 22.64 -18.93 -25.81
N ASP B 155 22.27 -20.20 -26.04
CA ASP B 155 22.47 -20.85 -27.33
C ASP B 155 21.31 -20.63 -28.29
N GLY B 156 20.54 -19.56 -28.11
CA GLY B 156 19.38 -19.31 -28.93
C GLY B 156 18.10 -19.74 -28.23
N PRO B 157 16.95 -19.36 -28.79
CA PRO B 157 15.69 -19.73 -28.16
C PRO B 157 15.58 -21.24 -28.00
N THR B 158 15.07 -21.66 -26.85
CA THR B 158 14.93 -23.08 -26.52
C THR B 158 13.45 -23.43 -26.47
N LEU B 159 13.09 -24.54 -27.11
CA LEU B 159 11.69 -24.93 -27.26
C LEU B 159 11.53 -26.39 -26.85
N THR B 160 10.38 -26.70 -26.26
CA THR B 160 10.05 -28.07 -25.88
C THR B 160 8.57 -28.29 -26.13
N ILE B 161 8.25 -29.21 -27.03
CA ILE B 161 6.88 -29.58 -27.35
C ILE B 161 6.70 -31.03 -26.91
N ARG B 162 5.98 -31.22 -25.81
CA ARG B 162 5.73 -32.53 -25.25
C ARG B 162 4.27 -32.87 -25.51
N LYS B 163 4.04 -33.78 -26.45
CA LYS B 163 2.69 -34.26 -26.72
C LYS B 163 2.24 -35.21 -25.62
N PHE B 164 0.92 -35.32 -25.47
CA PHE B 164 0.33 -36.25 -24.53
C PHE B 164 -0.46 -37.32 -25.30
N LYS B 165 -0.37 -38.55 -24.82
CA LYS B 165 -0.91 -39.71 -25.52
C LYS B 165 -2.42 -39.77 -25.34
N LYS B 166 -3.00 -40.93 -25.64
CA LYS B 166 -4.44 -41.13 -25.57
C LYS B 166 -4.93 -40.99 -24.14
N ASP B 167 -6.23 -41.22 -23.92
CA ASP B 167 -7.26 -41.07 -22.91
C ASP B 167 -6.73 -41.45 -21.54
N LYS B 168 -7.26 -40.83 -20.50
CA LYS B 168 -6.69 -40.90 -19.15
C LYS B 168 -6.93 -42.30 -18.57
N LEU B 169 -6.51 -42.46 -17.32
CA LEU B 169 -6.60 -43.74 -16.62
C LEU B 169 -7.85 -43.79 -15.77
N THR B 170 -8.45 -44.97 -15.68
CA THR B 170 -9.51 -45.22 -14.73
C THR B 170 -8.93 -45.59 -13.37
N MET B 171 -9.78 -45.55 -12.34
CA MET B 171 -9.34 -45.96 -11.02
C MET B 171 -8.77 -47.37 -11.03
N LYS B 172 -9.30 -48.24 -11.89
CA LYS B 172 -8.78 -49.59 -11.99
C LYS B 172 -7.31 -49.58 -12.43
N ASN B 173 -6.99 -48.74 -13.42
CA ASN B 173 -5.60 -48.64 -13.85
C ASN B 173 -4.72 -48.12 -12.71
N LEU B 174 -5.19 -47.11 -11.98
CA LEU B 174 -4.43 -46.60 -10.85
C LEU B 174 -4.20 -47.67 -9.79
N VAL B 175 -5.12 -48.63 -9.67
CA VAL B 175 -4.87 -49.79 -8.82
C VAL B 175 -3.90 -50.78 -9.47
N GLU B 176 -3.85 -50.80 -10.81
CA GLU B 176 -2.92 -51.70 -11.48
C GLU B 176 -1.48 -51.23 -11.39
N PHE B 177 -1.25 -49.91 -11.45
CA PHE B 177 0.09 -49.35 -11.37
C PHE B 177 0.57 -49.15 -9.94
N ALA B 178 -0.07 -49.82 -8.99
CA ALA B 178 0.35 -49.80 -7.59
C ALA B 178 0.31 -48.39 -7.00
N SER B 179 -0.40 -47.46 -7.64
CA SER B 179 -0.49 -46.11 -7.10
C SER B 179 -1.09 -46.13 -5.70
N ILE B 180 -2.10 -46.98 -5.47
CA ILE B 180 -2.69 -47.15 -4.14
C ILE B 180 -3.49 -48.44 -4.16
N SER B 181 -3.61 -49.08 -2.98
CA SER B 181 -4.29 -50.35 -2.86
C SER B 181 -5.71 -50.16 -2.34
N PRO B 182 -6.64 -51.05 -2.71
CA PRO B 182 -8.04 -50.84 -2.29
C PRO B 182 -8.22 -50.73 -0.79
N GLU B 183 -7.48 -51.54 -0.02
CA GLU B 183 -7.69 -51.59 1.42
C GLU B 183 -7.47 -50.24 2.07
N GLY B 184 -6.67 -49.37 1.47
CA GLY B 184 -6.46 -48.03 1.99
C GLY B 184 -6.99 -46.96 1.05
N ALA B 185 -7.54 -47.38 -0.09
CA ALA B 185 -8.02 -46.46 -1.11
C ALA B 185 -9.54 -46.41 -1.19
N ARG B 186 -10.24 -47.28 -0.46
CA ARG B 186 -11.71 -47.29 -0.57
C ARG B 186 -12.30 -45.94 -0.19
N VAL B 187 -11.58 -45.14 0.59
CA VAL B 187 -12.06 -43.80 0.91
C VAL B 187 -12.20 -42.97 -0.34
N LEU B 188 -11.38 -43.23 -1.35
CA LEU B 188 -11.51 -42.52 -2.63
C LEU B 188 -12.89 -42.79 -3.24
N GLY B 189 -13.27 -44.05 -3.36
CA GLY B 189 -14.59 -44.37 -3.87
C GLY B 189 -15.70 -43.81 -2.99
N VAL B 190 -15.49 -43.82 -1.68
CA VAL B 190 -16.50 -43.29 -0.76
C VAL B 190 -16.73 -41.81 -1.02
N ILE B 191 -15.65 -41.04 -1.12
CA ILE B 191 -15.76 -39.62 -1.40
C ILE B 191 -16.18 -39.32 -2.83
N GLY B 192 -16.08 -40.31 -3.72
CA GLY B 192 -16.59 -40.13 -5.07
C GLY B 192 -18.06 -39.77 -5.11
N ALA B 193 -18.80 -40.08 -4.04
CA ALA B 193 -20.20 -39.70 -3.94
C ALA B 193 -20.58 -39.15 -2.58
N CYS B 194 -19.66 -39.09 -1.61
CA CYS B 194 -19.98 -38.55 -0.30
C CYS B 194 -20.27 -37.05 -0.35
N ARG B 195 -19.84 -36.37 -1.40
CA ARG B 195 -20.07 -34.93 -1.56
C ARG B 195 -19.47 -34.15 -0.38
N CYS B 196 -18.15 -34.23 -0.29
CA CYS B 196 -17.39 -33.47 0.68
C CYS B 196 -16.25 -32.73 -0.01
N ASN B 197 -15.87 -31.59 0.56
CA ASN B 197 -14.83 -30.77 -0.05
C ASN B 197 -13.53 -31.55 -0.15
N LEU B 198 -12.74 -31.23 -1.18
CA LEU B 198 -11.48 -31.92 -1.41
C LEU B 198 -10.55 -31.00 -2.19
N VAL B 199 -9.26 -31.10 -1.88
CA VAL B 199 -8.23 -30.27 -2.52
C VAL B 199 -7.06 -31.17 -2.85
N ILE B 200 -6.81 -31.38 -4.15
CA ILE B 200 -5.70 -32.20 -4.60
C ILE B 200 -4.46 -31.33 -4.70
N SER B 201 -3.35 -31.78 -4.12
CA SER B 201 -2.09 -31.05 -4.14
C SER B 201 -0.99 -31.95 -4.70
N GLY B 202 -0.03 -31.33 -5.37
CA GLY B 202 1.08 -32.09 -5.92
C GLY B 202 2.05 -31.18 -6.65
N GLY B 203 3.07 -31.82 -7.24
CA GLY B 203 4.08 -31.12 -7.99
C GLY B 203 3.88 -31.28 -9.50
N THR B 204 4.69 -30.54 -10.24
CA THR B 204 4.60 -30.60 -11.70
C THR B 204 4.79 -32.02 -12.20
N GLY B 205 3.90 -32.45 -13.10
CA GLY B 205 3.98 -33.79 -13.63
C GLY B 205 3.64 -34.88 -12.66
N SER B 206 2.94 -34.55 -11.57
CA SER B 206 2.59 -35.52 -10.54
C SER B 206 1.20 -36.12 -10.75
N GLY B 207 0.51 -35.76 -11.82
CA GLY B 207 -0.76 -36.40 -12.13
C GLY B 207 -1.96 -35.92 -11.38
N LYS B 208 -1.97 -34.66 -10.94
CA LYS B 208 -3.11 -34.15 -10.18
C LYS B 208 -4.38 -34.18 -11.03
N THR B 209 -4.29 -33.73 -12.28
CA THR B 209 -5.48 -33.64 -13.12
C THR B 209 -6.09 -35.01 -13.38
N THR B 210 -5.26 -36.01 -13.62
CA THR B 210 -5.78 -37.36 -13.83
C THR B 210 -6.43 -37.90 -12.57
N LEU B 211 -5.86 -37.61 -11.40
CA LEU B 211 -6.49 -38.02 -10.16
C LEU B 211 -7.86 -37.38 -10.00
N LEU B 212 -7.98 -36.08 -10.32
CA LEU B 212 -9.27 -35.41 -10.24
C LEU B 212 -10.26 -36.02 -11.22
N ASN B 213 -9.80 -36.31 -12.44
CA ASN B 213 -10.69 -36.90 -13.44
C ASN B 213 -11.20 -38.27 -12.99
N THR B 214 -10.32 -39.06 -12.36
CA THR B 214 -10.74 -40.35 -11.83
C THR B 214 -11.72 -40.18 -10.67
N MET B 215 -11.49 -39.20 -9.80
CA MET B 215 -12.27 -39.04 -8.59
C MET B 215 -13.56 -38.26 -8.81
N THR B 216 -13.78 -37.74 -10.02
CA THR B 216 -15.04 -37.06 -10.34
C THR B 216 -15.98 -37.91 -11.18
N ALA B 217 -15.51 -38.99 -11.78
CA ALA B 217 -16.38 -39.87 -12.54
C ALA B 217 -17.40 -40.59 -11.66
N PHE B 218 -17.17 -40.61 -10.33
CA PHE B 218 -18.14 -41.25 -9.44
C PHE B 218 -19.41 -40.43 -9.29
N ILE B 219 -19.30 -39.10 -9.42
CA ILE B 219 -20.44 -38.23 -9.16
C ILE B 219 -21.62 -38.64 -10.02
N ASP B 220 -22.78 -38.84 -9.39
CA ASP B 220 -23.92 -39.38 -10.09
C ASP B 220 -24.54 -38.33 -11.02
N PRO B 221 -25.27 -38.76 -12.05
CA PRO B 221 -25.77 -37.81 -13.06
C PRO B 221 -26.73 -36.76 -12.52
N THR B 222 -27.44 -37.05 -11.42
CA THR B 222 -28.49 -36.14 -10.96
C THR B 222 -27.96 -34.77 -10.56
N GLU B 223 -26.66 -34.64 -10.30
CA GLU B 223 -26.09 -33.40 -9.81
C GLU B 223 -25.60 -32.52 -10.95
N ARG B 224 -25.80 -31.22 -10.80
CA ARG B 224 -25.37 -30.23 -11.78
C ARG B 224 -23.98 -29.72 -11.38
N VAL B 225 -23.00 -29.97 -12.23
CA VAL B 225 -21.60 -29.66 -11.94
C VAL B 225 -21.12 -28.63 -12.94
N VAL B 226 -20.45 -27.59 -12.45
CA VAL B 226 -19.90 -26.53 -13.26
C VAL B 226 -18.38 -26.62 -13.18
N THR B 227 -17.73 -26.91 -14.29
CA THR B 227 -16.29 -27.08 -14.36
C THR B 227 -15.64 -25.84 -14.94
N CYS B 228 -14.62 -25.32 -14.27
CA CYS B 228 -13.87 -24.15 -14.71
C CYS B 228 -12.42 -24.54 -14.93
N GLU B 229 -11.90 -24.25 -16.11
CA GLU B 229 -10.55 -24.67 -16.47
C GLU B 229 -9.87 -23.56 -17.26
N ASP B 230 -8.54 -23.53 -17.18
CA ASP B 230 -7.77 -22.63 -18.02
C ASP B 230 -7.81 -23.08 -19.48
N ALA B 231 -7.82 -24.38 -19.72
CA ALA B 231 -7.96 -24.94 -21.05
C ALA B 231 -8.59 -26.32 -20.91
N ALA B 232 -9.33 -26.73 -21.94
CA ALA B 232 -10.04 -28.00 -21.89
C ALA B 232 -9.10 -29.15 -21.55
N GLU B 233 -9.34 -29.81 -20.43
CA GLU B 233 -8.53 -30.94 -19.97
C GLU B 233 -9.38 -32.11 -19.49
N LEU B 234 -10.48 -31.85 -18.79
CA LEU B 234 -11.29 -32.90 -18.21
C LEU B 234 -12.31 -33.40 -19.22
N GLN B 235 -12.67 -34.68 -19.08
CA GLN B 235 -13.55 -35.37 -20.01
C GLN B 235 -14.60 -36.17 -19.27
N LEU B 236 -15.26 -35.54 -18.30
CA LEU B 236 -16.32 -36.22 -17.56
C LEU B 236 -17.43 -36.64 -18.51
N GLN B 237 -17.99 -37.83 -18.26
CA GLN B 237 -19.03 -38.40 -19.10
C GLN B 237 -20.42 -38.27 -18.50
N GLN B 238 -20.58 -37.47 -17.45
CA GLN B 238 -21.89 -37.30 -16.86
C GLN B 238 -22.79 -36.47 -17.78
N PRO B 239 -24.11 -36.60 -17.64
CA PRO B 239 -25.02 -35.96 -18.60
C PRO B 239 -25.25 -34.48 -18.32
N HIS B 240 -25.17 -34.09 -17.06
CA HIS B 240 -25.47 -32.73 -16.62
C HIS B 240 -24.20 -32.10 -16.07
N VAL B 241 -23.42 -31.50 -16.97
CA VAL B 241 -22.19 -30.81 -16.61
C VAL B 241 -22.03 -29.61 -17.53
N VAL B 242 -21.59 -28.49 -16.96
CA VAL B 242 -21.36 -27.25 -17.70
C VAL B 242 -19.86 -26.98 -17.70
N ARG B 243 -19.31 -26.81 -18.91
CA ARG B 243 -17.89 -26.56 -19.08
C ARG B 243 -17.66 -25.09 -19.39
N LEU B 244 -16.49 -24.58 -18.99
CA LEU B 244 -16.14 -23.19 -19.19
C LEU B 244 -14.66 -23.10 -19.51
N GLU B 245 -14.19 -21.89 -19.78
CA GLU B 245 -12.79 -21.65 -20.13
C GLU B 245 -12.55 -20.15 -20.13
N THR B 246 -11.38 -19.76 -19.65
CA THR B 246 -11.06 -18.34 -19.50
C THR B 246 -10.53 -17.76 -20.82
N ARG B 247 -10.38 -16.43 -20.83
CA ARG B 247 -9.88 -15.70 -21.99
C ARG B 247 -8.76 -14.78 -21.51
N PRO B 248 -7.54 -14.91 -22.04
CA PRO B 248 -6.47 -13.99 -21.64
C PRO B 248 -6.66 -12.63 -22.28
N PRO B 249 -5.93 -11.61 -21.83
CA PRO B 249 -6.08 -10.27 -22.41
C PRO B 249 -5.81 -10.29 -23.91
N ASN B 250 -6.60 -9.52 -24.64
CA ASN B 250 -6.53 -9.51 -26.10
C ASN B 250 -5.36 -8.67 -26.57
N LEU B 251 -5.32 -8.37 -27.87
CA LEU B 251 -4.21 -7.62 -28.45
C LEU B 251 -3.98 -6.31 -27.71
N GLU B 252 -5.04 -5.64 -27.29
CA GLU B 252 -4.94 -4.34 -26.64
C GLU B 252 -4.87 -4.45 -25.12
N GLY B 253 -4.63 -5.64 -24.58
CA GLY B 253 -4.56 -5.82 -23.15
C GLY B 253 -5.89 -5.57 -22.46
N SER B 254 -6.97 -6.09 -23.04
CA SER B 254 -8.30 -5.91 -22.49
C SER B 254 -9.12 -7.16 -22.75
N GLY B 255 -10.27 -7.24 -22.09
CA GLY B 255 -11.14 -8.39 -22.24
C GLY B 255 -10.68 -9.61 -21.51
N ALA B 256 -9.98 -9.45 -20.38
CA ALA B 256 -9.49 -10.58 -19.62
C ALA B 256 -10.59 -11.10 -18.70
N VAL B 257 -10.79 -12.42 -18.71
CA VAL B 257 -11.76 -13.09 -17.85
C VAL B 257 -10.98 -14.12 -17.05
N THR B 258 -10.52 -13.73 -15.87
CA THR B 258 -9.73 -14.62 -15.02
C THR B 258 -10.64 -15.58 -14.27
N MET B 259 -10.02 -16.57 -13.63
CA MET B 259 -10.78 -17.59 -12.92
C MET B 259 -11.73 -16.99 -11.90
N ARG B 260 -11.35 -15.87 -11.29
CA ARG B 260 -12.25 -15.22 -10.34
C ARG B 260 -13.52 -14.75 -11.02
N ASP B 261 -13.38 -14.17 -12.21
CA ASP B 261 -14.55 -13.67 -12.93
C ASP B 261 -15.52 -14.79 -13.27
N LEU B 262 -15.00 -16.01 -13.45
CA LEU B 262 -15.87 -17.16 -13.74
C LEU B 262 -16.46 -17.77 -12.48
N VAL B 263 -15.69 -17.89 -11.41
CA VAL B 263 -16.20 -18.53 -10.19
C VAL B 263 -17.23 -17.63 -9.53
N LYS B 264 -16.99 -16.32 -9.47
CA LYS B 264 -17.98 -15.42 -8.89
C LYS B 264 -19.30 -15.49 -9.64
N ASN B 265 -19.24 -15.69 -10.96
CA ASN B 265 -20.48 -15.85 -11.72
C ASN B 265 -21.12 -17.20 -11.46
N CYS B 266 -20.32 -18.26 -11.45
CA CYS B 266 -20.86 -19.59 -11.18
C CYS B 266 -21.54 -19.65 -9.83
N LEU B 267 -21.12 -18.78 -8.90
CA LEU B 267 -21.83 -18.71 -7.62
C LEU B 267 -23.29 -18.35 -7.78
N ARG B 268 -23.67 -17.75 -8.92
CA ARG B 268 -25.04 -17.34 -9.18
C ARG B 268 -25.62 -18.05 -10.40
N MET B 269 -25.20 -19.29 -10.64
CA MET B 269 -25.79 -20.14 -11.67
C MET B 269 -26.52 -21.34 -11.08
N ARG B 270 -26.74 -21.34 -9.76
CA ARG B 270 -27.31 -22.47 -9.05
C ARG B 270 -26.54 -23.76 -9.34
N PRO B 271 -25.22 -23.77 -9.17
CA PRO B 271 -24.48 -25.02 -9.30
C PRO B 271 -24.55 -25.84 -8.03
N GLU B 272 -24.57 -27.17 -8.20
CA GLU B 272 -24.59 -28.06 -7.04
C GLU B 272 -23.19 -28.35 -6.52
N ARG B 273 -22.16 -28.24 -7.37
CA ARG B 273 -20.79 -28.39 -6.90
C ARG B 273 -19.84 -27.92 -7.99
N ILE B 274 -18.89 -27.08 -7.61
CA ILE B 274 -17.91 -26.52 -8.54
C ILE B 274 -16.73 -27.48 -8.67
N ILE B 275 -16.10 -27.48 -9.83
CA ILE B 275 -14.87 -28.24 -10.07
C ILE B 275 -13.89 -27.29 -10.76
N VAL B 276 -13.01 -26.68 -9.99
CA VAL B 276 -12.05 -25.74 -10.53
C VAL B 276 -10.86 -26.50 -11.09
N GLY B 277 -10.47 -26.16 -12.31
CA GLY B 277 -9.37 -26.82 -12.98
C GLY B 277 -8.07 -26.70 -12.21
N GLU B 278 -7.58 -25.46 -12.04
CA GLU B 278 -6.35 -25.22 -11.30
C GLU B 278 -6.44 -23.88 -10.61
N VAL B 279 -6.10 -23.85 -9.33
CA VAL B 279 -6.13 -22.63 -8.53
C VAL B 279 -4.76 -21.98 -8.61
N ARG B 280 -4.73 -20.69 -8.96
CA ARG B 280 -3.49 -19.97 -9.15
C ARG B 280 -3.32 -18.79 -8.20
N GLY B 281 -4.32 -17.92 -8.10
CA GLY B 281 -4.22 -16.72 -7.30
C GLY B 281 -5.49 -16.44 -6.53
N PRO B 282 -6.02 -15.22 -6.64
CA PRO B 282 -7.13 -14.81 -5.77
C PRO B 282 -8.35 -15.71 -5.87
N GLU B 283 -8.55 -16.39 -7.00
CA GLU B 283 -9.76 -17.19 -7.16
C GLU B 283 -9.94 -18.15 -5.99
N ALA B 284 -8.84 -18.67 -5.45
CA ALA B 284 -8.91 -19.53 -4.29
C ALA B 284 -9.95 -19.03 -3.28
N PHE B 285 -9.80 -17.78 -2.85
CA PHE B 285 -10.73 -17.20 -1.89
C PHE B 285 -12.17 -17.50 -2.27
N ASP B 286 -12.58 -17.04 -3.46
CA ASP B 286 -13.96 -17.26 -3.89
C ASP B 286 -14.33 -18.72 -3.79
N LEU B 287 -13.47 -19.61 -4.29
CA LEU B 287 -13.79 -21.03 -4.24
C LEU B 287 -14.04 -21.48 -2.81
N LEU B 288 -13.17 -21.08 -1.88
CA LEU B 288 -13.39 -21.42 -0.48
C LEU B 288 -14.77 -20.94 -0.04
N GLN B 289 -15.11 -19.71 -0.36
CA GLN B 289 -16.43 -19.20 0.00
C GLN B 289 -17.52 -20.07 -0.60
N ALA B 290 -17.33 -20.48 -1.86
CA ALA B 290 -18.30 -21.38 -2.48
C ALA B 290 -18.45 -22.66 -1.68
N MET B 291 -17.34 -23.21 -1.18
CA MET B 291 -17.42 -24.41 -0.36
C MET B 291 -18.08 -24.12 0.98
N ASN B 292 -17.89 -22.90 1.49
CA ASN B 292 -18.46 -22.57 2.80
C ASN B 292 -19.96 -22.35 2.72
N THR B 293 -20.43 -21.67 1.67
CA THR B 293 -21.84 -21.24 1.59
C THR B 293 -22.61 -22.18 0.66
N GLY B 294 -23.04 -23.30 1.24
CA GLY B 294 -23.99 -24.17 0.57
C GLY B 294 -23.39 -25.13 -0.44
N HIS B 295 -22.58 -24.62 -1.37
CA HIS B 295 -22.06 -25.42 -2.47
C HIS B 295 -20.99 -26.37 -1.94
N ASP B 296 -21.42 -27.32 -1.14
CA ASP B 296 -20.54 -28.36 -0.63
C ASP B 296 -20.33 -29.43 -1.68
N GLY B 297 -19.08 -29.87 -1.82
CA GLY B 297 -18.70 -30.85 -2.80
C GLY B 297 -17.79 -30.34 -3.90
N SER B 298 -17.09 -29.23 -3.68
CA SER B 298 -16.22 -28.66 -4.70
C SER B 298 -14.89 -29.39 -4.74
N MET B 299 -14.06 -29.01 -5.70
CA MET B 299 -12.72 -29.57 -5.82
C MET B 299 -11.82 -28.51 -6.47
N GLY B 300 -10.52 -28.64 -6.25
CA GLY B 300 -9.57 -27.70 -6.82
C GLY B 300 -8.13 -28.17 -6.65
N THR B 301 -7.37 -28.16 -7.73
CA THR B 301 -6.00 -28.64 -7.73
C THR B 301 -5.05 -27.45 -7.61
N LEU B 302 -4.33 -27.37 -6.50
CA LEU B 302 -3.34 -26.35 -6.26
C LEU B 302 -1.95 -26.92 -6.50
N HIS B 303 -0.93 -26.12 -6.20
CA HIS B 303 0.45 -26.46 -6.47
C HIS B 303 1.25 -26.41 -5.17
N ALA B 304 1.64 -27.58 -4.65
CA ALA B 304 2.39 -27.66 -3.41
C ALA B 304 3.00 -29.05 -3.32
N ASN B 305 3.88 -29.22 -2.33
CA ASN B 305 4.58 -30.48 -2.12
C ASN B 305 4.21 -31.17 -0.81
N SER B 306 3.91 -30.43 0.25
CA SER B 306 3.50 -31.00 1.52
C SER B 306 2.19 -30.37 1.96
N PRO B 307 1.30 -31.13 2.61
CA PRO B 307 -0.02 -30.57 2.96
C PRO B 307 0.06 -29.29 3.77
N ARG B 308 1.00 -29.20 4.72
CA ARG B 308 1.19 -27.95 5.44
C ARG B 308 1.63 -26.84 4.49
N GLU B 309 2.52 -27.17 3.54
CA GLU B 309 2.89 -26.21 2.52
C GLU B 309 1.69 -25.84 1.67
N ALA B 310 0.82 -26.81 1.38
CA ALA B 310 -0.39 -26.51 0.60
C ALA B 310 -1.27 -25.50 1.33
N ILE B 311 -1.46 -25.69 2.63
CA ILE B 311 -2.31 -24.79 3.40
C ILE B 311 -1.67 -23.41 3.49
N SER B 312 -0.34 -23.34 3.70
CA SER B 312 0.32 -22.05 3.70
C SER B 312 0.21 -21.36 2.35
N ARG B 313 0.32 -22.14 1.27
CA ARG B 313 0.16 -21.59 -0.07
C ARG B 313 -1.24 -21.02 -0.27
N ILE B 314 -2.26 -21.73 0.21
CA ILE B 314 -3.62 -21.19 0.14
C ILE B 314 -3.74 -19.91 0.94
N GLU B 315 -3.12 -19.87 2.12
CA GLU B 315 -3.17 -18.66 2.94
C GLU B 315 -2.54 -17.48 2.21
N SER B 316 -1.39 -17.70 1.60
CA SER B 316 -0.75 -16.62 0.84
C SER B 316 -1.58 -16.22 -0.36
N MET B 317 -2.19 -17.20 -1.04
CA MET B 317 -3.02 -16.91 -2.20
C MET B 317 -4.20 -16.03 -1.81
N ILE B 318 -4.82 -16.32 -0.67
CA ILE B 318 -5.90 -15.48 -0.19
C ILE B 318 -5.38 -14.11 0.23
N THR B 319 -4.25 -14.07 0.92
CA THR B 319 -3.66 -12.80 1.34
C THR B 319 -3.41 -11.90 0.14
N MET B 320 -3.14 -12.49 -1.03
CA MET B 320 -3.02 -11.68 -2.24
C MET B 320 -4.30 -10.88 -2.52
N GLY B 321 -5.43 -11.35 -2.01
CA GLY B 321 -6.67 -10.59 -2.21
C GLY B 321 -6.66 -9.24 -1.53
N GLY B 322 -6.19 -9.19 -0.29
CA GLY B 322 -6.08 -7.93 0.42
C GLY B 322 -7.30 -7.58 1.25
N TYR B 323 -7.73 -8.50 2.11
CA TYR B 323 -8.89 -8.29 2.96
C TYR B 323 -8.50 -7.84 4.36
N GLY B 324 -7.66 -8.61 5.04
CA GLY B 324 -7.17 -8.22 6.35
C GLY B 324 -7.55 -9.18 7.46
N LEU B 325 -7.88 -10.42 7.11
CA LEU B 325 -8.20 -11.42 8.11
C LEU B 325 -6.93 -12.02 8.69
N PRO B 326 -6.99 -12.52 9.92
CA PRO B 326 -5.81 -13.18 10.50
C PRO B 326 -5.60 -14.56 9.92
N SER B 327 -4.42 -15.11 10.21
CA SER B 327 -4.11 -16.46 9.73
C SER B 327 -5.08 -17.47 10.33
N LYS B 328 -5.42 -17.32 11.61
CA LYS B 328 -6.29 -18.28 12.28
C LYS B 328 -7.67 -18.32 11.65
N THR B 329 -8.23 -17.17 11.29
CA THR B 329 -9.56 -17.15 10.68
C THR B 329 -9.56 -17.84 9.32
N ILE B 330 -8.52 -17.60 8.51
CA ILE B 330 -8.44 -18.25 7.21
C ILE B 330 -8.24 -19.75 7.39
N LYS B 331 -7.47 -20.15 8.40
CA LYS B 331 -7.31 -21.58 8.68
C LYS B 331 -8.62 -22.21 9.12
N GLU B 332 -9.42 -21.48 9.88
CA GLU B 332 -10.75 -21.98 10.24
C GLU B 332 -11.64 -22.10 9.01
N MET B 333 -11.55 -21.13 8.09
CA MET B 333 -12.26 -21.24 6.83
C MET B 333 -11.85 -22.51 6.10
N ILE B 334 -10.56 -22.81 6.09
CA ILE B 334 -10.07 -24.03 5.45
C ILE B 334 -10.63 -25.26 6.16
N VAL B 335 -10.63 -25.24 7.50
CA VAL B 335 -11.09 -26.41 8.25
C VAL B 335 -12.56 -26.69 7.95
N GLY B 336 -13.40 -25.66 8.05
CA GLY B 336 -14.82 -25.82 7.80
C GLY B 336 -15.19 -25.87 6.34
N SER B 337 -14.24 -25.63 5.44
CA SER B 337 -14.48 -25.63 4.02
C SER B 337 -13.65 -26.65 3.26
N VAL B 338 -12.54 -27.11 3.82
CA VAL B 338 -11.68 -28.11 3.21
C VAL B 338 -11.69 -29.33 4.11
N ASP B 339 -12.22 -30.44 3.61
CA ASP B 339 -12.28 -31.69 4.37
C ASP B 339 -11.06 -32.57 4.12
N VAL B 340 -10.80 -32.90 2.85
CA VAL B 340 -9.72 -33.79 2.48
C VAL B 340 -8.70 -33.00 1.67
N ILE B 341 -7.43 -33.11 2.03
CA ILE B 341 -6.33 -32.49 1.30
C ILE B 341 -5.41 -33.62 0.86
N ILE B 342 -5.68 -34.17 -0.34
CA ILE B 342 -4.85 -35.24 -0.85
C ILE B 342 -3.52 -34.67 -1.34
N GLN B 343 -2.51 -35.54 -1.41
CA GLN B 343 -1.19 -35.17 -1.92
C GLN B 343 -0.80 -36.17 -2.99
N ALA B 344 -0.22 -35.67 -4.09
CA ALA B 344 0.31 -36.49 -5.16
C ALA B 344 1.70 -36.01 -5.51
N ALA B 345 2.67 -36.94 -5.51
CA ALA B 345 4.05 -36.58 -5.76
C ALA B 345 4.79 -37.75 -6.38
N ARG B 346 5.82 -37.45 -7.16
CA ARG B 346 6.69 -38.47 -7.70
C ARG B 346 7.82 -38.79 -6.72
N LEU B 347 8.26 -40.04 -6.72
CA LEU B 347 9.31 -40.46 -5.80
C LEU B 347 10.68 -40.21 -6.45
N ARG B 348 11.74 -40.65 -5.77
CA ARG B 348 13.08 -40.45 -6.31
C ARG B 348 13.31 -41.18 -7.62
N ASP B 349 12.45 -42.15 -7.95
CA ASP B 349 12.58 -42.87 -9.22
C ASP B 349 11.71 -42.24 -10.31
N GLY B 350 10.49 -41.83 -9.97
CA GLY B 350 9.65 -41.13 -10.92
C GLY B 350 8.20 -41.58 -10.95
N SER B 351 7.96 -42.85 -10.66
CA SER B 351 6.60 -43.38 -10.76
C SER B 351 5.67 -42.63 -9.81
N ARG B 352 4.44 -42.42 -10.26
CA ARG B 352 3.48 -41.63 -9.49
C ARG B 352 3.05 -42.36 -8.22
N ARG B 353 2.63 -41.58 -7.23
CA ARG B 353 2.18 -42.13 -5.96
C ARG B 353 1.10 -41.23 -5.39
N ILE B 354 0.51 -41.67 -4.28
CA ILE B 354 -0.45 -40.86 -3.51
C ILE B 354 0.05 -40.89 -2.07
N THR B 355 0.87 -39.91 -1.70
CA THR B 355 1.56 -39.93 -0.41
C THR B 355 0.67 -39.56 0.75
N HIS B 356 -0.56 -39.11 0.51
CA HIS B 356 -1.43 -38.70 1.62
C HIS B 356 -2.88 -38.88 1.21
N ILE B 357 -3.72 -39.25 2.19
CA ILE B 357 -5.14 -38.93 2.19
C ILE B 357 -5.40 -38.30 3.55
N THR B 358 -5.27 -36.98 3.62
CA THR B 358 -5.26 -36.24 4.87
C THR B 358 -6.56 -35.50 5.06
N GLU B 359 -6.93 -35.27 6.33
CA GLU B 359 -8.11 -34.50 6.67
C GLU B 359 -7.75 -33.43 7.68
N VAL B 360 -8.52 -32.35 7.66
CA VAL B 360 -8.31 -31.20 8.54
C VAL B 360 -9.33 -31.27 9.67
N VAL B 361 -8.87 -31.06 10.90
CA VAL B 361 -9.71 -31.25 12.07
C VAL B 361 -10.15 -29.90 12.64
N GLY B 362 -9.20 -29.11 13.10
CA GLY B 362 -9.54 -27.89 13.80
C GLY B 362 -8.32 -27.03 14.04
N LEU B 363 -8.50 -26.01 14.88
CA LEU B 363 -7.46 -25.06 15.20
C LEU B 363 -7.35 -24.86 16.69
N GLU B 364 -6.13 -24.55 17.13
CA GLU B 364 -5.82 -24.29 18.54
C GLU B 364 -5.11 -22.95 18.67
N GLY B 365 -5.66 -21.94 18.01
CA GLY B 365 -5.04 -20.62 17.97
C GLY B 365 -4.55 -20.27 16.58
N ASP B 366 -3.27 -19.94 16.46
CA ASP B 366 -2.65 -19.68 15.18
C ASP B 366 -2.02 -20.94 14.58
N VAL B 367 -2.17 -22.09 15.22
CA VAL B 367 -1.60 -23.35 14.76
C VAL B 367 -2.75 -24.28 14.38
N ILE B 368 -2.65 -24.88 13.20
CA ILE B 368 -3.69 -25.78 12.72
C ILE B 368 -3.50 -27.16 13.35
N VAL B 369 -4.61 -27.87 13.51
CA VAL B 369 -4.61 -29.29 13.87
C VAL B 369 -5.05 -30.07 12.65
N THR B 370 -4.23 -31.01 12.20
CA THR B 370 -4.47 -31.75 10.96
C THR B 370 -4.24 -33.24 11.22
N GLN B 371 -5.32 -33.96 11.45
CA GLN B 371 -5.24 -35.42 11.51
C GLN B 371 -4.66 -35.94 10.20
N ASP B 372 -4.04 -37.11 10.24
CA ASP B 372 -3.48 -37.75 9.05
C ASP B 372 -4.09 -39.15 8.97
N LEU B 373 -5.24 -39.25 8.31
CA LEU B 373 -5.89 -40.55 8.19
C LEU B 373 -5.00 -41.54 7.45
N PHE B 374 -4.14 -41.06 6.57
CA PHE B 374 -3.24 -41.91 5.82
C PHE B 374 -1.88 -41.22 5.68
N VAL B 375 -0.85 -42.04 5.52
CA VAL B 375 0.49 -41.56 5.21
C VAL B 375 1.16 -42.57 4.30
N TYR B 376 2.38 -42.28 3.87
CA TYR B 376 3.11 -43.17 2.98
C TYR B 376 4.58 -43.12 3.36
N GLU B 377 5.15 -44.27 3.72
CA GLU B 377 6.54 -44.34 4.14
C GLU B 377 7.33 -45.15 3.13
N ILE B 378 8.64 -44.90 3.08
CA ILE B 378 9.53 -45.51 2.09
C ILE B 378 10.54 -46.35 2.85
N THR B 379 10.68 -47.62 2.44
CA THR B 379 11.62 -48.51 3.11
C THR B 379 13.03 -48.36 2.54
N GLY B 380 13.15 -48.20 1.23
CA GLY B 380 14.44 -48.09 0.58
C GLY B 380 14.33 -48.26 -0.92
N GLU B 381 15.17 -49.10 -1.49
CA GLU B 381 15.14 -49.39 -2.92
C GLU B 381 15.03 -50.89 -3.14
N ASP B 382 14.62 -51.26 -4.34
CA ASP B 382 14.40 -52.65 -4.72
C ASP B 382 15.68 -53.22 -5.34
N GLU B 383 15.63 -54.53 -5.61
CA GLU B 383 16.75 -55.20 -6.27
C GLU B 383 17.12 -54.49 -7.56
N HIS B 384 16.13 -54.03 -8.31
CA HIS B 384 16.36 -53.35 -9.58
C HIS B 384 16.42 -51.84 -9.44
N GLY B 385 16.37 -51.32 -8.21
CA GLY B 385 16.57 -49.91 -7.97
C GLY B 385 15.31 -49.12 -7.70
N LYS B 386 14.20 -49.50 -8.34
CA LYS B 386 12.97 -48.74 -8.20
C LYS B 386 12.51 -48.72 -6.75
N VAL B 387 11.96 -47.58 -6.33
CA VAL B 387 11.70 -47.36 -4.91
C VAL B 387 10.68 -48.36 -4.38
N VAL B 388 10.77 -48.63 -3.08
CA VAL B 388 9.85 -49.53 -2.38
C VAL B 388 9.28 -48.80 -1.17
N GLY B 389 7.96 -48.81 -1.06
CA GLY B 389 7.29 -48.13 0.03
C GLY B 389 6.04 -48.84 0.50
N LYS B 390 5.29 -48.17 1.38
CA LYS B 390 4.09 -48.77 1.96
C LYS B 390 3.16 -47.65 2.41
N HIS B 391 1.91 -47.71 1.98
CA HIS B 391 0.85 -46.93 2.61
C HIS B 391 0.36 -47.67 3.85
N ARG B 392 -0.19 -46.91 4.79
CA ARG B 392 -0.66 -47.50 6.04
C ARG B 392 -1.76 -46.65 6.62
N SER B 393 -2.85 -47.31 7.01
CA SER B 393 -3.95 -46.65 7.70
C SER B 393 -3.48 -46.28 9.10
N THR B 394 -3.24 -44.99 9.33
CA THR B 394 -2.82 -44.55 10.66
C THR B 394 -3.82 -45.01 11.73
N GLY B 395 -5.10 -45.08 11.37
CA GLY B 395 -6.11 -45.63 12.27
C GLY B 395 -6.97 -44.60 12.95
N ILE B 396 -8.19 -44.41 12.45
CA ILE B 396 -9.20 -43.57 13.08
C ILE B 396 -10.55 -44.13 12.67
N ALA B 397 -11.23 -44.82 13.58
CA ALA B 397 -12.54 -45.39 13.25
C ALA B 397 -13.58 -44.30 13.01
N ARG B 398 -13.43 -43.15 13.67
CA ARG B 398 -14.40 -42.05 13.57
C ARG B 398 -13.65 -40.76 13.26
N PRO B 399 -13.33 -40.50 11.98
CA PRO B 399 -12.62 -39.27 11.64
C PRO B 399 -13.45 -38.02 11.86
N ARG B 400 -12.87 -36.85 11.54
CA ARG B 400 -13.62 -35.60 11.68
C ARG B 400 -14.85 -35.60 10.79
N PHE B 401 -14.73 -36.06 9.54
CA PHE B 401 -15.84 -36.08 8.61
C PHE B 401 -16.81 -37.22 8.88
N TRP B 402 -16.64 -37.94 9.98
CA TRP B 402 -17.62 -38.94 10.39
C TRP B 402 -19.00 -38.32 10.51
N ASP B 403 -19.10 -37.20 11.24
CA ASP B 403 -20.38 -36.51 11.37
C ASP B 403 -20.83 -35.92 10.05
N ARG B 404 -19.92 -35.29 9.31
CA ARG B 404 -20.27 -34.63 8.06
C ARG B 404 -20.74 -35.61 6.99
N ALA B 405 -20.41 -36.89 7.13
CA ALA B 405 -20.75 -37.90 6.13
C ALA B 405 -21.76 -38.92 6.65
N ARG B 406 -22.44 -38.63 7.76
CA ARG B 406 -23.37 -39.57 8.35
C ARG B 406 -24.73 -39.58 7.66
N TYR B 407 -25.02 -38.60 6.81
CA TYR B 407 -26.35 -38.51 6.20
C TYR B 407 -26.61 -39.68 5.24
N TYR B 408 -25.76 -39.82 4.22
CA TYR B 408 -25.95 -40.87 3.22
C TYR B 408 -25.84 -42.27 3.80
N GLY B 409 -25.53 -42.42 5.09
CA GLY B 409 -25.31 -43.75 5.64
C GLY B 409 -23.96 -44.32 5.29
N LEU B 410 -22.97 -43.47 5.04
CA LEU B 410 -21.66 -43.90 4.57
C LEU B 410 -20.67 -44.16 5.70
N GLU B 411 -21.07 -43.96 6.95
CA GLU B 411 -20.19 -44.32 8.05
C GLU B 411 -19.90 -45.82 8.06
N ARG B 412 -20.77 -46.63 7.45
CA ARG B 412 -20.51 -48.06 7.34
C ARG B 412 -19.20 -48.31 6.57
N GLU B 413 -19.13 -47.85 5.33
CA GLU B 413 -17.94 -48.07 4.52
C GLU B 413 -16.73 -47.34 5.10
N LEU B 414 -16.95 -46.20 5.75
CA LEU B 414 -15.85 -45.51 6.42
C LEU B 414 -15.24 -46.39 7.51
N ALA B 415 -16.09 -46.98 8.36
CA ALA B 415 -15.60 -47.87 9.39
C ALA B 415 -14.93 -49.10 8.78
N GLU B 416 -15.52 -49.64 7.72
CA GLU B 416 -14.90 -50.78 7.04
C GLU B 416 -13.49 -50.43 6.57
N ALA B 417 -13.35 -49.31 5.87
CA ALA B 417 -12.04 -48.94 5.32
C ALA B 417 -11.03 -48.66 6.43
N LEU B 418 -11.44 -47.98 7.49
CA LEU B 418 -10.51 -47.56 8.54
C LEU B 418 -10.38 -48.56 9.67
N ASP B 419 -11.04 -49.72 9.58
CA ASP B 419 -10.87 -50.77 10.58
C ASP B 419 -10.46 -52.08 9.92
N ALA B 420 -10.97 -52.34 8.71
CA ALA B 420 -10.55 -53.53 7.98
C ALA B 420 -9.11 -53.44 7.52
N ALA B 421 -8.49 -52.26 7.60
CA ALA B 421 -7.09 -52.08 7.22
C ALA B 421 -6.30 -51.38 8.31
N GLU B 422 -6.78 -51.40 9.55
CA GLU B 422 -6.06 -50.78 10.64
C GLU B 422 -4.72 -51.46 10.91
N ALA B 423 -4.57 -52.71 10.48
CA ALA B 423 -3.32 -53.43 10.68
C ALA B 423 -3.04 -54.36 9.49
N ASP C 1 57.24 10.81 -31.90
CA ASP C 1 56.45 11.97 -32.32
C ASP C 1 55.99 11.82 -33.77
N TYR C 2 56.94 11.48 -34.65
CA TYR C 2 56.60 11.31 -36.05
C TYR C 2 55.57 10.20 -36.24
N TYR C 3 55.77 9.06 -35.57
CA TYR C 3 54.85 7.95 -35.71
C TYR C 3 53.44 8.30 -35.26
N HIS C 4 53.28 9.35 -34.47
CA HIS C 4 51.96 9.85 -34.07
C HIS C 4 51.59 11.14 -34.81
N ALA C 5 52.56 12.01 -35.07
CA ALA C 5 52.28 13.26 -35.76
C ALA C 5 51.79 13.00 -37.18
N THR C 6 52.37 12.02 -37.86
CA THR C 6 51.93 11.71 -39.22
C THR C 6 50.45 11.34 -39.25
N LYS C 7 50.02 10.47 -38.33
CA LYS C 7 48.61 10.11 -38.26
C LYS C 7 47.75 11.29 -37.86
N THR C 8 48.21 12.08 -36.88
CA THR C 8 47.43 13.23 -36.43
C THR C 8 47.18 14.21 -37.59
N THR C 9 48.17 14.39 -38.46
CA THR C 9 48.00 15.26 -39.62
C THR C 9 47.17 14.61 -40.72
N ILE C 10 47.35 13.31 -40.95
CA ILE C 10 46.67 12.64 -42.05
C ILE C 10 45.18 12.53 -41.78
N PHE C 11 44.80 12.27 -40.51
CA PHE C 11 43.39 12.02 -40.21
C PHE C 11 42.50 13.17 -40.65
N ASN C 12 43.03 14.39 -40.71
CA ASN C 12 42.21 15.53 -41.11
C ASN C 12 41.70 15.37 -42.54
N ALA C 13 42.56 14.91 -43.45
CA ALA C 13 42.13 14.74 -44.84
C ALA C 13 41.03 13.70 -44.94
N LEU C 14 41.17 12.58 -44.26
CA LEU C 14 40.14 11.54 -44.30
C LEU C 14 38.83 12.06 -43.70
N LEU C 15 38.91 12.79 -42.59
CA LEU C 15 37.70 13.30 -41.96
C LEU C 15 37.00 14.31 -42.87
N ASN C 16 37.76 15.20 -43.50
CA ASN C 16 37.15 16.25 -44.32
C ASN C 16 36.59 15.70 -45.62
N THR C 17 37.32 14.79 -46.27
CA THR C 17 36.87 14.25 -47.55
C THR C 17 35.52 13.54 -47.40
N ILE C 18 35.39 12.73 -46.37
CA ILE C 18 34.12 12.06 -46.06
C ILE C 18 33.90 12.10 -44.56
N ASP C 19 33.03 13.00 -44.11
CA ASP C 19 32.77 13.15 -42.69
C ASP C 19 32.12 11.89 -42.13
N LEU C 20 32.38 11.62 -40.85
CA LEU C 20 31.78 10.46 -40.20
C LEU C 20 30.26 10.53 -40.18
N SER C 21 29.69 11.73 -40.35
CA SER C 21 28.24 11.85 -40.44
C SER C 21 27.68 11.14 -41.66
N GLN C 22 28.53 10.81 -42.63
CA GLN C 22 28.11 10.09 -43.83
C GLN C 22 28.05 8.58 -43.62
N LEU C 23 28.00 8.12 -42.37
CA LEU C 23 27.91 6.69 -42.09
C LEU C 23 26.63 6.12 -42.69
N ALA C 24 26.69 4.85 -43.08
CA ALA C 24 25.66 4.10 -43.79
C ALA C 24 25.66 4.45 -45.27
N GLN C 25 26.42 5.46 -45.70
CA GLN C 25 26.63 5.76 -47.11
C GLN C 25 28.09 5.47 -47.42
N LEU C 26 28.32 4.59 -48.40
CA LEU C 26 29.65 4.04 -48.65
C LEU C 26 30.15 3.36 -47.39
N ASP C 27 29.42 2.33 -46.98
CA ASP C 27 29.66 1.64 -45.71
C ASP C 27 30.98 0.88 -45.77
N LEU C 28 31.19 -0.01 -44.81
CA LEU C 28 32.43 -0.77 -44.68
C LEU C 28 32.94 -1.27 -46.02
N LYS C 29 32.07 -1.86 -46.83
CA LYS C 29 32.47 -2.42 -48.12
C LYS C 29 33.12 -1.34 -48.98
N GLN C 30 32.38 -0.26 -49.25
CA GLN C 30 32.96 0.85 -50.01
C GLN C 30 33.94 1.66 -49.19
N ALA C 31 33.74 1.70 -47.86
CA ALA C 31 34.60 2.51 -47.01
C ALA C 31 36.04 2.01 -47.01
N GLY C 32 36.24 0.70 -47.18
CA GLY C 32 37.59 0.18 -47.24
C GLY C 32 38.37 0.76 -48.40
N GLU C 33 37.80 0.70 -49.60
CA GLU C 33 38.44 1.31 -50.77
C GLU C 33 38.53 2.82 -50.64
N GLU C 34 37.50 3.45 -50.06
CA GLU C 34 37.54 4.90 -49.88
C GLU C 34 38.73 5.30 -49.02
N ILE C 35 38.95 4.59 -47.91
CA ILE C 35 40.08 4.88 -47.04
C ILE C 35 41.39 4.55 -47.73
N ARG C 36 41.44 3.42 -48.44
CA ARG C 36 42.67 3.04 -49.13
C ARG C 36 43.08 4.08 -50.16
N ASP C 37 42.10 4.73 -50.81
CA ASP C 37 42.42 5.76 -51.77
C ASP C 37 42.70 7.11 -51.10
N ILE C 38 41.97 7.43 -50.04
CA ILE C 38 42.14 8.72 -49.38
C ILE C 38 43.49 8.81 -48.69
N VAL C 39 43.95 7.70 -48.10
CA VAL C 39 45.27 7.71 -47.46
C VAL C 39 46.36 7.97 -48.49
N ALA C 40 46.26 7.31 -49.65
CA ALA C 40 47.23 7.54 -50.71
C ALA C 40 47.17 8.98 -51.21
N GLU C 41 45.96 9.52 -51.37
CA GLU C 41 45.84 10.90 -51.83
C GLU C 41 46.45 11.87 -50.83
N LEU C 42 46.22 11.65 -49.54
CA LEU C 42 46.82 12.51 -48.52
C LEU C 42 48.33 12.38 -48.50
N VAL C 43 48.86 11.17 -48.65
CA VAL C 43 50.30 10.97 -48.66
C VAL C 43 50.93 11.69 -49.84
N ALA C 44 50.30 11.58 -51.02
CA ALA C 44 50.85 12.25 -52.20
C ALA C 44 50.76 13.77 -52.06
N ILE C 45 49.61 14.29 -51.62
CA ILE C 45 49.43 15.73 -51.53
C ILE C 45 50.27 16.30 -50.40
N LYS C 46 50.26 15.66 -49.23
CA LYS C 46 51.03 16.10 -48.08
C LYS C 46 52.23 15.17 -47.91
N ASN C 47 53.42 15.75 -47.88
CA ASN C 47 54.63 14.94 -47.81
C ASN C 47 54.59 14.04 -46.58
N VAL C 48 54.99 12.78 -46.77
CA VAL C 48 54.98 11.78 -45.71
C VAL C 48 56.33 11.09 -45.67
N SER C 49 56.75 10.69 -44.47
CA SER C 49 58.01 9.98 -44.29
C SER C 49 57.83 8.48 -44.13
N MET C 50 56.64 8.02 -43.76
CA MET C 50 56.41 6.59 -43.63
C MET C 50 56.52 5.90 -44.99
N SER C 51 56.93 4.64 -44.97
CA SER C 51 57.12 3.89 -46.20
C SER C 51 55.79 3.38 -46.75
N VAL C 52 55.87 2.71 -47.90
CA VAL C 52 54.66 2.14 -48.50
C VAL C 52 54.03 1.13 -47.57
N ALA C 53 54.84 0.25 -46.97
CA ALA C 53 54.33 -0.64 -45.94
C ALA C 53 53.78 0.15 -44.77
N GLU C 54 54.47 1.23 -44.37
CA GLU C 54 53.93 2.12 -43.35
C GLU C 54 52.65 2.81 -43.83
N GLN C 55 52.55 3.08 -45.13
CA GLN C 55 51.31 3.65 -45.67
C GLN C 55 50.15 2.68 -45.50
N GLU C 56 50.37 1.40 -45.80
CA GLU C 56 49.33 0.40 -45.60
C GLU C 56 49.00 0.25 -44.12
N HIS C 57 50.01 0.29 -43.26
CA HIS C 57 49.77 0.21 -41.82
C HIS C 57 48.90 1.37 -41.35
N LEU C 58 49.19 2.59 -41.84
CA LEU C 58 48.37 3.73 -41.46
C LEU C 58 46.97 3.64 -42.05
N VAL C 59 46.83 3.04 -43.23
CA VAL C 59 45.49 2.81 -43.79
C VAL C 59 44.69 1.89 -42.87
N GLN C 60 45.32 0.81 -42.41
CA GLN C 60 44.64 -0.10 -41.49
C GLN C 60 44.32 0.60 -40.17
N ASP C 61 45.23 1.45 -39.71
CA ASP C 61 44.96 2.21 -38.48
C ASP C 61 43.76 3.14 -38.67
N ILE C 62 43.66 3.77 -39.84
CA ILE C 62 42.49 4.61 -40.12
C ILE C 62 41.22 3.78 -40.12
N ILE C 63 41.28 2.59 -40.73
CA ILE C 63 40.11 1.72 -40.74
C ILE C 63 39.70 1.37 -39.32
N ASN C 64 40.67 1.03 -38.47
CA ASN C 64 40.36 0.69 -37.09
C ASN C 64 39.77 1.88 -36.34
N ASP C 65 40.34 3.07 -36.53
CA ASP C 65 39.88 4.24 -35.79
C ASP C 65 38.49 4.68 -36.25
N VAL C 66 38.17 4.48 -37.52
CA VAL C 66 36.90 4.94 -38.06
C VAL C 66 35.82 3.88 -37.82
N LEU C 67 36.03 2.68 -38.37
CA LEU C 67 35.07 1.60 -38.20
C LEU C 67 35.39 0.73 -36.99
N GLY C 68 36.62 0.22 -36.89
CA GLY C 68 36.98 -0.68 -35.81
C GLY C 68 36.90 -0.03 -34.44
N TYR C 69 37.41 -0.73 -33.42
CA TYR C 69 37.41 -0.23 -32.06
C TYR C 69 38.62 0.64 -31.75
N GLY C 70 39.59 0.71 -32.65
CA GLY C 70 40.74 1.57 -32.49
C GLY C 70 41.73 1.04 -31.47
N PRO C 71 41.92 1.77 -30.36
CA PRO C 71 43.00 1.41 -29.43
C PRO C 71 42.94 -0.03 -28.95
N LEU C 72 41.74 -0.57 -28.74
CA LEU C 72 41.57 -1.91 -28.18
C LEU C 72 41.55 -2.99 -29.24
N GLU C 73 41.73 -2.65 -30.51
CA GLU C 73 41.71 -3.67 -31.56
C GLU C 73 42.79 -4.72 -31.37
N PRO C 74 44.04 -4.37 -31.09
CA PRO C 74 45.06 -5.43 -30.90
C PRO C 74 44.82 -6.24 -29.64
N LEU C 75 44.45 -5.59 -28.54
CA LEU C 75 44.31 -6.31 -27.27
C LEU C 75 43.25 -7.39 -27.35
N LEU C 76 42.10 -7.09 -27.96
CA LEU C 76 41.03 -8.07 -28.05
C LEU C 76 41.43 -9.30 -28.86
N ALA C 77 42.48 -9.20 -29.67
CA ALA C 77 42.93 -10.33 -30.47
C ALA C 77 43.88 -11.25 -29.72
N ARG C 78 44.65 -10.72 -28.78
CA ARG C 78 45.63 -11.53 -28.06
C ARG C 78 44.91 -12.51 -27.14
N ASP C 79 45.30 -13.79 -27.23
CA ASP C 79 44.70 -14.84 -26.41
C ASP C 79 45.32 -14.93 -25.03
N ASP C 80 46.49 -14.33 -24.81
CA ASP C 80 47.14 -14.37 -23.50
C ASP C 80 46.60 -13.32 -22.54
N ILE C 81 45.68 -12.46 -22.98
CA ILE C 81 45.08 -11.44 -22.15
C ILE C 81 43.69 -11.91 -21.73
N ALA C 82 43.34 -11.67 -20.48
CA ALA C 82 42.06 -12.08 -19.92
C ALA C 82 41.14 -10.91 -19.61
N ASP C 83 41.67 -9.85 -19.01
CA ASP C 83 40.88 -8.67 -18.66
C ASP C 83 41.49 -7.43 -19.30
N ILE C 84 40.64 -6.47 -19.64
CA ILE C 84 41.04 -5.21 -20.24
C ILE C 84 40.30 -4.11 -19.49
N MET C 85 41.00 -3.46 -18.56
CA MET C 85 40.43 -2.40 -17.75
C MET C 85 41.00 -1.06 -18.20
N VAL C 86 40.14 -0.04 -18.26
CA VAL C 86 40.49 1.24 -18.86
C VAL C 86 40.56 2.35 -17.80
N ASN C 87 39.44 2.68 -17.18
CA ASN C 87 39.40 3.66 -16.10
C ASN C 87 39.78 5.06 -16.54
N GLY C 88 40.00 5.29 -17.83
CA GLY C 88 40.43 6.59 -18.28
C GLY C 88 40.73 6.61 -19.75
N ALA C 89 41.53 7.60 -20.16
CA ALA C 89 41.88 7.80 -21.56
C ALA C 89 43.31 7.38 -21.89
N HIS C 90 44.27 7.68 -21.01
CA HIS C 90 45.66 7.34 -21.23
C HIS C 90 46.18 6.30 -20.26
N ARG C 91 45.36 5.85 -19.31
CA ARG C 91 45.78 4.97 -18.22
C ARG C 91 45.02 3.66 -18.34
N VAL C 92 45.57 2.70 -19.07
CA VAL C 92 44.92 1.44 -19.36
C VAL C 92 45.79 0.30 -18.86
N PHE C 93 45.17 -0.65 -18.15
CA PHE C 93 45.85 -1.81 -17.60
C PHE C 93 45.35 -3.08 -18.30
N ILE C 94 46.07 -4.17 -18.08
CA ILE C 94 45.68 -5.49 -18.59
C ILE C 94 46.10 -6.55 -17.59
N GLU C 95 45.61 -7.77 -17.79
CA GLU C 95 45.92 -8.90 -16.92
C GLU C 95 46.45 -10.03 -17.79
N VAL C 96 47.70 -10.43 -17.54
CA VAL C 96 48.32 -11.55 -18.24
C VAL C 96 48.97 -12.44 -17.18
N GLY C 97 48.54 -13.70 -17.13
CA GLY C 97 49.11 -14.64 -16.17
C GLY C 97 48.84 -14.30 -14.72
N GLY C 98 47.61 -13.88 -14.40
CA GLY C 98 47.25 -13.60 -13.03
C GLY C 98 47.51 -12.16 -12.62
N LYS C 99 48.77 -11.75 -12.67
CA LYS C 99 49.12 -10.40 -12.26
C LYS C 99 48.50 -9.36 -13.20
N VAL C 100 48.55 -8.10 -12.78
CA VAL C 100 48.00 -6.98 -13.54
C VAL C 100 49.13 -6.02 -13.85
N GLN C 101 49.23 -5.60 -15.11
CA GLN C 101 50.30 -4.74 -15.55
C GLN C 101 49.74 -3.55 -16.34
N LEU C 102 50.34 -2.39 -16.12
CA LEU C 102 49.99 -1.19 -16.87
C LEU C 102 50.54 -1.29 -18.29
N THR C 103 49.94 -0.52 -19.19
CA THR C 103 50.28 -0.55 -20.61
C THR C 103 50.52 0.86 -21.11
N ASN C 104 51.27 0.95 -22.21
CA ASN C 104 51.56 2.22 -22.87
C ASN C 104 50.65 2.37 -24.07
N VAL C 105 49.41 2.78 -23.80
CA VAL C 105 48.40 2.99 -24.84
C VAL C 105 47.55 4.18 -24.41
N ARG C 106 47.18 5.00 -25.40
CA ARG C 106 46.50 6.26 -25.13
C ARG C 106 45.28 6.42 -26.04
N PHE C 107 44.18 6.88 -25.45
CA PHE C 107 43.04 7.35 -26.22
C PHE C 107 43.32 8.77 -26.71
N ARG C 108 42.30 9.41 -27.28
CA ARG C 108 42.40 10.81 -27.65
C ARG C 108 41.75 11.73 -26.61
N ASP C 109 40.63 11.32 -26.02
CA ASP C 109 39.96 12.12 -25.00
C ASP C 109 38.79 11.36 -24.39
N ASN C 110 38.12 11.97 -23.41
CA ASN C 110 36.98 11.32 -22.78
C ASN C 110 35.85 11.08 -23.77
N LEU C 111 35.63 12.02 -24.70
CA LEU C 111 34.58 11.83 -25.68
C LEU C 111 34.83 10.57 -26.50
N GLN C 112 36.09 10.29 -26.84
CA GLN C 112 36.39 9.04 -27.53
C GLN C 112 36.11 7.84 -26.66
N LEU C 113 36.35 7.95 -25.34
CA LEU C 113 35.97 6.87 -24.44
C LEU C 113 34.48 6.58 -24.52
N MET C 114 33.67 7.65 -24.46
CA MET C 114 32.22 7.46 -24.57
C MET C 114 31.85 6.84 -25.91
N ASN C 115 32.46 7.32 -26.98
CA ASN C 115 32.17 6.79 -28.32
C ASN C 115 32.46 5.30 -28.38
N ILE C 116 33.65 4.89 -27.94
CA ILE C 116 34.03 3.48 -28.01
C ILE C 116 33.13 2.64 -27.11
N CYS C 117 32.85 3.12 -25.90
CA CYS C 117 32.01 2.37 -24.99
C CYS C 117 30.64 2.13 -25.60
N GLN C 118 30.01 3.18 -26.13
CA GLN C 118 28.68 3.02 -26.72
C GLN C 118 28.72 2.13 -27.95
N ARG C 119 29.71 2.31 -28.82
CA ARG C 119 29.77 1.51 -30.04
C ARG C 119 30.09 0.06 -29.77
N ILE C 120 30.68 -0.26 -28.62
CA ILE C 120 30.95 -1.66 -28.29
C ILE C 120 29.82 -2.29 -27.48
N VAL C 121 29.12 -1.51 -26.65
CA VAL C 121 28.02 -2.07 -25.86
C VAL C 121 26.70 -2.06 -26.62
N SER C 122 26.62 -1.38 -27.76
CA SER C 122 25.39 -1.39 -28.55
C SER C 122 25.15 -2.72 -29.24
N GLN C 123 26.16 -3.60 -29.30
CA GLN C 123 26.01 -4.84 -30.04
C GLN C 123 24.95 -5.76 -29.45
N VAL C 124 24.53 -5.52 -28.21
CA VAL C 124 23.52 -6.37 -27.56
C VAL C 124 22.34 -5.51 -27.10
N GLY C 125 22.13 -4.39 -27.78
CA GLY C 125 20.96 -3.57 -27.54
C GLY C 125 21.04 -2.67 -26.32
N ARG C 126 22.15 -2.66 -25.60
CA ARG C 126 22.29 -1.78 -24.45
C ARG C 126 22.58 -0.35 -24.90
N ARG C 127 22.26 0.60 -24.03
CA ARG C 127 22.55 2.00 -24.27
C ARG C 127 22.86 2.67 -22.93
N VAL C 128 24.01 3.33 -22.86
CA VAL C 128 24.47 4.00 -21.66
C VAL C 128 24.82 5.43 -22.01
N ASP C 129 24.29 6.38 -21.23
CA ASP C 129 24.55 7.80 -21.45
C ASP C 129 24.35 8.53 -20.13
N GLU C 130 24.36 9.86 -20.19
CA GLU C 130 24.21 10.64 -18.96
C GLU C 130 22.91 10.32 -18.24
N SER C 131 21.87 9.96 -18.98
CA SER C 131 20.60 9.60 -18.35
C SER C 131 20.60 8.17 -17.84
N SER C 132 21.38 7.28 -18.46
CA SER C 132 21.53 5.90 -18.02
C SER C 132 22.97 5.66 -17.63
N PRO C 133 23.33 5.76 -16.34
CA PRO C 133 24.75 5.76 -15.97
C PRO C 133 25.44 4.41 -16.16
N ILE C 134 24.80 3.34 -15.71
CA ILE C 134 25.45 2.04 -15.58
C ILE C 134 25.02 1.13 -16.72
N CYS C 135 25.98 0.34 -17.22
CA CYS C 135 25.69 -0.66 -18.23
C CYS C 135 26.46 -1.93 -17.92
N ASP C 136 25.81 -3.07 -18.12
CA ASP C 136 26.41 -4.38 -17.87
C ASP C 136 25.78 -5.37 -18.83
N ALA C 137 26.60 -6.11 -19.56
CA ALA C 137 26.06 -6.99 -20.60
C ALA C 137 27.04 -8.12 -20.89
N ARG C 138 26.55 -9.10 -21.64
CA ARG C 138 27.31 -10.28 -22.07
C ARG C 138 27.29 -10.30 -23.59
N LEU C 139 28.42 -9.97 -24.21
CA LEU C 139 28.49 -9.85 -25.65
C LEU C 139 28.42 -11.23 -26.31
N PRO C 140 28.06 -11.27 -27.60
CA PRO C 140 27.96 -12.59 -28.28
C PRO C 140 29.26 -13.36 -28.30
N ASP C 141 30.40 -12.68 -28.36
CA ASP C 141 31.67 -13.39 -28.46
C ASP C 141 31.99 -14.20 -27.21
N GLY C 142 31.28 -13.98 -26.11
CA GLY C 142 31.54 -14.71 -24.88
C GLY C 142 32.37 -13.91 -23.91
N SER C 143 32.01 -12.65 -23.70
CA SER C 143 32.74 -11.76 -22.81
C SER C 143 31.76 -10.90 -22.03
N ARG C 144 32.20 -10.43 -20.87
CA ARG C 144 31.42 -9.53 -20.03
C ARG C 144 31.91 -8.10 -20.23
N VAL C 145 30.96 -7.16 -20.30
CA VAL C 145 31.27 -5.75 -20.47
C VAL C 145 30.53 -4.96 -19.41
N ASN C 146 31.23 -4.00 -18.83
CA ASN C 146 30.67 -3.13 -17.80
C ASN C 146 31.16 -1.71 -18.06
N VAL C 147 30.26 -0.74 -17.94
CA VAL C 147 30.59 0.66 -18.21
C VAL C 147 29.87 1.55 -17.20
N ILE C 148 30.59 2.56 -16.71
CA ILE C 148 30.06 3.53 -15.75
C ILE C 148 30.27 4.93 -16.32
N ALA C 149 29.27 5.79 -16.12
CA ALA C 149 29.14 7.09 -16.76
C ALA C 149 29.68 8.20 -15.86
N PRO C 150 29.80 9.41 -16.38
CA PRO C 150 30.47 10.49 -15.61
C PRO C 150 29.75 10.82 -14.32
N PRO C 151 28.42 11.10 -14.35
CA PRO C 151 27.75 11.65 -13.16
C PRO C 151 28.13 10.97 -11.86
N LEU C 152 28.48 9.69 -11.92
CA LEU C 152 28.93 8.95 -10.75
C LEU C 152 30.44 8.86 -10.65
N ALA C 153 31.12 8.59 -11.76
CA ALA C 153 32.57 8.42 -11.77
C ALA C 153 33.23 9.80 -11.76
N LEU C 154 33.76 10.20 -10.61
CA LEU C 154 34.42 11.50 -10.51
C LEU C 154 35.61 11.60 -11.46
N ASP C 155 36.41 10.54 -11.55
CA ASP C 155 37.56 10.55 -12.43
C ASP C 155 37.17 10.44 -13.91
N GLY C 156 35.92 10.14 -14.19
CA GLY C 156 35.46 9.98 -15.56
C GLY C 156 34.88 8.59 -15.78
N PRO C 157 34.20 8.40 -16.91
CA PRO C 157 33.59 7.09 -17.17
C PRO C 157 34.63 5.98 -17.19
N THR C 158 34.21 4.79 -16.75
CA THR C 158 35.12 3.66 -16.62
C THR C 158 34.57 2.47 -17.40
N LEU C 159 35.49 1.64 -17.89
CA LEU C 159 35.18 0.49 -18.72
C LEU C 159 35.87 -0.75 -18.15
N THR C 160 35.19 -1.90 -18.25
CA THR C 160 35.73 -3.16 -17.78
C THR C 160 35.30 -4.27 -18.72
N ILE C 161 36.27 -5.10 -19.14
CA ILE C 161 36.02 -6.19 -20.07
C ILE C 161 36.69 -7.43 -19.53
N ARG C 162 36.05 -8.58 -19.74
CA ARG C 162 36.57 -9.87 -19.28
C ARG C 162 36.65 -10.83 -20.47
N LYS C 163 36.97 -12.09 -20.18
CA LYS C 163 37.05 -13.13 -21.19
C LYS C 163 36.55 -14.44 -20.60
N PHE C 164 36.19 -15.36 -21.48
CA PHE C 164 35.69 -16.69 -21.09
C PHE C 164 36.87 -17.65 -21.16
N LYS C 165 37.40 -18.02 -19.99
CA LYS C 165 38.56 -18.90 -19.95
C LYS C 165 38.26 -20.22 -20.62
N LYS C 166 39.23 -20.72 -21.40
CA LYS C 166 39.06 -21.95 -22.16
C LYS C 166 40.04 -23.05 -21.77
N ASP C 167 40.78 -22.86 -20.67
CA ASP C 167 41.73 -23.86 -20.18
C ASP C 167 41.46 -24.07 -18.69
N LYS C 168 40.55 -24.98 -18.38
CA LYS C 168 40.16 -25.28 -17.02
C LYS C 168 40.81 -26.58 -16.56
N LEU C 169 41.18 -26.62 -15.28
CA LEU C 169 41.92 -27.75 -14.73
C LEU C 169 41.09 -29.02 -14.84
N THR C 170 41.65 -30.05 -15.48
CA THR C 170 41.01 -31.35 -15.56
C THR C 170 41.32 -32.16 -14.31
N MET C 171 40.64 -33.30 -14.19
CA MET C 171 40.81 -34.14 -13.01
C MET C 171 42.26 -34.58 -12.86
N LYS C 172 42.91 -34.91 -13.97
CA LYS C 172 44.32 -35.29 -13.92
C LYS C 172 45.16 -34.16 -13.33
N ASN C 173 44.84 -32.92 -13.67
CA ASN C 173 45.58 -31.79 -13.09
C ASN C 173 45.39 -31.73 -11.58
N LEU C 174 44.15 -31.82 -11.12
CA LEU C 174 43.91 -31.83 -9.67
C LEU C 174 44.66 -32.96 -9.00
N VAL C 175 44.77 -34.11 -9.67
CA VAL C 175 45.60 -35.20 -9.12
C VAL C 175 47.05 -34.75 -9.02
N GLU C 176 47.55 -34.09 -10.07
CA GLU C 176 48.94 -33.63 -10.06
C GLU C 176 49.18 -32.62 -8.95
N PHE C 177 48.26 -31.66 -8.79
CA PHE C 177 48.42 -30.64 -7.76
C PHE C 177 48.26 -31.20 -6.35
N ALA C 178 48.02 -32.49 -6.20
CA ALA C 178 47.94 -33.14 -4.89
C ALA C 178 46.87 -32.48 -4.02
N SER C 179 45.71 -32.22 -4.62
CA SER C 179 44.55 -31.75 -3.88
C SER C 179 43.53 -32.85 -3.61
N ILE C 180 43.64 -33.98 -4.29
CA ILE C 180 42.77 -35.14 -4.04
C ILE C 180 43.56 -36.39 -4.40
N SER C 181 43.61 -37.33 -3.47
CA SER C 181 44.39 -38.54 -3.69
C SER C 181 43.82 -39.32 -4.87
N PRO C 182 44.64 -40.08 -5.59
CA PRO C 182 44.12 -40.84 -6.74
C PRO C 182 42.96 -41.75 -6.40
N GLU C 183 42.96 -42.35 -5.20
CA GLU C 183 41.79 -43.10 -4.77
C GLU C 183 40.57 -42.19 -4.69
N GLY C 184 40.76 -40.97 -4.18
CA GLY C 184 39.68 -40.00 -4.20
C GLY C 184 39.20 -39.71 -5.61
N ALA C 185 40.14 -39.61 -6.56
CA ALA C 185 39.74 -39.40 -7.95
C ALA C 185 38.90 -40.56 -8.47
N ARG C 186 39.30 -41.78 -8.14
CA ARG C 186 38.54 -42.94 -8.59
C ARG C 186 37.14 -42.94 -7.99
N VAL C 187 37.03 -42.61 -6.70
CA VAL C 187 35.72 -42.58 -6.05
C VAL C 187 34.85 -41.48 -6.64
N LEU C 188 35.44 -40.33 -6.93
CA LEU C 188 34.68 -39.25 -7.57
C LEU C 188 34.21 -39.66 -8.95
N GLY C 189 35.06 -40.36 -9.70
CA GLY C 189 34.65 -40.86 -11.01
C GLY C 189 33.51 -41.85 -10.89
N VAL C 190 33.52 -42.68 -9.85
CA VAL C 190 32.40 -43.58 -9.60
C VAL C 190 31.13 -42.76 -9.34
N ILE C 191 31.24 -41.77 -8.44
CA ILE C 191 30.05 -41.00 -8.06
C ILE C 191 29.47 -40.27 -9.25
N GLY C 192 30.31 -39.66 -10.06
CA GLY C 192 29.86 -38.87 -11.20
C GLY C 192 28.82 -39.57 -12.04
N ALA C 193 29.14 -40.76 -12.54
CA ALA C 193 28.20 -41.53 -13.33
C ALA C 193 27.22 -42.32 -12.48
N CYS C 194 27.40 -42.33 -11.16
CA CYS C 194 26.49 -43.05 -10.28
C CYS C 194 25.18 -42.31 -10.05
N ARG C 195 25.04 -41.09 -10.57
CA ARG C 195 23.82 -40.30 -10.51
C ARG C 195 23.51 -39.78 -9.12
N CYS C 196 24.47 -39.83 -8.20
CA CYS C 196 24.26 -39.28 -6.86
C CYS C 196 24.10 -37.77 -6.92
N ASN C 197 23.26 -37.24 -6.04
CA ASN C 197 22.97 -35.81 -5.99
C ASN C 197 23.95 -35.15 -5.03
N LEU C 198 25.13 -34.81 -5.54
CA LEU C 198 26.17 -34.19 -4.74
C LEU C 198 25.88 -32.71 -4.54
N VAL C 199 26.42 -32.15 -3.46
CA VAL C 199 26.28 -30.74 -3.14
C VAL C 199 27.64 -30.24 -2.67
N ILE C 200 28.34 -29.52 -3.53
CA ILE C 200 29.69 -29.07 -3.22
C ILE C 200 29.62 -27.90 -2.25
N SER C 201 30.47 -27.90 -1.25
CA SER C 201 30.54 -26.84 -0.24
C SER C 201 31.98 -26.43 -0.02
N GLY C 202 32.18 -25.16 0.30
CA GLY C 202 33.51 -24.65 0.54
C GLY C 202 33.52 -23.16 0.72
N GLY C 203 34.62 -22.66 1.24
CA GLY C 203 34.82 -21.24 1.45
C GLY C 203 35.11 -20.52 0.14
N THR C 204 35.11 -19.19 0.23
CA THR C 204 35.32 -18.37 -0.96
C THR C 204 36.65 -18.70 -1.62
N GLY C 205 36.61 -18.83 -2.94
CA GLY C 205 37.83 -19.11 -3.69
C GLY C 205 38.52 -20.39 -3.28
N SER C 206 37.74 -21.43 -2.95
CA SER C 206 38.29 -22.71 -2.53
C SER C 206 38.26 -23.74 -3.64
N GLY C 207 37.89 -23.36 -4.85
CA GLY C 207 37.87 -24.30 -5.97
C GLY C 207 36.56 -24.99 -6.20
N LYS C 208 35.44 -24.31 -5.94
CA LYS C 208 34.14 -24.96 -6.07
C LYS C 208 33.76 -25.14 -7.54
N THR C 209 33.78 -24.06 -8.31
CA THR C 209 33.32 -24.13 -9.69
C THR C 209 34.19 -25.07 -10.51
N THR C 210 35.51 -25.04 -10.29
CA THR C 210 36.40 -25.94 -11.02
C THR C 210 36.10 -27.39 -10.68
N LEU C 211 35.85 -27.69 -9.41
CA LEU C 211 35.52 -29.05 -9.03
C LEU C 211 34.21 -29.49 -9.66
N LEU C 212 33.20 -28.62 -9.68
CA LEU C 212 31.94 -28.95 -10.32
C LEU C 212 32.13 -29.21 -11.81
N ASN C 213 32.95 -28.39 -12.47
CA ASN C 213 33.20 -28.58 -13.89
C ASN C 213 33.89 -29.92 -14.13
N THR C 214 34.86 -30.27 -13.28
CA THR C 214 35.51 -31.57 -13.42
C THR C 214 34.53 -32.70 -13.23
N MET C 215 33.63 -32.57 -12.25
CA MET C 215 32.64 -33.62 -12.01
C MET C 215 31.70 -33.78 -13.20
N THR C 216 31.31 -32.68 -13.83
CA THR C 216 30.34 -32.76 -14.92
C THR C 216 30.83 -33.64 -16.06
N ALA C 217 32.14 -33.83 -16.20
CA ALA C 217 32.67 -34.60 -17.32
C ALA C 217 32.31 -36.07 -17.28
N PHE C 218 31.77 -36.56 -16.16
CA PHE C 218 31.43 -37.96 -16.01
C PHE C 218 30.01 -38.29 -16.47
N ILE C 219 29.29 -37.32 -17.03
CA ILE C 219 27.93 -37.55 -17.49
C ILE C 219 27.97 -38.30 -18.81
N ASP C 220 27.11 -39.31 -18.94
CA ASP C 220 26.98 -40.02 -20.20
C ASP C 220 26.37 -39.08 -21.25
N PRO C 221 26.83 -39.15 -22.51
CA PRO C 221 26.35 -38.18 -23.51
C PRO C 221 24.86 -38.28 -23.84
N THR C 222 24.16 -39.31 -23.35
CA THR C 222 22.78 -39.55 -23.71
C THR C 222 21.78 -38.93 -22.73
N GLU C 223 22.15 -37.82 -22.07
CA GLU C 223 21.29 -37.20 -21.08
C GLU C 223 21.15 -35.71 -21.37
N ARG C 224 19.94 -35.19 -21.15
CA ARG C 224 19.71 -33.75 -21.21
C ARG C 224 20.22 -33.10 -19.93
N VAL C 225 21.07 -32.08 -20.08
CA VAL C 225 21.59 -31.34 -18.94
C VAL C 225 21.21 -29.88 -19.13
N VAL C 226 20.57 -29.30 -18.12
CA VAL C 226 20.17 -27.90 -18.13
C VAL C 226 20.89 -27.22 -16.96
N THR C 227 21.72 -26.24 -17.28
CA THR C 227 22.53 -25.54 -16.29
C THR C 227 21.99 -24.14 -16.07
N CYS C 228 21.79 -23.77 -14.82
CA CYS C 228 21.29 -22.45 -14.43
C CYS C 228 22.41 -21.71 -13.72
N GLU C 229 23.08 -20.81 -14.44
CA GLU C 229 24.20 -20.07 -13.90
C GLU C 229 23.87 -18.59 -13.79
N ASP C 230 24.73 -17.86 -13.07
CA ASP C 230 24.65 -16.41 -12.98
C ASP C 230 25.80 -15.71 -13.70
N ALA C 231 26.87 -16.41 -14.04
CA ALA C 231 28.03 -15.82 -14.68
C ALA C 231 28.50 -16.57 -15.92
N ALA C 232 27.93 -17.74 -16.23
CA ALA C 232 28.30 -18.51 -17.42
C ALA C 232 29.79 -18.87 -17.39
N GLU C 233 30.15 -19.66 -16.38
CA GLU C 233 31.52 -20.14 -16.21
C GLU C 233 31.73 -21.56 -16.69
N LEU C 234 30.75 -22.44 -16.50
CA LEU C 234 30.91 -23.84 -16.87
C LEU C 234 30.94 -24.03 -18.38
N GLN C 235 31.63 -25.09 -18.79
CA GLN C 235 31.60 -25.54 -20.18
C GLN C 235 31.67 -27.06 -20.17
N LEU C 236 30.77 -27.71 -20.89
CA LEU C 236 30.64 -29.15 -20.89
C LEU C 236 30.94 -29.70 -22.29
N GLN C 237 31.58 -30.86 -22.33
CA GLN C 237 31.92 -31.52 -23.57
C GLN C 237 30.79 -32.42 -24.09
N GLN C 238 29.66 -32.46 -23.39
CA GLN C 238 28.54 -33.27 -23.84
C GLN C 238 27.92 -32.66 -25.10
N PRO C 239 27.24 -33.47 -25.91
CA PRO C 239 26.56 -32.95 -27.11
C PRO C 239 25.15 -32.43 -26.89
N HIS C 240 24.68 -32.39 -25.64
CA HIS C 240 23.29 -32.01 -25.36
C HIS C 240 23.28 -31.24 -24.05
N VAL C 241 23.22 -29.92 -24.14
CA VAL C 241 23.22 -29.05 -22.96
C VAL C 241 22.41 -27.79 -23.29
N VAL C 242 21.62 -27.34 -22.32
CA VAL C 242 20.81 -26.13 -22.46
C VAL C 242 21.30 -25.15 -21.41
N ARG C 243 22.23 -24.28 -21.79
CA ARG C 243 22.76 -23.29 -20.87
C ARG C 243 21.75 -22.17 -20.66
N LEU C 244 21.53 -21.79 -19.40
CA LEU C 244 20.64 -20.70 -19.05
C LEU C 244 21.37 -19.73 -18.15
N GLU C 245 20.87 -18.49 -18.10
CA GLU C 245 21.46 -17.44 -17.28
C GLU C 245 20.37 -16.50 -16.80
N THR C 246 20.51 -16.03 -15.57
CA THR C 246 19.53 -15.12 -14.99
C THR C 246 19.70 -13.71 -15.57
N ARG C 247 18.93 -12.77 -15.04
CA ARG C 247 19.01 -11.38 -15.46
C ARG C 247 18.71 -10.49 -14.25
N PRO C 248 19.62 -9.59 -13.87
CA PRO C 248 19.34 -8.71 -12.74
C PRO C 248 18.37 -7.62 -13.15
N PRO C 249 17.78 -6.90 -12.20
CA PRO C 249 16.86 -5.82 -12.55
C PRO C 249 17.56 -4.69 -13.30
N ASN C 250 17.20 -4.50 -14.57
CA ASN C 250 17.82 -3.47 -15.39
C ASN C 250 17.30 -2.08 -15.09
N LEU C 251 16.28 -1.97 -14.24
CA LEU C 251 15.71 -0.68 -13.87
C LEU C 251 15.32 -0.79 -12.39
N GLU C 252 14.41 0.07 -11.95
CA GLU C 252 14.06 0.10 -10.52
C GLU C 252 13.13 -1.07 -10.19
N GLY C 253 13.67 -2.28 -10.19
CA GLY C 253 12.89 -3.46 -9.84
C GLY C 253 12.04 -4.02 -10.95
N SER C 254 12.42 -3.78 -12.21
CA SER C 254 11.65 -4.25 -13.37
C SER C 254 12.48 -5.21 -14.19
N GLY C 255 11.85 -6.28 -14.67
CA GLY C 255 12.50 -7.23 -15.55
C GLY C 255 13.35 -8.27 -14.87
N ALA C 256 13.32 -8.35 -13.54
CA ALA C 256 14.14 -9.32 -12.83
C ALA C 256 13.69 -10.73 -13.12
N VAL C 257 14.66 -11.62 -13.35
CA VAL C 257 14.42 -13.05 -13.52
C VAL C 257 15.35 -13.76 -12.53
N THR C 258 14.87 -14.00 -11.32
CA THR C 258 15.69 -14.60 -10.30
C THR C 258 15.97 -16.07 -10.63
N MET C 259 17.08 -16.58 -10.08
CA MET C 259 17.44 -17.97 -10.33
C MET C 259 16.34 -18.93 -9.90
N ARG C 260 15.53 -18.53 -8.92
CA ARG C 260 14.39 -19.35 -8.53
C ARG C 260 13.47 -19.58 -9.73
N ASP C 261 13.21 -18.53 -10.51
CA ASP C 261 12.34 -18.67 -11.67
C ASP C 261 12.92 -19.65 -12.68
N LEU C 262 14.22 -19.55 -12.95
CA LEU C 262 14.84 -20.47 -13.91
C LEU C 262 14.78 -21.90 -13.42
N VAL C 263 15.09 -22.14 -12.15
CA VAL C 263 15.06 -23.50 -11.62
C VAL C 263 13.64 -24.04 -11.66
N LYS C 264 12.65 -23.20 -11.36
CA LYS C 264 11.27 -23.65 -11.39
C LYS C 264 10.83 -23.97 -12.82
N ASN C 265 11.27 -23.16 -13.79
CA ASN C 265 10.91 -23.41 -15.18
C ASN C 265 11.56 -24.70 -15.69
N CYS C 266 12.80 -24.97 -15.27
CA CYS C 266 13.50 -26.15 -15.77
C CYS C 266 12.74 -27.43 -15.46
N LEU C 267 11.93 -27.43 -14.39
CA LEU C 267 11.19 -28.64 -14.04
C LEU C 267 10.25 -29.10 -15.16
N ARG C 268 9.88 -28.19 -16.07
CA ARG C 268 8.94 -28.53 -17.14
C ARG C 268 9.61 -28.85 -18.46
N MET C 269 10.89 -28.54 -18.63
CA MET C 269 11.61 -28.83 -19.86
C MET C 269 12.07 -30.28 -19.95
N ARG C 270 11.61 -31.14 -19.05
CA ARG C 270 12.01 -32.54 -19.02
C ARG C 270 13.53 -32.70 -19.01
N PRO C 271 14.22 -32.13 -18.03
CA PRO C 271 15.67 -32.36 -17.91
C PRO C 271 15.96 -33.75 -17.36
N GLU C 272 17.17 -34.22 -17.61
CA GLU C 272 17.65 -35.43 -16.97
C GLU C 272 18.44 -35.16 -15.70
N ARG C 273 18.97 -33.94 -15.54
CA ARG C 273 19.58 -33.51 -14.29
C ARG C 273 19.81 -32.01 -14.35
N ILE C 274 19.52 -31.33 -13.25
CA ILE C 274 19.65 -29.88 -13.15
C ILE C 274 20.96 -29.56 -12.43
N ILE C 275 21.78 -28.73 -13.04
CA ILE C 275 23.05 -28.28 -12.46
C ILE C 275 22.92 -26.79 -12.19
N VAL C 276 23.12 -26.40 -10.94
CA VAL C 276 23.00 -25.01 -10.52
C VAL C 276 24.39 -24.43 -10.32
N GLY C 277 24.50 -23.12 -10.59
CA GLY C 277 25.79 -22.44 -10.45
C GLY C 277 26.16 -22.16 -9.02
N GLU C 278 25.29 -21.46 -8.30
CA GLU C 278 25.54 -21.16 -6.89
C GLU C 278 24.19 -20.93 -6.22
N VAL C 279 23.87 -21.77 -5.24
CA VAL C 279 22.59 -21.70 -4.53
C VAL C 279 22.71 -20.64 -3.44
N ARG C 280 22.10 -19.48 -3.66
CA ARG C 280 22.16 -18.37 -2.72
C ARG C 280 20.81 -18.08 -2.07
N GLY C 281 19.78 -17.84 -2.87
CA GLY C 281 18.49 -17.44 -2.35
C GLY C 281 17.62 -18.63 -1.98
N PRO C 282 16.30 -18.45 -2.05
CA PRO C 282 15.40 -19.58 -1.73
C PRO C 282 15.38 -20.67 -2.78
N GLU C 283 16.00 -20.45 -3.94
CA GLU C 283 15.99 -21.47 -4.99
C GLU C 283 16.39 -22.84 -4.47
N ALA C 284 17.14 -22.90 -3.37
CA ALA C 284 17.54 -24.17 -2.82
C ALA C 284 16.34 -25.10 -2.70
N PHE C 285 15.25 -24.61 -2.14
CA PHE C 285 14.05 -25.44 -1.98
C PHE C 285 13.67 -26.05 -3.31
N ASP C 286 13.50 -25.22 -4.35
CA ASP C 286 13.16 -25.74 -5.66
C ASP C 286 14.16 -26.80 -6.10
N LEU C 287 15.45 -26.49 -5.94
CA LEU C 287 16.48 -27.45 -6.33
C LEU C 287 16.26 -28.77 -5.62
N LEU C 288 15.95 -28.73 -4.32
CA LEU C 288 15.73 -29.98 -3.60
C LEU C 288 14.55 -30.75 -4.20
N GLN C 289 13.49 -30.04 -4.58
CA GLN C 289 12.39 -30.70 -5.26
C GLN C 289 12.89 -31.40 -6.52
N ALA C 290 13.75 -30.72 -7.29
CA ALA C 290 14.36 -31.37 -8.44
C ALA C 290 15.16 -32.59 -8.01
N MET C 291 15.90 -32.47 -6.92
CA MET C 291 16.66 -33.62 -6.43
C MET C 291 15.76 -34.74 -5.94
N ASN C 292 14.47 -34.47 -5.75
CA ASN C 292 13.55 -35.45 -5.19
C ASN C 292 12.61 -36.06 -6.21
N THR C 293 12.13 -35.28 -7.18
CA THR C 293 11.11 -35.76 -8.12
C THR C 293 11.78 -36.32 -9.38
N GLY C 294 12.54 -37.40 -9.18
CA GLY C 294 13.04 -38.19 -10.29
C GLY C 294 13.98 -37.46 -11.22
N HIS C 295 14.85 -36.59 -10.69
CA HIS C 295 15.96 -36.01 -11.44
C HIS C 295 17.28 -36.34 -10.77
N ASP C 296 17.43 -37.58 -10.33
CA ASP C 296 18.66 -38.01 -9.68
C ASP C 296 19.86 -37.72 -10.57
N GLY C 297 20.75 -36.85 -10.10
CA GLY C 297 21.91 -36.45 -10.89
C GLY C 297 22.21 -34.98 -10.78
N SER C 298 21.32 -34.23 -10.13
CA SER C 298 21.51 -32.80 -9.99
C SER C 298 22.77 -32.50 -9.20
N MET C 299 23.19 -31.24 -9.25
CA MET C 299 24.38 -30.79 -8.54
C MET C 299 24.19 -29.35 -8.11
N GLY C 300 25.02 -28.90 -7.17
CA GLY C 300 24.91 -27.55 -6.67
C GLY C 300 26.17 -27.14 -5.94
N THR C 301 26.26 -25.85 -5.67
CA THR C 301 27.42 -25.29 -4.96
C THR C 301 26.93 -24.19 -4.04
N LEU C 302 27.07 -24.38 -2.74
CA LEU C 302 26.73 -23.37 -1.74
C LEU C 302 28.02 -22.86 -1.09
N HIS C 303 27.85 -21.97 -0.11
CA HIS C 303 28.97 -21.31 0.55
C HIS C 303 28.94 -21.64 2.04
N ALA C 304 29.63 -22.73 2.41
CA ALA C 304 29.74 -23.15 3.79
C ALA C 304 31.16 -23.62 4.06
N ASN C 305 31.50 -23.74 5.34
CA ASN C 305 32.85 -24.12 5.75
C ASN C 305 32.98 -25.62 6.01
N SER C 306 31.98 -26.23 6.63
CA SER C 306 31.96 -27.67 6.90
C SER C 306 30.61 -28.23 6.51
N PRO C 307 30.53 -29.53 6.20
CA PRO C 307 29.25 -30.08 5.74
C PRO C 307 28.11 -29.85 6.71
N ARG C 308 28.37 -29.88 8.03
CA ARG C 308 27.32 -29.54 8.98
C ARG C 308 26.81 -28.12 8.74
N GLU C 309 27.74 -27.17 8.55
CA GLU C 309 27.31 -25.82 8.25
C GLU C 309 26.64 -25.73 6.89
N ALA C 310 27.01 -26.62 5.95
CA ALA C 310 26.31 -26.66 4.68
C ALA C 310 24.85 -27.04 4.88
N ILE C 311 24.59 -28.05 5.71
CA ILE C 311 23.21 -28.44 6.00
C ILE C 311 22.47 -27.30 6.69
N SER C 312 23.13 -26.65 7.66
CA SER C 312 22.49 -25.53 8.34
C SER C 312 22.15 -24.40 7.37
N ARG C 313 23.06 -24.10 6.45
CA ARG C 313 22.81 -23.05 5.47
C ARG C 313 21.70 -23.43 4.51
N ILE C 314 21.62 -24.71 4.13
CA ILE C 314 20.51 -25.14 3.28
C ILE C 314 19.18 -24.93 4.00
N GLU C 315 19.12 -25.31 5.29
CA GLU C 315 17.90 -25.10 6.05
C GLU C 315 17.57 -23.61 6.15
N SER C 316 18.57 -22.78 6.38
CA SER C 316 18.34 -21.34 6.47
C SER C 316 17.82 -20.78 5.16
N MET C 317 18.40 -21.20 4.03
CA MET C 317 17.92 -20.74 2.73
C MET C 317 16.49 -21.16 2.49
N ILE C 318 16.15 -22.40 2.85
CA ILE C 318 14.77 -22.86 2.67
C ILE C 318 13.83 -22.01 3.51
N THR C 319 14.20 -21.75 4.77
CA THR C 319 13.33 -20.97 5.64
C THR C 319 13.22 -19.52 5.18
N MET C 320 14.23 -19.01 4.50
CA MET C 320 14.19 -17.63 4.03
C MET C 320 13.00 -17.40 3.10
N GLY C 321 12.61 -18.40 2.33
CA GLY C 321 11.50 -18.25 1.40
C GLY C 321 10.16 -17.99 2.06
N GLY C 322 10.06 -18.21 3.37
CA GLY C 322 8.83 -17.95 4.08
C GLY C 322 7.67 -18.84 3.67
N TYR C 323 7.92 -20.13 3.50
CA TYR C 323 6.87 -21.09 3.18
C TYR C 323 6.12 -21.60 4.40
N GLY C 324 6.56 -21.22 5.59
CA GLY C 324 5.90 -21.67 6.81
C GLY C 324 5.99 -23.16 7.02
N LEU C 325 7.17 -23.73 6.80
CA LEU C 325 7.38 -25.16 6.95
C LEU C 325 7.82 -25.49 8.37
N PRO C 326 7.55 -26.72 8.83
CA PRO C 326 8.13 -27.16 10.10
C PRO C 326 9.53 -27.72 9.91
N SER C 327 10.40 -27.42 10.87
CA SER C 327 11.82 -27.72 10.71
C SER C 327 12.06 -29.22 10.51
N LYS C 328 11.30 -30.06 11.21
CA LYS C 328 11.50 -31.50 11.08
C LYS C 328 11.21 -31.97 9.66
N THR C 329 10.17 -31.43 9.04
CA THR C 329 9.88 -31.79 7.65
C THR C 329 11.01 -31.35 6.72
N ILE C 330 11.58 -30.17 6.97
CA ILE C 330 12.71 -29.72 6.15
C ILE C 330 13.88 -30.67 6.31
N LYS C 331 14.16 -31.10 7.54
CA LYS C 331 15.26 -32.02 7.77
C LYS C 331 15.00 -33.36 7.08
N GLU C 332 13.76 -33.84 7.13
CA GLU C 332 13.44 -35.08 6.41
C GLU C 332 13.65 -34.92 4.91
N MET C 333 13.23 -33.77 4.35
CA MET C 333 13.41 -33.53 2.93
C MET C 333 14.90 -33.52 2.56
N ILE C 334 15.71 -32.83 3.37
CA ILE C 334 17.15 -32.78 3.09
C ILE C 334 17.75 -34.17 3.18
N VAL C 335 17.38 -34.93 4.22
CA VAL C 335 17.91 -36.28 4.39
C VAL C 335 17.58 -37.14 3.19
N GLY C 336 16.36 -37.02 2.67
CA GLY C 336 15.97 -37.81 1.51
C GLY C 336 16.49 -37.28 0.19
N SER C 337 16.97 -36.03 0.17
CA SER C 337 17.39 -35.38 -1.07
C SER C 337 18.90 -35.51 -1.31
N VAL C 338 19.71 -34.98 -0.40
CA VAL C 338 21.15 -34.91 -0.60
C VAL C 338 21.76 -36.28 -0.32
N ASP C 339 22.56 -36.78 -1.26
CA ASP C 339 23.25 -38.05 -1.11
C ASP C 339 24.74 -37.88 -0.80
N VAL C 340 25.39 -36.88 -1.38
CA VAL C 340 26.82 -36.65 -1.17
C VAL C 340 27.04 -35.17 -0.89
N ILE C 341 28.13 -34.89 -0.18
CA ILE C 341 28.54 -33.52 0.12
C ILE C 341 30.06 -33.50 0.04
N ILE C 342 30.60 -32.77 -0.92
CA ILE C 342 32.04 -32.65 -1.10
C ILE C 342 32.46 -31.30 -0.54
N GLN C 343 33.44 -31.30 0.36
CA GLN C 343 33.93 -30.09 1.00
C GLN C 343 35.25 -29.69 0.36
N ALA C 344 35.36 -28.43 -0.04
CA ALA C 344 36.55 -27.90 -0.69
C ALA C 344 36.97 -26.63 0.03
N ALA C 345 38.11 -26.67 0.69
CA ALA C 345 38.63 -25.53 1.45
C ALA C 345 40.00 -25.14 0.93
N ARG C 346 40.47 -23.97 1.36
CA ARG C 346 41.80 -23.51 1.08
C ARG C 346 42.52 -23.23 2.40
N LEU C 347 43.80 -23.58 2.46
CA LEU C 347 44.56 -23.53 3.70
C LEU C 347 45.44 -22.30 3.72
N ARG C 348 46.12 -22.09 4.87
CA ARG C 348 46.88 -20.87 5.09
C ARG C 348 48.05 -20.72 4.13
N ASP C 349 48.47 -21.79 3.45
CA ASP C 349 49.57 -21.72 2.49
C ASP C 349 49.11 -21.35 1.09
N GLY C 350 47.79 -21.23 0.87
CA GLY C 350 47.27 -20.87 -0.43
C GLY C 350 46.89 -22.04 -1.32
N SER C 351 47.16 -23.27 -0.90
CA SER C 351 46.80 -24.44 -1.69
C SER C 351 45.30 -24.71 -1.55
N ARG C 352 44.83 -25.74 -2.24
CA ARG C 352 43.43 -26.15 -2.19
C ARG C 352 43.35 -27.65 -1.93
N ARG C 353 42.43 -28.04 -1.06
CA ARG C 353 42.28 -29.43 -0.65
C ARG C 353 40.80 -29.81 -0.64
N ILE C 354 40.54 -31.10 -0.75
CA ILE C 354 39.20 -31.66 -0.63
C ILE C 354 39.15 -32.29 0.77
N THR C 355 38.68 -31.51 1.74
CA THR C 355 38.75 -31.97 3.12
C THR C 355 37.85 -33.18 3.37
N HIS C 356 36.62 -33.16 2.84
CA HIS C 356 35.65 -34.20 3.14
C HIS C 356 34.94 -34.65 1.87
N ILE C 357 34.62 -35.95 1.83
CA ILE C 357 33.65 -36.50 0.87
C ILE C 357 32.64 -37.26 1.72
N THR C 358 31.57 -36.59 2.13
CA THR C 358 30.66 -37.07 3.15
C THR C 358 29.36 -37.57 2.52
N GLU C 359 28.70 -38.48 3.22
CA GLU C 359 27.36 -38.93 2.88
C GLU C 359 26.47 -38.77 4.10
N VAL C 360 25.16 -38.68 3.86
CA VAL C 360 24.18 -38.43 4.91
C VAL C 360 23.60 -39.77 5.36
N VAL C 361 23.83 -40.11 6.63
CA VAL C 361 23.35 -41.39 7.16
C VAL C 361 21.83 -41.39 7.27
N GLY C 362 21.26 -40.26 7.66
CA GLY C 362 19.83 -40.16 7.82
C GLY C 362 19.49 -39.16 8.91
N LEU C 363 18.33 -39.35 9.52
CA LEU C 363 17.86 -38.50 10.61
C LEU C 363 17.51 -39.39 11.79
N GLU C 364 18.17 -39.15 12.92
CA GLU C 364 17.88 -39.84 14.17
C GLU C 364 17.40 -38.82 15.19
N GLY C 365 16.23 -39.07 15.78
CA GLY C 365 15.65 -38.11 16.69
C GLY C 365 15.36 -36.79 15.99
N ASP C 366 16.16 -35.76 16.30
CA ASP C 366 16.06 -34.46 15.64
C ASP C 366 17.43 -33.98 15.19
N VAL C 367 18.36 -34.90 14.97
CA VAL C 367 19.73 -34.57 14.60
C VAL C 367 20.07 -35.29 13.29
N ILE C 368 20.80 -34.59 12.43
CA ILE C 368 21.22 -35.14 11.14
C ILE C 368 22.62 -35.71 11.31
N VAL C 369 22.80 -36.98 10.95
CA VAL C 369 24.07 -37.67 11.12
C VAL C 369 24.65 -37.97 9.74
N THR C 370 25.97 -38.04 9.68
CA THR C 370 26.69 -38.25 8.43
C THR C 370 27.84 -39.22 8.64
N GLN C 371 28.16 -39.95 7.56
CA GLN C 371 29.35 -40.79 7.51
C GLN C 371 30.33 -40.19 6.51
N ASP C 372 31.60 -40.59 6.64
CA ASP C 372 32.67 -40.03 5.83
C ASP C 372 33.41 -41.13 5.09
N LEU C 373 33.89 -40.80 3.90
CA LEU C 373 34.69 -41.72 3.09
C LEU C 373 36.11 -41.23 2.86
N PHE C 374 36.38 -39.94 2.99
CA PHE C 374 37.73 -39.40 2.89
C PHE C 374 37.82 -38.16 3.77
N VAL C 375 38.87 -38.10 4.58
CA VAL C 375 39.12 -36.95 5.45
C VAL C 375 40.58 -36.55 5.32
N TYR C 376 40.82 -35.27 5.06
CA TYR C 376 42.17 -34.73 4.91
C TYR C 376 42.64 -34.27 6.28
N GLU C 377 43.64 -34.96 6.83
CA GLU C 377 44.18 -34.65 8.15
C GLU C 377 45.54 -33.99 8.00
N ILE C 378 45.73 -32.87 8.71
CA ILE C 378 46.97 -32.13 8.73
C ILE C 378 47.86 -32.70 9.82
N THR C 379 49.18 -32.65 9.61
CA THR C 379 50.14 -33.12 10.59
C THR C 379 51.16 -32.06 10.98
N GLY C 380 51.54 -31.19 10.06
CA GLY C 380 52.52 -30.16 10.37
C GLY C 380 52.91 -29.38 9.13
N GLU C 381 54.02 -28.69 9.23
CA GLU C 381 54.57 -27.89 8.13
C GLU C 381 55.97 -28.37 7.80
N ASP C 382 56.26 -28.44 6.49
CA ASP C 382 57.58 -28.86 6.05
C ASP C 382 58.60 -27.76 6.34
N GLU C 383 59.85 -28.00 5.92
CA GLU C 383 60.91 -27.04 6.21
C GLU C 383 60.62 -25.67 5.60
N HIS C 384 60.14 -25.65 4.36
CA HIS C 384 59.83 -24.38 3.72
C HIS C 384 58.70 -23.65 4.44
N GLY C 385 57.65 -24.37 4.82
CA GLY C 385 56.55 -23.77 5.54
C GLY C 385 55.19 -24.13 4.97
N LYS C 386 55.16 -24.99 3.95
CA LYS C 386 53.91 -25.40 3.34
C LYS C 386 53.17 -26.36 4.26
N VAL C 387 51.84 -26.39 4.10
CA VAL C 387 51.02 -27.29 4.91
C VAL C 387 51.30 -28.74 4.50
N VAL C 388 51.23 -29.63 5.49
CA VAL C 388 51.49 -31.05 5.27
C VAL C 388 50.34 -31.86 5.85
N GLY C 389 49.84 -32.80 5.06
CA GLY C 389 48.76 -33.66 5.52
C GLY C 389 48.47 -34.72 4.47
N LYS C 390 47.50 -35.57 4.78
CA LYS C 390 47.12 -36.62 3.86
C LYS C 390 45.71 -37.11 4.19
N HIS C 391 45.13 -37.83 3.23
CA HIS C 391 43.78 -38.35 3.34
C HIS C 391 43.80 -39.74 3.97
N ARG C 392 42.62 -40.32 4.13
CA ARG C 392 42.46 -41.68 4.64
C ARG C 392 40.98 -42.03 4.60
N SER C 393 40.70 -43.33 4.51
CA SER C 393 39.33 -43.80 4.59
C SER C 393 38.93 -43.96 6.05
N THR C 394 37.64 -44.26 6.28
CA THR C 394 37.09 -44.46 7.61
C THR C 394 36.61 -45.90 7.80
N GLY C 395 37.21 -46.84 7.09
CA GLY C 395 36.88 -48.24 7.27
C GLY C 395 35.49 -48.63 6.84
N ILE C 396 34.85 -47.84 5.99
CA ILE C 396 33.51 -48.15 5.48
C ILE C 396 33.68 -48.92 4.17
N ALA C 397 33.21 -50.17 4.16
CA ALA C 397 33.48 -51.06 3.04
C ALA C 397 32.55 -50.78 1.86
N ARG C 398 31.25 -50.96 2.06
CA ARG C 398 30.27 -50.66 1.02
C ARG C 398 29.59 -49.34 1.36
N PRO C 399 29.76 -48.29 0.57
CA PRO C 399 29.15 -47.00 0.90
C PRO C 399 27.63 -47.14 0.98
N ARG C 400 27.00 -46.05 1.41
CA ARG C 400 25.55 -46.00 1.50
C ARG C 400 24.88 -46.02 0.12
N PHE C 401 25.66 -45.88 -0.95
CA PHE C 401 25.13 -45.89 -2.31
C PHE C 401 25.72 -47.02 -3.15
N TRP C 402 26.21 -48.09 -2.50
CA TRP C 402 26.83 -49.18 -3.25
C TRP C 402 25.84 -49.82 -4.22
N ASP C 403 24.59 -49.98 -3.80
CA ASP C 403 23.58 -50.57 -4.67
C ASP C 403 23.45 -49.79 -5.97
N ARG C 404 23.63 -48.48 -5.93
CA ARG C 404 23.62 -47.70 -7.17
C ARG C 404 24.74 -48.13 -8.10
N ALA C 405 25.95 -48.30 -7.54
CA ALA C 405 27.06 -48.76 -8.35
C ALA C 405 26.78 -50.13 -8.94
N ARG C 406 26.15 -51.00 -8.15
CA ARG C 406 25.75 -52.31 -8.69
C ARG C 406 24.78 -52.13 -9.85
N TYR C 407 23.81 -51.23 -9.70
CA TYR C 407 22.81 -51.04 -10.75
C TYR C 407 23.45 -50.56 -12.04
N TYR C 408 24.39 -49.61 -11.95
CA TYR C 408 24.95 -48.99 -13.14
C TYR C 408 26.18 -49.71 -13.68
N GLY C 409 26.54 -50.86 -13.10
CA GLY C 409 27.65 -51.63 -13.63
C GLY C 409 29.02 -51.13 -13.22
N LEU C 410 29.09 -50.24 -12.23
CA LEU C 410 30.36 -49.74 -11.71
C LEU C 410 30.73 -50.39 -10.39
N GLU C 411 30.14 -51.55 -10.08
CA GLU C 411 30.42 -52.21 -8.81
C GLU C 411 31.88 -52.61 -8.70
N ARG C 412 32.46 -53.14 -9.78
CA ARG C 412 33.82 -53.65 -9.71
C ARG C 412 34.82 -52.52 -9.45
N GLU C 413 34.66 -51.40 -10.16
CA GLU C 413 35.60 -50.29 -10.00
C GLU C 413 35.53 -49.70 -8.59
N LEU C 414 34.32 -49.49 -8.08
CA LEU C 414 34.17 -48.96 -6.73
C LEU C 414 34.73 -49.93 -5.71
N ALA C 415 34.45 -51.23 -5.89
CA ALA C 415 34.96 -52.22 -4.95
C ALA C 415 36.50 -52.23 -4.95
N GLU C 416 37.11 -52.17 -6.13
CA GLU C 416 38.56 -52.14 -6.18
C GLU C 416 39.13 -50.88 -5.55
N ALA C 417 38.51 -49.73 -5.82
CA ALA C 417 39.00 -48.48 -5.26
C ALA C 417 38.91 -48.47 -3.75
N LEU C 418 37.80 -48.96 -3.19
CA LEU C 418 37.63 -48.95 -1.74
C LEU C 418 38.47 -50.03 -1.07
N ASP C 419 38.63 -51.20 -1.71
CA ASP C 419 39.52 -52.22 -1.16
C ASP C 419 40.97 -51.77 -1.24
N ALA C 420 41.33 -51.07 -2.32
CA ALA C 420 42.66 -50.50 -2.43
C ALA C 420 42.89 -49.36 -1.44
N ALA C 421 41.82 -48.88 -0.79
CA ALA C 421 42.00 -47.83 0.21
C ALA C 421 42.96 -48.26 1.30
N GLU C 422 42.99 -49.55 1.63
CA GLU C 422 43.92 -50.07 2.61
C GLU C 422 45.31 -50.18 2.00
N ALA C 423 45.94 -49.04 1.74
CA ALA C 423 47.27 -49.02 1.14
C ALA C 423 48.14 -47.95 1.80
N ASP D 1 38.67 56.09 1.21
CA ASP D 1 37.24 55.97 1.47
C ASP D 1 36.43 56.43 0.28
N TYR D 2 36.85 57.55 -0.32
CA TYR D 2 36.16 58.07 -1.50
C TYR D 2 36.33 57.18 -2.72
N TYR D 3 37.25 56.20 -2.65
CA TYR D 3 37.46 55.31 -3.79
C TYR D 3 36.20 54.52 -4.13
N HIS D 4 35.31 54.33 -3.16
CA HIS D 4 34.07 53.61 -3.42
C HIS D 4 33.20 54.37 -4.43
N ALA D 5 33.07 55.68 -4.24
CA ALA D 5 32.27 56.48 -5.17
C ALA D 5 32.87 56.46 -6.57
N THR D 6 34.19 56.62 -6.67
CA THR D 6 34.84 56.59 -7.97
C THR D 6 34.67 55.23 -8.64
N LYS D 7 34.79 54.15 -7.86
CA LYS D 7 34.62 52.81 -8.42
C LYS D 7 33.20 52.63 -8.92
N THR D 8 32.21 53.08 -8.16
CA THR D 8 30.82 52.97 -8.60
C THR D 8 30.59 53.76 -9.88
N THR D 9 31.12 54.99 -9.95
CA THR D 9 30.95 55.79 -11.15
C THR D 9 31.62 55.14 -12.36
N ILE D 10 32.82 54.60 -12.17
CA ILE D 10 33.52 53.96 -13.26
C ILE D 10 32.76 52.73 -13.74
N PHE D 11 32.24 51.93 -12.81
CA PHE D 11 31.46 50.76 -13.18
C PHE D 11 30.22 51.16 -13.95
N ASN D 12 29.52 52.20 -13.49
CA ASN D 12 28.32 52.65 -14.18
C ASN D 12 28.65 53.15 -15.58
N ALA D 13 29.73 53.92 -15.73
CA ALA D 13 30.12 54.42 -17.04
C ALA D 13 30.47 53.28 -17.98
N LEU D 14 31.23 52.30 -17.49
CA LEU D 14 31.60 51.17 -18.32
C LEU D 14 30.37 50.37 -18.74
N LEU D 15 29.45 50.14 -17.80
CA LEU D 15 28.23 49.40 -18.13
C LEU D 15 27.39 50.13 -19.16
N ASN D 16 27.25 51.45 -19.00
CA ASN D 16 26.45 52.22 -19.95
C ASN D 16 27.08 52.23 -21.33
N THR D 17 28.37 52.55 -21.41
CA THR D 17 29.06 52.56 -22.70
C THR D 17 29.17 51.15 -23.25
N ILE D 18 29.58 50.20 -22.41
CA ILE D 18 29.72 48.80 -22.79
C ILE D 18 28.78 47.99 -21.91
N ASP D 19 27.76 47.39 -22.52
CA ASP D 19 26.73 46.67 -21.76
C ASP D 19 27.12 45.21 -21.60
N LEU D 20 27.06 44.72 -20.36
CA LEU D 20 27.28 43.30 -20.10
C LEU D 20 26.23 42.43 -20.76
N SER D 21 25.06 42.99 -21.08
CA SER D 21 24.03 42.23 -21.78
C SER D 21 24.47 41.85 -23.19
N GLN D 22 25.55 42.45 -23.69
CA GLN D 22 26.11 42.12 -25.00
C GLN D 22 27.04 40.92 -24.96
N LEU D 23 26.91 40.06 -23.95
CA LEU D 23 27.78 38.89 -23.82
C LEU D 23 27.98 38.22 -25.17
N ALA D 24 29.14 37.59 -25.32
CA ALA D 24 29.69 37.05 -26.56
C ALA D 24 30.26 38.18 -27.42
N GLN D 25 30.19 39.43 -26.96
CA GLN D 25 30.88 40.56 -27.57
C GLN D 25 31.81 41.15 -26.52
N LEU D 26 32.97 41.64 -26.96
CA LEU D 26 34.01 42.08 -26.04
C LEU D 26 34.38 40.95 -25.07
N ASP D 27 34.93 39.89 -25.66
CA ASP D 27 35.14 38.64 -24.95
C ASP D 27 36.18 38.82 -23.85
N LEU D 28 36.66 37.69 -23.31
CA LEU D 28 37.54 37.73 -22.14
C LEU D 28 38.66 38.74 -22.33
N LYS D 29 39.58 38.49 -23.28
CA LYS D 29 40.67 39.42 -23.51
C LYS D 29 40.16 40.77 -24.01
N GLN D 30 39.17 40.74 -24.91
CA GLN D 30 38.58 41.99 -25.40
C GLN D 30 38.02 42.81 -24.25
N ALA D 31 37.34 42.16 -23.30
CA ALA D 31 36.83 42.89 -22.14
C ALA D 31 37.97 43.43 -21.29
N GLY D 32 38.94 42.57 -20.95
CA GLY D 32 40.03 43.01 -20.10
C GLY D 32 40.78 44.19 -20.68
N GLU D 33 40.79 44.33 -22.00
CA GLU D 33 41.43 45.47 -22.64
C GLU D 33 40.50 46.67 -22.72
N GLU D 34 39.29 46.47 -23.27
CA GLU D 34 38.40 47.58 -23.56
C GLU D 34 37.88 48.22 -22.28
N ILE D 35 37.58 47.43 -21.25
CA ILE D 35 37.09 48.00 -20.00
C ILE D 35 38.14 48.90 -19.39
N ARG D 36 39.39 48.45 -19.35
CA ARG D 36 40.47 49.28 -18.84
C ARG D 36 40.63 50.55 -19.66
N ASP D 37 40.59 50.42 -20.99
CA ASP D 37 40.75 51.59 -21.84
C ASP D 37 39.63 52.60 -21.60
N ILE D 38 38.40 52.12 -21.51
CA ILE D 38 37.25 53.02 -21.32
C ILE D 38 37.30 53.65 -19.93
N VAL D 39 37.72 52.88 -18.92
CA VAL D 39 37.84 53.45 -17.58
C VAL D 39 38.90 54.55 -17.56
N ALA D 40 40.03 54.32 -18.23
CA ALA D 40 41.06 55.35 -18.32
C ALA D 40 40.55 56.58 -19.05
N GLU D 41 39.81 56.37 -20.14
CA GLU D 41 39.26 57.50 -20.88
C GLU D 41 38.29 58.30 -20.02
N LEU D 42 37.44 57.62 -19.26
CA LEU D 42 36.52 58.30 -18.37
C LEU D 42 37.26 59.07 -17.28
N VAL D 43 38.31 58.47 -16.72
CA VAL D 43 39.11 59.15 -15.70
C VAL D 43 39.76 60.39 -16.29
N ALA D 44 40.20 60.31 -17.55
CA ALA D 44 40.74 61.49 -18.21
C ALA D 44 39.67 62.56 -18.40
N ILE D 45 38.48 62.17 -18.85
CA ILE D 45 37.41 63.13 -19.08
C ILE D 45 36.90 63.68 -17.76
N LYS D 46 36.66 62.82 -16.78
CA LYS D 46 36.14 63.21 -15.48
C LYS D 46 37.29 63.14 -14.47
N ASN D 47 37.56 64.27 -13.81
CA ASN D 47 38.71 64.33 -12.90
C ASN D 47 38.60 63.25 -11.83
N VAL D 48 39.71 62.55 -11.61
CA VAL D 48 39.79 61.49 -10.60
C VAL D 48 41.07 61.69 -9.81
N SER D 49 40.97 61.59 -8.49
CA SER D 49 42.13 61.75 -7.61
C SER D 49 42.91 60.46 -7.43
N MET D 50 42.44 59.34 -7.96
CA MET D 50 43.14 58.08 -7.80
C MET D 50 44.47 58.11 -8.51
N SER D 51 45.46 57.41 -7.94
CA SER D 51 46.80 57.36 -8.50
C SER D 51 46.89 56.22 -9.51
N VAL D 52 48.09 56.04 -10.08
CA VAL D 52 48.28 54.99 -11.08
C VAL D 52 48.03 53.62 -10.48
N ALA D 53 48.58 53.36 -9.29
CA ALA D 53 48.30 52.11 -8.61
C ALA D 53 46.82 51.98 -8.29
N GLU D 54 46.20 53.07 -7.83
CA GLU D 54 44.76 53.05 -7.60
C GLU D 54 44.00 52.81 -8.89
N GLN D 55 44.48 53.39 -10.00
CA GLN D 55 43.83 53.16 -11.29
C GLN D 55 43.89 51.69 -11.68
N GLU D 56 45.05 51.05 -11.52
CA GLU D 56 45.17 49.63 -11.83
C GLU D 56 44.29 48.80 -10.92
N HIS D 57 44.21 49.16 -9.64
CA HIS D 57 43.36 48.43 -8.72
C HIS D 57 41.88 48.54 -9.11
N LEU D 58 41.46 49.74 -9.51
CA LEU D 58 40.08 49.93 -9.95
C LEU D 58 39.81 49.15 -11.23
N VAL D 59 40.78 49.11 -12.15
CA VAL D 59 40.61 48.33 -13.37
C VAL D 59 40.47 46.85 -13.03
N GLN D 60 41.27 46.36 -12.07
CA GLN D 60 41.17 44.97 -11.66
C GLN D 60 39.81 44.68 -11.02
N ASP D 61 39.32 45.61 -10.21
CA ASP D 61 37.99 45.45 -9.62
C ASP D 61 36.92 45.39 -10.70
N ILE D 62 37.03 46.25 -11.72
CA ILE D 62 36.09 46.22 -12.83
C ILE D 62 36.16 44.89 -13.56
N ILE D 63 37.37 44.38 -13.77
CA ILE D 63 37.52 43.08 -14.43
C ILE D 63 36.87 41.98 -13.61
N ASN D 64 37.06 42.02 -12.28
CA ASN D 64 36.39 41.06 -11.41
C ASN D 64 34.88 41.16 -11.56
N ASP D 65 34.37 42.39 -11.63
CA ASP D 65 32.93 42.57 -11.81
C ASP D 65 32.46 41.95 -13.12
N VAL D 66 33.20 42.18 -14.20
CA VAL D 66 32.84 41.64 -15.51
C VAL D 66 33.16 40.14 -15.59
N LEU D 67 34.34 39.73 -15.12
CA LEU D 67 34.81 38.35 -15.27
C LEU D 67 35.38 37.94 -13.92
N GLY D 68 34.68 37.03 -13.26
CA GLY D 68 35.06 36.52 -11.96
C GLY D 68 33.82 36.27 -11.12
N TYR D 69 34.03 36.13 -9.82
CA TYR D 69 32.96 35.79 -8.88
C TYR D 69 32.85 36.82 -7.77
N GLY D 70 33.02 38.10 -8.08
CA GLY D 70 32.79 39.15 -7.12
C GLY D 70 33.76 39.13 -5.95
N PRO D 71 33.51 39.96 -4.93
CA PRO D 71 34.46 40.09 -3.82
C PRO D 71 34.76 38.80 -3.09
N LEU D 72 34.13 37.68 -3.45
CA LEU D 72 34.52 36.40 -2.88
C LEU D 72 35.92 35.99 -3.30
N GLU D 73 36.35 36.41 -4.50
CA GLU D 73 37.64 35.95 -5.02
C GLU D 73 38.81 36.24 -4.08
N PRO D 74 38.95 37.43 -3.50
CA PRO D 74 40.03 37.63 -2.52
C PRO D 74 40.02 36.64 -1.39
N LEU D 75 38.84 36.19 -0.94
CA LEU D 75 38.76 35.16 0.08
C LEU D 75 38.79 33.75 -0.52
N LEU D 76 38.23 33.56 -1.71
CA LEU D 76 38.23 32.25 -2.34
C LEU D 76 39.61 31.86 -2.85
N ALA D 77 40.57 32.77 -2.87
CA ALA D 77 41.90 32.49 -3.38
C ALA D 77 42.85 32.00 -2.29
N ARG D 78 42.80 32.59 -1.10
CA ARG D 78 43.72 32.22 -0.04
C ARG D 78 43.45 30.79 0.42
N ASP D 79 44.48 30.18 1.02
CA ASP D 79 44.46 28.74 1.31
C ASP D 79 43.88 28.43 2.68
N ASP D 80 44.13 29.28 3.68
CA ASP D 80 43.69 28.97 5.04
C ASP D 80 42.17 28.99 5.18
N ILE D 81 41.45 29.51 4.19
CA ILE D 81 39.99 29.57 4.24
C ILE D 81 39.45 28.23 3.76
N ALA D 82 38.96 27.42 4.70
CA ALA D 82 38.37 26.13 4.38
C ALA D 82 36.85 26.16 4.32
N ASP D 83 36.22 27.24 4.76
CA ASP D 83 34.76 27.35 4.74
C ASP D 83 34.37 28.80 4.57
N ILE D 84 33.32 29.04 3.79
CA ILE D 84 32.77 30.37 3.57
C ILE D 84 31.27 30.30 3.82
N MET D 85 30.77 31.15 4.71
CA MET D 85 29.36 31.13 5.09
C MET D 85 28.81 32.55 4.98
N VAL D 86 27.89 32.78 4.05
CA VAL D 86 27.34 34.10 3.78
C VAL D 86 25.86 34.07 4.12
N ASN D 87 25.45 34.94 5.06
CA ASN D 87 24.06 35.07 5.44
C ASN D 87 23.50 36.33 4.78
N GLY D 88 22.67 36.14 3.76
CA GLY D 88 22.15 37.27 3.03
C GLY D 88 23.29 38.06 2.41
N ALA D 89 23.31 39.37 2.67
CA ALA D 89 24.34 40.24 2.12
C ALA D 89 24.87 41.21 3.16
N HIS D 90 24.81 40.84 4.44
CA HIS D 90 25.28 41.71 5.51
C HIS D 90 26.24 41.04 6.48
N ARG D 91 26.43 39.73 6.42
CA ARG D 91 27.36 39.05 7.32
C ARG D 91 27.96 37.84 6.65
N VAL D 92 29.26 37.66 6.85
CA VAL D 92 30.01 36.56 6.29
C VAL D 92 30.96 36.03 7.37
N PHE D 93 31.21 34.72 7.31
CA PHE D 93 32.07 34.05 8.27
C PHE D 93 32.98 33.07 7.57
N ILE D 94 34.16 32.85 8.15
CA ILE D 94 35.13 31.90 7.66
C ILE D 94 35.77 31.20 8.85
N GLU D 95 36.16 29.94 8.64
CA GLU D 95 36.71 29.09 9.68
C GLU D 95 38.21 28.92 9.51
N VAL D 96 38.93 29.02 10.62
CA VAL D 96 40.37 28.74 10.65
C VAL D 96 40.69 28.12 12.00
N GLY D 97 41.35 26.96 11.98
CA GLY D 97 41.74 26.30 13.22
C GLY D 97 40.58 26.03 14.16
N GLY D 98 39.41 25.72 13.61
CA GLY D 98 38.25 25.45 14.44
C GLY D 98 37.59 26.67 15.03
N LYS D 99 38.02 27.88 14.64
CA LYS D 99 37.42 29.12 15.13
C LYS D 99 36.88 29.92 13.95
N VAL D 100 35.67 30.45 14.11
CA VAL D 100 34.99 31.17 13.03
C VAL D 100 35.09 32.66 13.31
N GLN D 101 35.28 33.43 12.25
CA GLN D 101 35.40 34.88 12.38
C GLN D 101 34.73 35.55 11.18
N LEU D 102 34.35 36.81 11.38
CA LEU D 102 33.64 37.59 10.38
C LEU D 102 34.61 38.51 9.64
N THR D 103 34.30 38.80 8.38
CA THR D 103 35.12 39.63 7.53
C THR D 103 34.33 40.86 7.07
N ASN D 104 35.03 41.77 6.41
CA ASN D 104 34.43 43.02 5.97
C ASN D 104 33.73 42.93 4.62
N VAL D 105 34.12 41.96 3.78
CA VAL D 105 33.53 41.86 2.45
C VAL D 105 32.02 41.76 2.56
N ARG D 106 31.32 42.59 1.80
CA ARG D 106 29.86 42.64 1.83
C ARG D 106 29.35 42.79 0.41
N PHE D 107 28.25 42.10 0.09
CA PHE D 107 27.62 42.24 -1.20
C PHE D 107 26.68 43.45 -1.18
N ARG D 108 26.91 44.39 -2.09
CA ARG D 108 26.16 45.64 -2.08
C ARG D 108 24.66 45.40 -2.18
N ASP D 109 24.21 44.82 -3.29
CA ASP D 109 22.79 44.65 -3.57
C ASP D 109 22.48 43.16 -3.69
N ASN D 110 21.37 42.75 -3.08
CA ASN D 110 21.01 41.33 -3.09
C ASN D 110 20.70 40.82 -4.49
N LEU D 111 20.33 41.70 -5.42
CA LEU D 111 20.12 41.27 -6.80
C LEU D 111 21.41 40.78 -7.42
N GLN D 112 22.48 41.57 -7.31
CA GLN D 112 23.76 41.13 -7.83
C GLN D 112 24.31 39.94 -7.05
N LEU D 113 23.98 39.83 -5.76
CA LEU D 113 24.39 38.65 -5.00
C LEU D 113 23.70 37.40 -5.51
N MET D 114 22.39 37.49 -5.80
CA MET D 114 21.68 36.36 -6.39
C MET D 114 22.26 36.02 -7.75
N ASN D 115 22.64 37.04 -8.52
CA ASN D 115 23.31 36.79 -9.80
C ASN D 115 24.64 36.08 -9.59
N ILE D 116 25.39 36.48 -8.56
CA ILE D 116 26.67 35.83 -8.27
C ILE D 116 26.46 34.35 -7.96
N CYS D 117 25.49 34.06 -7.08
CA CYS D 117 25.22 32.68 -6.74
C CYS D 117 24.77 31.89 -7.96
N GLN D 118 23.90 32.48 -8.79
CA GLN D 118 23.41 31.80 -9.96
C GLN D 118 24.53 31.54 -10.96
N ARG D 119 25.50 32.45 -11.07
CA ARG D 119 26.65 32.19 -11.94
C ARG D 119 27.54 31.09 -11.37
N ILE D 120 27.79 31.14 -10.06
CA ILE D 120 28.64 30.13 -9.42
C ILE D 120 28.06 28.74 -9.64
N VAL D 121 26.74 28.61 -9.53
CA VAL D 121 26.12 27.32 -9.87
C VAL D 121 25.93 27.17 -11.38
N SER D 122 26.08 28.25 -12.15
CA SER D 122 26.11 28.13 -13.60
C SER D 122 27.39 27.48 -14.08
N GLN D 123 28.43 27.48 -13.25
CA GLN D 123 29.63 26.70 -13.57
C GLN D 123 29.23 25.32 -14.08
N VAL D 124 28.14 24.77 -13.55
CA VAL D 124 27.54 23.56 -14.08
C VAL D 124 26.17 23.78 -14.68
N GLY D 125 25.56 24.96 -14.49
CA GLY D 125 24.37 25.33 -15.22
C GLY D 125 23.04 25.01 -14.55
N ARG D 126 23.03 24.80 -13.24
CA ARG D 126 21.80 24.46 -12.54
C ARG D 126 21.06 25.73 -12.11
N ARG D 127 19.74 25.65 -12.08
CA ARG D 127 18.90 26.81 -11.83
C ARG D 127 18.78 27.12 -10.34
N VAL D 128 18.82 28.41 -10.00
CA VAL D 128 18.54 28.87 -8.66
C VAL D 128 17.73 30.17 -8.77
N ASP D 129 16.43 30.09 -8.54
CA ASP D 129 15.55 31.24 -8.72
C ASP D 129 14.32 31.07 -7.83
N GLU D 130 13.40 32.01 -7.95
CA GLU D 130 12.16 31.94 -7.17
C GLU D 130 11.33 30.72 -7.55
N SER D 131 11.58 30.13 -8.71
CA SER D 131 10.92 28.90 -9.13
C SER D 131 11.69 27.65 -8.71
N SER D 132 12.96 27.80 -8.32
CA SER D 132 13.76 26.68 -7.82
C SER D 132 14.76 27.25 -6.82
N PRO D 133 14.37 27.37 -5.56
CA PRO D 133 15.17 28.15 -4.60
C PRO D 133 16.33 27.42 -3.95
N ILE D 134 16.44 26.10 -4.09
CA ILE D 134 17.46 25.31 -3.43
C ILE D 134 18.41 24.76 -4.46
N CYS D 135 19.72 24.84 -4.18
CA CYS D 135 20.71 24.24 -5.07
C CYS D 135 21.86 23.69 -4.24
N ASP D 136 22.35 22.51 -4.64
CA ASP D 136 23.47 21.84 -3.97
C ASP D 136 24.38 21.29 -5.07
N ALA D 137 25.43 22.04 -5.38
CA ALA D 137 26.29 21.76 -6.52
C ALA D 137 27.69 21.34 -6.05
N ARG D 138 28.20 20.27 -6.63
CA ARG D 138 29.59 19.84 -6.43
C ARG D 138 30.39 20.35 -7.62
N LEU D 139 31.07 21.47 -7.43
CA LEU D 139 31.80 22.10 -8.53
C LEU D 139 32.95 21.18 -8.98
N PRO D 140 33.38 21.29 -10.23
CA PRO D 140 34.47 20.43 -10.70
C PRO D 140 35.78 20.64 -9.96
N ASP D 141 35.97 21.80 -9.31
CA ASP D 141 37.22 22.11 -8.63
C ASP D 141 37.25 21.63 -7.18
N GLY D 142 36.50 20.58 -6.87
CA GLY D 142 36.54 19.98 -5.55
C GLY D 142 35.98 20.86 -4.44
N SER D 143 34.84 21.49 -4.69
CA SER D 143 34.17 22.31 -3.69
C SER D 143 32.67 22.00 -3.73
N ARG D 144 32.00 22.25 -2.61
CA ARG D 144 30.57 22.06 -2.48
C ARG D 144 29.92 23.40 -2.19
N VAL D 145 28.87 23.74 -2.94
CA VAL D 145 28.19 25.01 -2.81
C VAL D 145 26.71 24.75 -2.59
N ASN D 146 26.16 25.30 -1.50
CA ASN D 146 24.74 25.20 -1.19
C ASN D 146 24.14 26.60 -1.17
N VAL D 147 23.04 26.77 -1.89
CA VAL D 147 22.41 28.06 -2.08
C VAL D 147 20.92 27.93 -1.79
N ILE D 148 20.40 28.83 -0.95
CA ILE D 148 18.97 28.94 -0.70
C ILE D 148 18.54 30.37 -0.99
N ALA D 149 17.41 30.50 -1.70
CA ALA D 149 16.99 31.74 -2.31
C ALA D 149 16.23 32.63 -1.32
N PRO D 150 16.07 33.91 -1.64
CA PRO D 150 15.39 34.84 -0.73
C PRO D 150 13.96 34.40 -0.40
N PRO D 151 13.22 33.86 -1.38
CA PRO D 151 11.80 33.53 -1.10
C PRO D 151 11.63 32.63 0.11
N LEU D 152 12.60 31.76 0.39
CA LEU D 152 12.58 30.94 1.58
C LEU D 152 13.44 31.50 2.70
N ALA D 153 14.58 32.10 2.38
CA ALA D 153 15.39 32.77 3.40
C ALA D 153 14.68 34.04 3.86
N LEU D 154 15.14 34.58 5.00
CA LEU D 154 14.55 35.78 5.56
C LEU D 154 15.62 36.80 5.97
N ASP D 155 16.84 36.64 5.48
CA ASP D 155 17.90 37.62 5.68
C ASP D 155 18.68 37.80 4.38
N GLY D 156 18.02 37.59 3.25
CA GLY D 156 18.69 37.52 1.97
C GLY D 156 19.07 36.09 1.65
N PRO D 157 19.64 35.87 0.47
CA PRO D 157 20.04 34.51 0.10
C PRO D 157 21.09 33.98 1.07
N THR D 158 21.04 32.67 1.30
CA THR D 158 22.00 32.00 2.18
C THR D 158 22.92 31.13 1.33
N LEU D 159 24.23 31.31 1.53
CA LEU D 159 25.23 30.64 0.71
C LEU D 159 26.27 29.98 1.61
N THR D 160 26.65 28.76 1.25
CA THR D 160 27.71 28.04 1.95
C THR D 160 28.64 27.41 0.93
N ILE D 161 29.94 27.57 1.13
CA ILE D 161 30.96 27.01 0.25
C ILE D 161 31.97 26.28 1.12
N ARG D 162 32.09 24.97 0.91
CA ARG D 162 33.02 24.14 1.66
C ARG D 162 34.00 23.51 0.67
N LYS D 163 35.29 23.77 0.88
CA LYS D 163 36.30 23.43 -0.10
C LYS D 163 37.35 22.51 0.51
N PHE D 164 38.05 21.79 -0.36
CA PHE D 164 39.12 20.81 -0.37
C PHE D 164 40.20 21.16 0.64
N LYS D 165 40.49 20.22 1.55
CA LYS D 165 41.44 20.50 2.61
C LYS D 165 42.88 20.63 2.11
N LYS D 166 43.15 20.24 0.86
CA LYS D 166 44.44 20.47 0.21
C LYS D 166 45.54 19.57 0.78
N ASP D 167 45.23 18.80 1.82
CA ASP D 167 46.20 17.90 2.42
C ASP D 167 45.50 17.15 3.53
N LYS D 168 46.18 16.14 4.06
CA LYS D 168 45.66 15.31 5.14
C LYS D 168 46.70 15.17 6.23
N LEU D 169 46.22 14.93 7.45
CA LEU D 169 47.10 14.66 8.59
C LEU D 169 47.63 13.26 8.43
N THR D 170 48.78 13.15 7.75
CA THR D 170 49.36 11.86 7.46
C THR D 170 49.81 11.17 8.75
N MET D 171 49.99 9.85 8.67
CA MET D 171 50.42 9.09 9.84
C MET D 171 51.69 9.69 10.42
N LYS D 172 52.57 10.22 9.56
CA LYS D 172 53.74 10.92 10.05
C LYS D 172 53.33 12.14 10.87
N ASN D 173 52.34 12.90 10.40
CA ASN D 173 51.84 14.03 11.16
C ASN D 173 51.01 13.57 12.37
N LEU D 174 50.24 12.50 12.22
CA LEU D 174 49.42 12.02 13.33
C LEU D 174 50.28 11.48 14.46
N VAL D 175 51.45 10.91 14.15
CA VAL D 175 52.32 10.39 15.20
C VAL D 175 52.64 11.47 16.22
N GLU D 176 52.63 12.75 15.80
CA GLU D 176 52.90 13.84 16.72
C GLU D 176 51.79 13.94 17.77
N PHE D 177 50.56 14.16 17.31
CA PHE D 177 49.45 14.35 18.24
C PHE D 177 49.24 13.08 19.05
N ALA D 178 49.02 13.25 20.35
CA ALA D 178 49.00 12.11 21.29
C ALA D 178 47.72 11.30 21.19
N SER D 179 47.51 10.65 20.05
CA SER D 179 46.46 9.65 19.91
C SER D 179 46.96 8.36 19.30
N ILE D 180 47.94 8.44 18.41
CA ILE D 180 48.56 7.28 17.78
C ILE D 180 49.92 7.10 18.43
N SER D 181 49.98 6.27 19.47
CA SER D 181 51.22 5.99 20.19
C SER D 181 52.17 5.24 19.28
N PRO D 182 53.40 4.94 19.73
CA PRO D 182 54.34 4.17 18.91
C PRO D 182 54.08 2.66 18.91
N GLU D 183 53.02 2.20 19.59
CA GLU D 183 52.61 0.81 19.55
C GLU D 183 51.26 0.63 18.87
N GLY D 184 50.80 1.65 18.14
CA GLY D 184 49.56 1.54 17.40
C GLY D 184 49.77 1.82 15.92
N ALA D 185 50.77 2.64 15.59
CA ALA D 185 51.06 2.91 14.18
C ALA D 185 51.58 1.67 13.48
N ARG D 186 52.46 0.92 14.14
CA ARG D 186 52.93 -0.34 13.57
C ARG D 186 51.77 -1.32 13.40
N VAL D 187 50.89 -1.40 14.39
CA VAL D 187 49.74 -2.28 14.29
C VAL D 187 48.80 -1.80 13.20
N LEU D 188 48.65 -0.48 13.06
CA LEU D 188 47.84 0.05 11.96
C LEU D 188 48.40 -0.37 10.62
N GLY D 189 49.72 -0.30 10.46
CA GLY D 189 50.33 -0.74 9.22
C GLY D 189 50.16 -2.24 8.99
N VAL D 190 50.30 -3.02 10.05
CA VAL D 190 50.16 -4.48 9.92
C VAL D 190 48.75 -4.84 9.49
N ILE D 191 47.74 -4.21 10.10
CA ILE D 191 46.35 -4.53 9.78
C ILE D 191 45.87 -3.80 8.52
N GLY D 192 46.63 -2.84 8.01
CA GLY D 192 46.26 -2.14 6.81
C GLY D 192 46.75 -2.83 5.54
N ALA D 193 48.01 -3.27 5.55
CA ALA D 193 48.57 -3.95 4.39
C ALA D 193 48.29 -5.44 4.37
N CYS D 194 47.66 -5.98 5.41
CA CYS D 194 47.38 -7.41 5.51
C CYS D 194 45.97 -7.76 5.03
N ARG D 195 45.28 -6.81 4.39
CA ARG D 195 43.94 -7.03 3.85
C ARG D 195 43.02 -7.65 4.90
N CYS D 196 42.79 -6.87 5.95
CA CYS D 196 41.89 -7.23 7.03
C CYS D 196 40.53 -6.57 6.83
N ASN D 197 39.53 -7.13 7.50
CA ASN D 197 38.16 -6.62 7.44
C ASN D 197 37.94 -5.75 8.68
N LEU D 198 38.22 -4.45 8.53
CA LEU D 198 38.19 -3.51 9.63
C LEU D 198 36.98 -2.59 9.49
N VAL D 199 36.25 -2.40 10.59
CA VAL D 199 35.08 -1.54 10.63
C VAL D 199 35.32 -0.45 11.66
N ILE D 200 35.39 0.80 11.22
CA ILE D 200 35.61 1.94 12.11
C ILE D 200 34.30 2.27 12.80
N SER D 201 34.39 2.84 14.00
CA SER D 201 33.21 3.23 14.77
C SER D 201 33.52 4.49 15.56
N GLY D 202 32.52 4.98 16.29
CA GLY D 202 32.68 6.17 17.10
C GLY D 202 31.35 6.80 17.48
N LYS D 208 37.58 10.60 11.14
CA LYS D 208 37.57 9.28 10.52
C LYS D 208 38.07 9.36 9.08
N THR D 209 37.64 10.39 8.36
CA THR D 209 38.01 10.53 6.96
C THR D 209 39.52 10.63 6.80
N THR D 210 40.16 11.47 7.60
CA THR D 210 41.62 11.58 7.54
C THR D 210 42.28 10.29 7.98
N LEU D 211 41.74 9.64 9.01
CA LEU D 211 42.26 8.34 9.43
C LEU D 211 42.18 7.34 8.29
N LEU D 212 41.08 7.37 7.53
CA LEU D 212 40.94 6.44 6.41
C LEU D 212 41.91 6.77 5.28
N ASN D 213 42.07 8.06 4.96
CA ASN D 213 43.00 8.45 3.92
C ASN D 213 44.45 8.20 4.32
N THR D 214 44.72 8.05 5.61
CA THR D 214 46.05 7.65 6.06
C THR D 214 46.22 6.14 6.03
N MET D 215 45.21 5.38 6.46
CA MET D 215 45.29 3.93 6.39
C MET D 215 45.26 3.40 4.97
N THR D 216 44.82 4.21 4.00
CA THR D 216 44.95 3.83 2.60
C THR D 216 46.38 3.90 2.10
N ALA D 217 47.30 4.44 2.91
CA ALA D 217 48.71 4.47 2.57
C ALA D 217 49.38 3.11 2.76
N PHE D 218 48.68 2.13 3.32
CA PHE D 218 49.19 0.77 3.50
C PHE D 218 48.64 -0.17 2.45
N ILE D 219 48.45 0.32 1.22
CA ILE D 219 47.90 -0.47 0.13
C ILE D 219 49.01 -0.69 -0.90
N ASP D 220 49.20 -1.94 -1.29
CA ASP D 220 50.24 -2.25 -2.26
C ASP D 220 49.96 -1.51 -3.57
N PRO D 221 50.99 -1.05 -4.29
CA PRO D 221 50.75 -0.27 -5.50
C PRO D 221 49.90 -0.99 -6.54
N THR D 222 49.96 -2.32 -6.57
CA THR D 222 49.29 -3.08 -7.62
C THR D 222 47.79 -3.24 -7.39
N GLU D 223 47.34 -3.30 -6.14
CA GLU D 223 45.94 -3.62 -5.87
C GLU D 223 45.02 -2.58 -6.48
N ARG D 224 43.99 -3.05 -7.18
CA ARG D 224 42.95 -2.17 -7.69
C ARG D 224 41.98 -1.80 -6.57
N VAL D 225 41.66 -0.52 -6.47
CA VAL D 225 40.78 -0.02 -5.42
C VAL D 225 39.70 0.84 -6.08
N VAL D 226 38.44 0.54 -5.74
CA VAL D 226 37.29 1.35 -6.15
C VAL D 226 36.58 1.80 -4.88
N THR D 227 36.38 3.11 -4.76
CA THR D 227 35.89 3.72 -3.52
C THR D 227 34.46 4.20 -3.70
N CYS D 228 33.62 3.92 -2.71
CA CYS D 228 32.26 4.44 -2.66
C CYS D 228 32.26 5.69 -1.79
N GLU D 229 31.83 6.81 -2.36
CA GLU D 229 31.93 8.10 -1.70
C GLU D 229 30.62 8.87 -1.84
N ASP D 230 30.40 9.78 -0.89
CA ASP D 230 29.39 10.83 -1.01
C ASP D 230 30.00 12.18 -1.30
N ALA D 231 31.15 12.49 -0.70
CA ALA D 231 31.92 13.68 -1.00
C ALA D 231 33.39 13.29 -1.12
N ALA D 232 34.14 14.05 -1.93
CA ALA D 232 35.53 13.70 -2.21
C ALA D 232 36.40 14.01 -1.01
N GLU D 233 36.21 13.25 0.07
CA GLU D 233 36.95 13.44 1.31
C GLU D 233 38.21 12.58 1.41
N LEU D 234 38.48 11.72 0.42
CA LEU D 234 39.49 10.72 0.18
C LEU D 234 40.25 11.00 -1.10
N GLN D 235 41.58 10.84 -1.03
CA GLN D 235 42.44 10.87 -2.21
C GLN D 235 43.65 10.00 -1.93
N LEU D 236 44.10 9.27 -2.94
CA LEU D 236 45.15 8.29 -2.79
C LEU D 236 46.24 8.50 -3.84
N GLN D 237 47.47 8.16 -3.48
CA GLN D 237 48.60 8.22 -4.39
C GLN D 237 48.86 6.89 -5.09
N GLN D 238 48.06 5.86 -4.79
CA GLN D 238 48.24 4.58 -5.44
C GLN D 238 47.98 4.71 -6.94
N PRO D 239 48.81 4.14 -7.80
CA PRO D 239 48.72 4.46 -9.23
C PRO D 239 47.56 3.78 -9.96
N HIS D 240 46.76 2.95 -9.29
CA HIS D 240 45.72 2.18 -9.97
C HIS D 240 44.41 2.23 -9.19
N VAL D 241 44.00 3.43 -8.79
CA VAL D 241 42.77 3.61 -8.02
C VAL D 241 41.74 4.33 -8.86
N VAL D 242 40.47 3.99 -8.60
CA VAL D 242 39.33 4.63 -9.24
C VAL D 242 38.36 5.05 -8.14
N ARG D 243 37.59 6.11 -8.41
CA ARG D 243 36.72 6.70 -7.41
C ARG D 243 35.30 6.82 -7.96
N LEU D 244 34.33 6.86 -7.03
CA LEU D 244 32.93 6.95 -7.38
C LEU D 244 32.20 7.78 -6.34
N GLU D 245 31.23 8.57 -6.79
CA GLU D 245 30.35 9.35 -5.92
C GLU D 245 28.92 9.21 -6.40
N THR D 246 27.98 9.39 -5.48
CA THR D 246 26.57 9.15 -5.78
C THR D 246 25.97 10.35 -6.50
N ARG D 247 24.69 10.23 -6.85
CA ARG D 247 23.94 11.31 -7.48
C ARG D 247 22.54 11.33 -6.88
N PRO D 248 22.28 12.19 -5.90
CA PRO D 248 20.96 12.21 -5.27
C PRO D 248 19.88 12.58 -6.28
N PRO D 249 18.61 12.54 -5.88
CA PRO D 249 17.53 12.77 -6.84
C PRO D 249 17.67 14.12 -7.53
N ASN D 250 17.37 14.13 -8.83
CA ASN D 250 17.46 15.34 -9.64
C ASN D 250 16.14 16.09 -9.57
N LEU D 251 15.97 17.11 -10.43
CA LEU D 251 14.74 17.88 -10.45
C LEU D 251 13.54 17.05 -10.85
N GLU D 252 13.75 15.92 -11.54
CA GLU D 252 12.67 15.05 -11.96
C GLU D 252 12.35 13.97 -10.93
N GLY D 253 13.03 13.95 -9.79
CA GLY D 253 12.80 12.91 -8.81
C GLY D 253 13.15 11.53 -9.29
N SER D 254 14.16 11.41 -10.14
CA SER D 254 14.59 10.12 -10.67
C SER D 254 16.01 10.28 -11.20
N GLY D 255 16.51 9.24 -11.88
CA GLY D 255 17.85 9.26 -12.40
C GLY D 255 18.94 9.16 -11.36
N ALA D 256 18.57 8.98 -10.09
CA ALA D 256 19.55 8.89 -9.03
C ALA D 256 20.16 7.50 -8.97
N VAL D 257 21.31 7.40 -8.31
CA VAL D 257 22.03 6.15 -8.12
C VAL D 257 22.37 6.07 -6.64
N THR D 258 21.54 5.37 -5.87
CA THR D 258 21.73 5.27 -4.44
C THR D 258 23.01 4.52 -4.11
N MET D 259 23.34 4.39 -2.83
CA MET D 259 24.58 3.73 -2.44
C MET D 259 24.60 2.28 -2.91
N ARG D 260 23.48 1.57 -2.76
CA ARG D 260 23.42 0.19 -3.25
C ARG D 260 23.67 0.13 -4.75
N ASP D 261 23.09 1.07 -5.50
CA ASP D 261 23.26 1.05 -6.95
C ASP D 261 24.70 1.27 -7.36
N LEU D 262 25.55 1.72 -6.44
CA LEU D 262 26.98 1.85 -6.72
C LEU D 262 27.76 0.64 -6.21
N VAL D 263 27.49 0.19 -4.99
CA VAL D 263 28.23 -0.95 -4.44
C VAL D 263 27.97 -2.20 -5.24
N LYS D 264 26.72 -2.43 -5.64
CA LYS D 264 26.37 -3.65 -6.37
C LYS D 264 27.13 -3.71 -7.68
N ASN D 265 27.27 -2.58 -8.37
CA ASN D 265 28.06 -2.56 -9.59
C ASN D 265 29.56 -2.62 -9.32
N CYS D 266 29.99 -2.09 -8.18
CA CYS D 266 31.39 -2.22 -7.79
C CYS D 266 31.76 -3.68 -7.59
N LEU D 267 30.79 -4.50 -7.19
CA LEU D 267 31.02 -5.93 -7.04
C LEU D 267 31.07 -6.68 -8.38
N ARG D 268 31.17 -5.97 -9.50
CA ARG D 268 31.12 -6.61 -10.80
C ARG D 268 32.22 -6.17 -11.75
N MET D 269 33.16 -5.33 -11.32
CA MET D 269 34.30 -4.93 -12.12
C MET D 269 35.61 -5.44 -11.52
N ARG D 270 35.54 -6.57 -10.81
CA ARG D 270 36.66 -7.25 -10.16
C ARG D 270 37.64 -6.30 -9.51
N PRO D 271 37.22 -5.51 -8.52
CA PRO D 271 38.18 -4.80 -7.67
C PRO D 271 38.64 -5.70 -6.52
N GLU D 272 39.80 -5.35 -5.97
CA GLU D 272 40.38 -6.11 -4.87
C GLU D 272 39.99 -5.52 -3.51
N ARG D 273 40.16 -4.21 -3.35
CA ARG D 273 39.75 -3.51 -2.13
C ARG D 273 38.57 -2.62 -2.46
N ILE D 274 37.48 -2.79 -1.73
CA ILE D 274 36.31 -1.92 -1.81
C ILE D 274 36.28 -1.11 -0.53
N ILE D 275 36.51 0.20 -0.64
CA ILE D 275 36.57 1.10 0.49
C ILE D 275 35.35 2.03 0.40
N VAL D 276 34.46 1.92 1.38
CA VAL D 276 33.22 2.68 1.40
C VAL D 276 33.33 3.77 2.44
N GLY D 277 33.02 5.00 2.04
CA GLY D 277 33.16 6.16 2.91
C GLY D 277 32.27 6.10 4.14
N GLU D 278 30.96 6.14 3.93
CA GLU D 278 30.00 6.17 5.02
C GLU D 278 28.95 5.08 4.81
N VAL D 279 28.58 4.42 5.90
CA VAL D 279 27.60 3.34 5.88
C VAL D 279 26.35 3.83 6.61
N ARG D 280 25.23 3.87 5.88
CA ARG D 280 23.98 4.42 6.41
C ARG D 280 23.04 3.35 6.95
N GLY D 281 22.68 2.38 6.11
CA GLY D 281 21.62 1.45 6.42
C GLY D 281 21.76 0.12 5.71
N PRO D 282 20.68 -0.35 5.09
CA PRO D 282 20.71 -1.70 4.50
C PRO D 282 21.75 -1.87 3.41
N GLU D 283 22.20 -0.80 2.76
CA GLU D 283 23.21 -0.95 1.72
C GLU D 283 24.49 -1.58 2.26
N ALA D 284 24.74 -1.45 3.56
CA ALA D 284 25.88 -2.13 4.16
C ALA D 284 25.93 -3.60 3.76
N PHE D 285 24.77 -4.22 3.59
CA PHE D 285 24.70 -5.60 3.13
C PHE D 285 25.64 -5.85 1.97
N ASP D 286 25.51 -5.06 0.90
CA ASP D 286 26.38 -5.23 -0.25
C ASP D 286 27.85 -5.18 0.16
N LEU D 287 28.22 -4.16 0.93
CA LEU D 287 29.59 -4.09 1.42
C LEU D 287 29.93 -5.33 2.23
N LEU D 288 29.04 -5.75 3.12
CA LEU D 288 29.29 -6.97 3.88
C LEU D 288 29.34 -8.18 2.98
N GLN D 289 28.62 -8.16 1.86
CA GLN D 289 28.78 -9.21 0.87
C GLN D 289 30.15 -9.11 0.20
N ALA D 290 30.61 -7.89 -0.05
CA ALA D 290 31.93 -7.72 -0.63
C ALA D 290 33.01 -8.23 0.30
N MET D 291 32.88 -7.96 1.59
CA MET D 291 33.90 -8.32 2.56
C MET D 291 34.03 -9.83 2.73
N ASN D 292 33.02 -10.60 2.32
CA ASN D 292 33.06 -12.05 2.40
C ASN D 292 33.29 -12.73 1.06
N THR D 293 32.73 -12.20 -0.02
CA THR D 293 32.74 -12.87 -1.32
C THR D 293 33.99 -12.55 -2.12
N GLY D 294 35.16 -12.74 -1.51
CA GLY D 294 36.42 -12.69 -2.21
C GLY D 294 37.12 -11.35 -2.23
N HIS D 295 36.40 -10.26 -1.98
CA HIS D 295 37.01 -8.93 -2.00
C HIS D 295 37.53 -8.60 -0.60
N ASP D 296 38.63 -9.25 -0.25
CA ASP D 296 39.23 -9.03 1.06
C ASP D 296 39.75 -7.60 1.17
N GLY D 297 39.60 -7.02 2.36
CA GLY D 297 40.12 -5.70 2.61
C GLY D 297 39.14 -4.58 2.35
N SER D 298 37.95 -4.67 2.93
CA SER D 298 36.94 -3.63 2.83
C SER D 298 36.78 -2.94 4.18
N MET D 299 36.59 -1.62 4.13
CA MET D 299 36.57 -0.80 5.32
C MET D 299 35.32 0.08 5.32
N GLY D 300 34.56 0.03 6.41
CA GLY D 300 33.37 0.83 6.54
C GLY D 300 33.45 1.74 7.76
N THR D 301 32.61 2.77 7.76
CA THR D 301 32.58 3.78 8.80
C THR D 301 31.14 4.02 9.24
N LEU D 302 30.86 3.78 10.52
CA LEU D 302 29.54 4.00 11.09
C LEU D 302 29.68 4.86 12.35
N HIS D 303 28.55 5.10 13.01
CA HIS D 303 28.49 5.91 14.23
C HIS D 303 27.84 5.09 15.34
N ALA D 304 28.66 4.38 16.11
CA ALA D 304 28.21 3.63 17.26
C ALA D 304 29.22 3.78 18.39
N ASN D 305 28.75 3.70 19.63
CA ASN D 305 29.59 3.98 20.78
C ASN D 305 30.49 2.79 21.12
N SER D 306 29.89 1.65 21.44
CA SER D 306 30.60 0.46 21.89
C SER D 306 30.54 -0.64 20.84
N PRO D 307 31.46 -1.60 20.88
CA PRO D 307 31.41 -2.70 19.89
C PRO D 307 30.08 -3.41 19.86
N ARG D 308 29.48 -3.67 21.03
CA ARG D 308 28.14 -4.23 21.06
C ARG D 308 27.16 -3.29 20.34
N GLU D 309 27.30 -1.99 20.57
CA GLU D 309 26.43 -1.02 19.91
C GLU D 309 26.68 -1.02 18.40
N ALA D 310 27.94 -1.13 17.98
CA ALA D 310 28.23 -1.19 16.54
C ALA D 310 27.58 -2.40 15.89
N ILE D 311 27.68 -3.56 16.53
CA ILE D 311 27.09 -4.76 15.94
C ILE D 311 25.57 -4.67 15.96
N SER D 312 25.00 -4.09 17.03
CA SER D 312 23.55 -3.91 17.06
C SER D 312 23.08 -2.98 15.95
N ARG D 313 23.83 -1.90 15.70
CA ARG D 313 23.48 -1.00 14.61
C ARG D 313 23.59 -1.71 13.27
N ILE D 314 24.62 -2.54 13.09
CA ILE D 314 24.74 -3.29 11.84
C ILE D 314 23.55 -4.22 11.65
N GLU D 315 23.14 -4.91 12.73
CA GLU D 315 21.99 -5.80 12.64
C GLU D 315 20.73 -5.03 12.27
N SER D 316 20.52 -3.88 12.90
CA SER D 316 19.34 -3.08 12.60
C SER D 316 19.37 -2.60 11.15
N MET D 317 20.53 -2.15 10.67
CA MET D 317 20.64 -1.70 9.29
C MET D 317 20.35 -2.84 8.31
N ILE D 318 20.88 -4.02 8.59
CA ILE D 318 20.63 -5.16 7.71
C ILE D 318 19.14 -5.51 7.69
N THR D 319 18.50 -5.53 8.87
CA THR D 319 17.07 -5.82 8.90
C THR D 319 16.26 -4.74 8.23
N MET D 320 16.76 -3.50 8.19
CA MET D 320 16.02 -2.41 7.58
C MET D 320 15.81 -2.61 6.09
N GLY D 321 16.59 -3.49 5.45
CA GLY D 321 16.50 -3.66 4.01
C GLY D 321 15.28 -4.43 3.54
N GLY D 322 14.52 -5.02 4.45
CA GLY D 322 13.36 -5.81 4.09
C GLY D 322 13.67 -7.22 3.67
N TYR D 323 14.94 -7.63 3.67
CA TYR D 323 15.30 -8.99 3.30
C TYR D 323 14.74 -10.02 4.28
N GLY D 324 14.46 -9.61 5.52
CA GLY D 324 13.82 -10.50 6.48
C GLY D 324 14.71 -11.61 7.00
N LEU D 325 16.02 -11.47 6.88
CA LEU D 325 16.92 -12.49 7.39
C LEU D 325 16.77 -12.60 8.90
N PRO D 326 16.65 -13.79 9.47
CA PRO D 326 16.58 -13.91 10.93
C PRO D 326 17.85 -13.34 11.58
N SER D 327 17.68 -12.75 12.76
CA SER D 327 18.79 -12.04 13.39
C SER D 327 19.99 -12.95 13.60
N LYS D 328 19.76 -14.24 13.83
CA LYS D 328 20.88 -15.16 14.01
C LYS D 328 21.79 -15.19 12.78
N THR D 329 21.19 -15.34 11.60
CA THR D 329 21.99 -15.38 10.39
C THR D 329 22.63 -14.04 10.10
N ILE D 330 21.95 -12.94 10.44
CA ILE D 330 22.56 -11.62 10.26
C ILE D 330 23.80 -11.49 11.14
N LYS D 331 23.72 -11.98 12.38
CA LYS D 331 24.89 -11.95 13.25
C LYS D 331 26.01 -12.84 12.71
N GLU D 332 25.66 -14.00 12.16
CA GLU D 332 26.67 -14.85 11.55
C GLU D 332 27.37 -14.12 10.40
N MET D 333 26.59 -13.44 9.56
CA MET D 333 27.18 -12.66 8.48
C MET D 333 28.08 -11.56 9.01
N ILE D 334 27.65 -10.89 10.09
CA ILE D 334 28.45 -9.83 10.67
C ILE D 334 29.78 -10.37 11.17
N VAL D 335 29.76 -11.53 11.83
CA VAL D 335 30.99 -12.16 12.28
C VAL D 335 31.88 -12.49 11.09
N GLY D 336 31.29 -13.04 10.02
CA GLY D 336 32.07 -13.38 8.85
C GLY D 336 32.73 -12.16 8.21
N SER D 337 32.03 -11.03 8.21
CA SER D 337 32.48 -9.85 7.50
C SER D 337 33.33 -8.90 8.33
N VAL D 338 33.26 -8.99 9.66
CA VAL D 338 33.93 -8.05 10.55
C VAL D 338 35.05 -8.80 11.28
N ASP D 339 36.27 -8.28 11.19
CA ASP D 339 37.42 -8.81 11.90
C ASP D 339 38.06 -7.82 12.85
N VAL D 340 38.21 -6.56 12.43
CA VAL D 340 38.86 -5.53 13.21
C VAL D 340 37.88 -4.38 13.43
N ILE D 341 37.80 -3.91 14.67
CA ILE D 341 36.99 -2.76 15.04
C ILE D 341 37.93 -1.74 15.65
N ILE D 342 38.16 -0.65 14.93
CA ILE D 342 38.87 0.53 15.43
C ILE D 342 37.81 1.45 16.01
N GLN D 343 37.50 1.26 17.30
CA GLN D 343 36.46 2.02 17.97
C GLN D 343 37.09 3.27 18.57
N ALA D 344 36.91 4.39 17.88
CA ALA D 344 37.52 5.65 18.29
C ALA D 344 36.87 6.19 19.55
N ALA D 345 35.53 6.20 19.59
CA ALA D 345 34.80 6.74 20.73
C ALA D 345 35.23 8.17 21.03
N ARG D 353 40.73 10.18 20.33
CA ARG D 353 41.11 8.93 20.97
C ARG D 353 40.74 7.72 20.11
N ILE D 354 41.50 6.65 20.29
CA ILE D 354 41.30 5.40 19.55
C ILE D 354 40.93 4.33 20.58
N THR D 355 40.10 4.72 21.55
CA THR D 355 39.94 4.00 22.81
C THR D 355 40.05 2.48 22.68
N HIS D 356 39.39 1.89 21.68
CA HIS D 356 39.34 0.45 21.57
C HIS D 356 39.87 -0.02 20.22
N ILE D 357 40.66 -1.09 20.24
CA ILE D 357 40.92 -1.91 19.06
C ILE D 357 40.55 -3.33 19.43
N THR D 358 39.53 -3.88 18.76
CA THR D 358 38.87 -5.12 19.17
C THR D 358 38.65 -6.00 17.96
N GLU D 359 38.45 -7.29 18.21
CA GLU D 359 38.18 -8.25 17.14
C GLU D 359 37.13 -9.26 17.60
N VAL D 360 36.42 -9.84 16.63
CA VAL D 360 35.44 -10.87 16.92
C VAL D 360 36.12 -12.21 17.13
N VAL D 361 35.44 -13.10 17.85
CA VAL D 361 36.01 -14.41 18.16
C VAL D 361 35.06 -15.52 17.69
N GLY D 362 33.78 -15.21 17.60
CA GLY D 362 32.80 -16.18 17.16
C GLY D 362 31.44 -15.89 17.77
N LEU D 363 30.53 -16.85 17.59
CA LEU D 363 29.17 -16.74 18.08
C LEU D 363 28.79 -17.98 18.88
N GLU D 364 27.93 -17.77 19.87
CA GLU D 364 27.37 -18.86 20.67
C GLU D 364 25.88 -18.63 20.91
N GLY D 365 25.22 -17.89 20.03
CA GLY D 365 23.85 -17.46 20.23
C GLY D 365 23.71 -15.97 20.02
N ASP D 366 22.82 -15.32 20.77
CA ASP D 366 22.77 -13.86 20.73
C ASP D 366 24.10 -13.26 21.17
N VAL D 367 24.85 -13.98 22.00
CA VAL D 367 26.16 -13.49 22.44
C VAL D 367 27.12 -13.49 21.27
N ILE D 368 27.84 -12.39 21.09
CA ILE D 368 28.85 -12.27 20.06
C ILE D 368 30.21 -12.21 20.73
N VAL D 369 30.88 -13.36 20.84
CA VAL D 369 32.16 -13.43 21.54
C VAL D 369 33.13 -12.46 20.88
N THR D 370 33.54 -11.44 21.62
CA THR D 370 34.40 -10.39 21.10
C THR D 370 35.48 -10.09 22.14
N GLN D 371 36.73 -10.29 21.77
CA GLN D 371 37.86 -10.01 22.63
C GLN D 371 38.45 -8.65 22.28
N ASP D 372 39.57 -8.30 22.91
CA ASP D 372 40.16 -6.98 22.73
C ASP D 372 41.66 -7.12 22.45
N LEU D 373 42.21 -6.07 21.85
CA LEU D 373 43.65 -6.02 21.57
C LEU D 373 44.26 -4.76 22.18
N PHE D 374 43.53 -3.64 22.14
CA PHE D 374 44.00 -2.43 22.79
C PHE D 374 42.83 -1.75 23.50
N VAL D 375 43.06 -1.39 24.76
CA VAL D 375 42.04 -0.77 25.61
C VAL D 375 42.60 0.50 26.22
N TYR D 376 41.84 1.58 26.16
CA TYR D 376 42.21 2.84 26.78
C TYR D 376 41.44 3.01 28.08
N GLU D 377 42.17 3.27 29.16
CA GLU D 377 41.60 3.38 30.50
C GLU D 377 41.92 4.74 31.09
N ILE D 378 41.09 5.16 32.04
CA ILE D 378 41.20 6.47 32.68
C ILE D 378 41.68 6.27 34.11
N THR D 379 42.62 7.10 34.55
CA THR D 379 43.15 7.03 35.91
C THR D 379 42.76 8.20 36.78
N GLY D 380 42.49 9.37 36.21
CA GLY D 380 42.12 10.53 36.98
C GLY D 380 42.02 11.79 36.14
N GLU D 381 42.47 12.91 36.68
CA GLU D 381 42.44 14.18 35.98
C GLU D 381 43.66 15.01 36.36
N ASP D 382 44.04 15.92 35.46
CA ASP D 382 45.16 16.81 35.68
C ASP D 382 44.68 18.16 36.20
N GLU D 383 45.61 18.93 36.78
CA GLU D 383 45.25 20.22 37.32
C GLU D 383 44.65 21.13 36.25
N HIS D 384 45.12 20.99 35.01
CA HIS D 384 44.55 21.77 33.91
C HIS D 384 43.19 21.26 33.46
N GLY D 385 42.77 20.09 33.95
CA GLY D 385 41.50 19.50 33.57
C GLY D 385 41.57 18.37 32.58
N LYS D 386 42.75 18.10 32.01
CA LYS D 386 42.87 17.02 31.05
C LYS D 386 42.55 15.67 31.70
N VAL D 387 41.94 14.79 30.92
CA VAL D 387 41.63 13.44 31.37
C VAL D 387 42.92 12.61 31.26
N VAL D 388 43.46 12.22 32.41
CA VAL D 388 44.70 11.44 32.45
C VAL D 388 44.34 9.96 32.33
N GLY D 389 45.02 9.27 31.43
CA GLY D 389 44.77 7.85 31.25
C GLY D 389 45.95 7.13 30.64
N LYS D 390 45.71 5.90 30.20
CA LYS D 390 46.74 5.10 29.56
C LYS D 390 46.09 4.23 28.49
N HIS D 391 46.93 3.73 27.58
CA HIS D 391 46.49 2.88 26.49
C HIS D 391 47.27 1.57 26.57
N ARG D 392 46.59 0.48 26.90
CA ARG D 392 47.22 -0.79 27.16
C ARG D 392 47.00 -1.74 26.00
N SER D 393 48.10 -2.34 25.53
CA SER D 393 48.00 -3.53 24.69
C SER D 393 47.52 -4.67 25.57
N THR D 394 46.26 -5.08 25.35
CA THR D 394 45.59 -6.00 26.27
C THR D 394 46.51 -7.13 26.74
N GLY D 395 47.25 -7.73 25.82
CA GLY D 395 48.21 -8.75 26.20
C GLY D 395 48.22 -9.98 25.32
N ILE D 396 47.08 -10.31 24.71
CA ILE D 396 47.01 -11.50 23.88
C ILE D 396 47.90 -11.31 22.66
N ALA D 397 48.68 -12.34 22.34
CA ALA D 397 49.69 -12.27 21.28
C ALA D 397 49.16 -12.68 19.92
N ARG D 398 48.24 -13.65 19.85
CA ARG D 398 47.72 -14.13 18.58
C ARG D 398 46.30 -13.62 18.36
N PRO D 399 46.14 -12.44 17.76
CA PRO D 399 44.79 -11.99 17.40
C PRO D 399 44.16 -12.87 16.33
N ARG D 400 42.93 -12.56 15.94
CA ARG D 400 42.23 -13.40 14.96
C ARG D 400 42.91 -13.40 13.60
N PHE D 401 43.73 -12.39 13.29
CA PHE D 401 44.32 -12.25 11.98
C PHE D 401 45.78 -12.72 11.94
N TRP D 402 46.13 -13.72 12.75
CA TRP D 402 47.48 -14.24 12.72
C TRP D 402 47.79 -14.91 11.39
N ASP D 403 46.83 -15.68 10.86
CA ASP D 403 47.08 -16.44 9.63
C ASP D 403 47.35 -15.51 8.45
N ARG D 404 46.57 -14.45 8.30
CA ARG D 404 46.81 -13.50 7.22
C ARG D 404 48.20 -12.89 7.34
N ALA D 405 48.57 -12.47 8.55
CA ALA D 405 49.87 -11.85 8.75
C ALA D 405 50.99 -12.81 8.39
N ARG D 406 50.86 -14.08 8.80
CA ARG D 406 51.88 -15.05 8.45
C ARG D 406 51.94 -15.28 6.94
N TYR D 407 50.77 -15.31 6.29
CA TYR D 407 50.74 -15.51 4.84
C TYR D 407 51.49 -14.39 4.13
N TYR D 408 51.26 -13.14 4.54
CA TYR D 408 51.89 -12.00 3.88
C TYR D 408 53.30 -11.73 4.39
N GLY D 409 53.77 -12.49 5.38
CA GLY D 409 55.14 -12.35 5.86
C GLY D 409 55.33 -11.17 6.78
N LEU D 410 54.50 -11.10 7.82
CA LEU D 410 54.56 -9.99 8.77
C LEU D 410 54.44 -10.41 10.22
N GLU D 411 54.42 -11.72 10.52
CA GLU D 411 54.32 -12.15 11.90
C GLU D 411 55.48 -11.64 12.73
N ARG D 412 56.65 -11.48 12.12
CA ARG D 412 57.79 -10.93 12.85
C ARG D 412 57.53 -9.49 13.29
N GLU D 413 56.85 -8.71 12.44
CA GLU D 413 56.47 -7.37 12.86
C GLU D 413 55.51 -7.41 14.04
N LEU D 414 54.56 -8.34 14.00
CA LEU D 414 53.62 -8.48 15.11
C LEU D 414 54.36 -8.80 16.40
N ALA D 415 55.34 -9.71 16.33
CA ALA D 415 56.14 -10.01 17.51
C ALA D 415 56.93 -8.80 17.98
N GLU D 416 57.51 -8.05 17.03
CA GLU D 416 58.33 -6.90 17.40
C GLU D 416 57.50 -5.79 18.01
N ALA D 417 56.21 -5.73 17.70
CA ALA D 417 55.35 -4.63 18.15
C ALA D 417 54.38 -5.04 19.23
N LEU D 418 53.54 -6.05 18.99
CA LEU D 418 52.51 -6.39 19.95
C LEU D 418 53.06 -7.16 21.15
N ASP D 419 54.02 -8.05 20.93
CA ASP D 419 54.61 -8.77 22.06
C ASP D 419 55.52 -7.87 22.88
N ALA D 420 56.26 -6.97 22.23
CA ALA D 420 57.09 -6.02 22.94
C ALA D 420 56.26 -4.96 23.66
N ALA D 421 55.04 -4.70 23.19
CA ALA D 421 54.20 -3.70 23.85
C ALA D 421 53.80 -4.14 25.25
N GLU D 422 53.62 -5.44 25.46
CA GLU D 422 53.26 -5.93 26.78
C GLU D 422 54.36 -5.67 27.79
N ALA D 423 55.61 -6.00 27.42
CA ALA D 423 56.74 -5.81 28.32
C ALA D 423 57.07 -4.33 28.49
N ASP E 1 -27.22 57.52 8.29
CA ASP E 1 -28.65 57.47 7.98
C ASP E 1 -28.86 57.31 6.48
N TYR E 2 -29.09 58.44 5.79
CA TYR E 2 -29.26 58.41 4.34
C TYR E 2 -27.97 58.03 3.62
N TYR E 3 -26.83 58.04 4.32
CA TYR E 3 -25.58 57.70 3.67
C TYR E 3 -25.59 56.29 3.13
N HIS E 4 -26.41 55.40 3.69
CA HIS E 4 -26.44 54.02 3.24
C HIS E 4 -26.93 53.94 1.79
N ALA E 5 -28.10 54.54 1.51
CA ALA E 5 -28.65 54.46 0.16
C ALA E 5 -27.77 55.19 -0.85
N THR E 6 -27.28 56.39 -0.49
CA THR E 6 -26.42 57.13 -1.40
C THR E 6 -25.13 56.36 -1.67
N LYS E 7 -24.55 55.76 -0.64
CA LYS E 7 -23.33 54.97 -0.81
C LYS E 7 -23.59 53.76 -1.69
N THR E 8 -24.74 53.10 -1.50
CA THR E 8 -25.07 51.96 -2.36
C THR E 8 -25.20 52.41 -3.82
N THR E 9 -25.86 53.54 -4.06
CA THR E 9 -26.01 54.04 -5.42
C THR E 9 -24.66 54.38 -6.02
N ILE E 10 -23.79 55.03 -5.25
CA ILE E 10 -22.46 55.40 -5.74
C ILE E 10 -21.64 54.16 -6.06
N PHE E 11 -21.70 53.16 -5.18
CA PHE E 11 -20.97 51.92 -5.42
C PHE E 11 -21.49 51.21 -6.67
N ASN E 12 -22.82 51.19 -6.85
CA ASN E 12 -23.38 50.59 -8.05
C ASN E 12 -22.91 51.31 -9.30
N ALA E 13 -22.92 52.65 -9.27
CA ALA E 13 -22.48 53.41 -10.43
C ALA E 13 -21.01 53.15 -10.73
N LEU E 14 -20.17 53.13 -9.69
CA LEU E 14 -18.75 52.88 -9.89
C LEU E 14 -18.52 51.48 -10.45
N LEU E 15 -19.22 50.48 -9.91
CA LEU E 15 -19.06 49.11 -10.41
C LEU E 15 -19.51 49.00 -11.86
N ASN E 16 -20.62 49.64 -12.21
CA ASN E 16 -21.06 49.63 -13.60
C ASN E 16 -20.03 50.29 -14.50
N THR E 17 -19.45 51.40 -14.06
CA THR E 17 -18.40 52.06 -14.85
C THR E 17 -17.05 51.39 -14.61
N ILE E 18 -16.55 51.45 -13.38
CA ILE E 18 -15.29 50.81 -13.00
C ILE E 18 -15.67 49.49 -12.35
N ASP E 19 -15.73 48.44 -13.16
CA ASP E 19 -16.15 47.13 -12.67
C ASP E 19 -14.97 46.40 -12.01
N LEU E 20 -15.27 45.70 -10.92
CA LEU E 20 -14.27 44.86 -10.28
C LEU E 20 -13.84 43.70 -11.18
N SER E 21 -14.60 43.40 -12.22
CA SER E 21 -14.23 42.34 -13.15
C SER E 21 -13.00 42.68 -13.97
N GLN E 22 -12.54 43.93 -13.94
CA GLN E 22 -11.34 44.35 -14.65
C GLN E 22 -10.08 44.19 -13.81
N LEU E 23 -10.06 43.22 -12.89
CA LEU E 23 -8.91 42.98 -12.04
C LEU E 23 -7.65 42.81 -12.90
N ALA E 24 -6.49 43.10 -12.31
CA ALA E 24 -5.18 43.13 -12.97
C ALA E 24 -4.96 44.43 -13.73
N GLN E 25 -5.92 45.34 -13.73
CA GLN E 25 -5.77 46.67 -14.31
C GLN E 25 -6.25 47.70 -13.30
N LEU E 26 -5.76 48.94 -13.44
CA LEU E 26 -6.05 50.00 -12.49
C LEU E 26 -5.59 49.59 -11.08
N ASP E 27 -4.28 49.42 -10.96
CA ASP E 27 -3.68 48.89 -9.74
C ASP E 27 -3.93 49.85 -8.58
N LEU E 28 -3.34 49.55 -7.42
CA LEU E 28 -3.64 50.25 -6.18
C LEU E 28 -3.74 51.76 -6.36
N LYS E 29 -2.66 52.40 -6.81
CA LYS E 29 -2.71 53.84 -7.02
C LYS E 29 -3.70 54.22 -8.11
N GLN E 30 -3.69 53.46 -9.21
CA GLN E 30 -4.65 53.72 -10.29
C GLN E 30 -6.08 53.51 -9.80
N ALA E 31 -6.31 52.45 -9.02
CA ALA E 31 -7.64 52.21 -8.48
C ALA E 31 -8.08 53.36 -7.59
N GLY E 32 -7.18 53.85 -6.74
CA GLY E 32 -7.53 54.96 -5.86
C GLY E 32 -7.87 56.22 -6.64
N GLU E 33 -7.05 56.55 -7.63
CA GLU E 33 -7.31 57.74 -8.44
C GLU E 33 -8.63 57.61 -9.19
N GLU E 34 -8.86 56.46 -9.82
CA GLU E 34 -10.09 56.25 -10.56
C GLU E 34 -11.30 56.29 -9.65
N ILE E 35 -11.20 55.68 -8.47
CA ILE E 35 -12.31 55.69 -7.54
C ILE E 35 -12.62 57.10 -7.06
N ARG E 36 -11.58 57.88 -6.74
CA ARG E 36 -11.80 59.25 -6.32
C ARG E 36 -12.48 60.06 -7.42
N ASP E 37 -11.99 59.95 -8.66
CA ASP E 37 -12.58 60.70 -9.76
C ASP E 37 -14.03 60.27 -10.00
N ILE E 38 -14.29 58.96 -9.97
CA ILE E 38 -15.64 58.47 -10.25
C ILE E 38 -16.60 58.87 -9.14
N VAL E 39 -16.14 58.84 -7.89
CA VAL E 39 -17.00 59.24 -6.78
C VAL E 39 -17.30 60.73 -6.86
N ALA E 40 -16.30 61.55 -7.20
CA ALA E 40 -16.57 62.97 -7.39
C ALA E 40 -17.57 63.20 -8.51
N GLU E 41 -17.41 62.49 -9.63
CA GLU E 41 -18.35 62.64 -10.74
C GLU E 41 -19.76 62.23 -10.33
N LEU E 42 -19.88 61.11 -9.61
CA LEU E 42 -21.19 60.67 -9.15
C LEU E 42 -21.82 61.67 -8.19
N VAL E 43 -21.03 62.20 -7.25
CA VAL E 43 -21.55 63.19 -6.32
C VAL E 43 -22.02 64.42 -7.09
N ALA E 44 -21.30 64.80 -8.14
CA ALA E 44 -21.76 65.89 -8.99
C ALA E 44 -23.07 65.54 -9.70
N ILE E 45 -23.21 64.28 -10.14
CA ILE E 45 -24.39 63.85 -10.88
C ILE E 45 -25.41 63.23 -9.93
N LYS E 46 -25.01 62.16 -9.24
CA LYS E 46 -25.90 61.51 -8.30
C LYS E 46 -26.28 62.48 -7.18
N ASN E 47 -27.58 62.54 -6.88
CA ASN E 47 -28.08 63.46 -5.87
C ASN E 47 -27.67 62.95 -4.49
N VAL E 48 -26.68 63.60 -3.88
CA VAL E 48 -26.20 63.27 -2.55
C VAL E 48 -26.14 64.55 -1.73
N SER E 49 -26.72 64.52 -0.53
CA SER E 49 -26.70 65.65 0.37
C SER E 49 -25.45 65.70 1.24
N MET E 50 -24.56 64.71 1.13
CA MET E 50 -23.35 64.69 1.93
C MET E 50 -22.45 65.86 1.57
N SER E 51 -21.74 66.37 2.58
CA SER E 51 -20.83 67.49 2.40
C SER E 51 -19.51 67.01 1.78
N VAL E 52 -18.58 67.95 1.62
CA VAL E 52 -17.28 67.61 1.02
C VAL E 52 -16.57 66.56 1.86
N ALA E 53 -16.55 66.75 3.18
CA ALA E 53 -15.98 65.74 4.06
C ALA E 53 -16.76 64.43 3.97
N GLU E 54 -18.09 64.52 3.92
CA GLU E 54 -18.90 63.33 3.77
C GLU E 54 -18.61 62.64 2.43
N GLN E 55 -18.43 63.42 1.37
CA GLN E 55 -18.09 62.83 0.08
C GLN E 55 -16.73 62.14 0.14
N GLU E 56 -15.76 62.75 0.82
CA GLU E 56 -14.45 62.11 0.95
C GLU E 56 -14.55 60.81 1.74
N HIS E 57 -15.36 60.79 2.80
CA HIS E 57 -15.53 59.57 3.57
C HIS E 57 -16.24 58.49 2.75
N LEU E 58 -17.20 58.90 1.92
CA LEU E 58 -17.81 57.94 1.01
C LEU E 58 -16.79 57.40 0.01
N VAL E 59 -15.88 58.26 -0.45
CA VAL E 59 -14.80 57.79 -1.32
C VAL E 59 -13.94 56.77 -0.58
N GLN E 60 -13.66 57.02 0.70
CA GLN E 60 -12.89 56.07 1.49
C GLN E 60 -13.63 54.73 1.60
N ASP E 61 -14.94 54.78 1.82
CA ASP E 61 -15.72 53.55 1.87
C ASP E 61 -15.67 52.80 0.55
N ILE E 62 -15.75 53.54 -0.57
CA ILE E 62 -15.65 52.92 -1.88
C ILE E 62 -14.30 52.24 -2.05
N ILE E 63 -13.23 52.91 -1.60
CA ILE E 63 -11.89 52.34 -1.69
C ILE E 63 -11.82 51.06 -0.88
N ASN E 64 -12.38 51.07 0.34
CA ASN E 64 -12.38 49.87 1.16
C ASN E 64 -13.14 48.74 0.49
N ASP E 65 -14.30 49.05 -0.10
CA ASP E 65 -15.08 48.02 -0.77
C ASP E 65 -14.32 47.43 -1.95
N VAL E 66 -13.65 48.29 -2.73
CA VAL E 66 -13.00 47.84 -3.95
C VAL E 66 -11.76 47.02 -3.64
N LEU E 67 -10.93 47.49 -2.69
CA LEU E 67 -9.65 46.84 -2.42
C LEU E 67 -9.37 46.66 -0.94
N GLY E 68 -10.40 46.69 -0.07
CA GLY E 68 -10.23 46.52 1.35
C GLY E 68 -10.75 45.19 1.87
N TYR E 69 -10.72 45.06 3.19
CA TYR E 69 -11.23 43.87 3.87
C TYR E 69 -12.72 43.98 4.21
N GLY E 70 -13.43 44.89 3.56
CA GLY E 70 -14.83 45.10 3.87
C GLY E 70 -15.02 45.85 5.16
N PRO E 71 -16.22 45.77 5.74
CA PRO E 71 -16.52 46.54 6.96
C PRO E 71 -15.57 46.25 8.12
N LEU E 72 -14.76 45.20 8.00
CA LEU E 72 -13.76 44.90 9.02
C LEU E 72 -12.59 45.87 9.00
N GLU E 73 -12.49 46.72 7.97
CA GLU E 73 -11.31 47.57 7.82
C GLU E 73 -11.00 48.40 9.05
N PRO E 74 -11.94 49.10 9.67
CA PRO E 74 -11.62 49.83 10.91
C PRO E 74 -11.51 48.93 12.14
N LEU E 75 -12.10 47.73 12.09
CA LEU E 75 -12.09 46.86 13.26
C LEU E 75 -10.68 46.41 13.62
N LEU E 76 -9.87 46.06 12.62
CA LEU E 76 -8.55 45.51 12.89
C LEU E 76 -7.54 46.57 13.34
N ALA E 77 -7.77 47.84 13.00
CA ALA E 77 -6.78 48.89 13.22
C ALA E 77 -7.11 49.77 14.42
N ARG E 78 -7.61 49.19 15.51
CA ARG E 78 -7.90 49.94 16.72
C ARG E 78 -6.82 49.67 17.77
N ASP E 79 -6.99 50.28 18.94
CA ASP E 79 -5.88 50.39 19.88
C ASP E 79 -5.67 49.12 20.70
N ASP E 80 -6.66 48.75 21.52
CA ASP E 80 -6.50 47.67 22.50
C ASP E 80 -7.64 46.67 22.39
N ILE E 81 -7.95 46.25 21.17
CA ILE E 81 -8.94 45.21 20.92
C ILE E 81 -8.20 43.88 20.81
N ALA E 82 -8.28 43.06 21.86
CA ALA E 82 -7.52 41.82 21.89
C ALA E 82 -8.04 40.81 20.87
N ASP E 83 -9.34 40.57 20.87
CA ASP E 83 -9.96 39.55 20.04
C ASP E 83 -11.14 40.12 19.28
N ILE E 84 -11.29 39.68 18.03
CA ILE E 84 -12.40 40.09 17.17
C ILE E 84 -13.08 38.82 16.67
N MET E 85 -14.33 38.62 17.05
CA MET E 85 -15.08 37.40 16.73
C MET E 85 -16.23 37.75 15.81
N VAL E 86 -16.52 36.89 14.84
CA VAL E 86 -17.62 37.06 13.92
C VAL E 86 -18.38 35.74 13.91
N ASN E 87 -19.50 35.70 14.62
CA ASN E 87 -20.37 34.52 14.68
C ASN E 87 -21.52 34.77 13.72
N GLY E 88 -21.39 34.28 12.49
CA GLY E 88 -22.35 34.58 11.46
C GLY E 88 -22.01 35.87 10.75
N ALA E 89 -23.04 36.64 10.37
CA ALA E 89 -22.85 37.88 9.63
C ALA E 89 -23.55 39.07 10.26
N HIS E 90 -24.00 38.97 11.51
CA HIS E 90 -24.74 40.06 12.14
C HIS E 90 -24.41 40.26 13.61
N ARG E 91 -23.47 39.49 14.18
CA ARG E 91 -23.25 39.49 15.62
C ARG E 91 -21.75 39.55 15.94
N VAL E 92 -21.04 40.50 15.31
CA VAL E 92 -19.61 40.64 15.55
C VAL E 92 -19.38 41.11 16.98
N PHE E 93 -18.54 40.38 17.71
CA PHE E 93 -18.13 40.70 19.07
C PHE E 93 -16.67 41.15 19.09
N ILE E 94 -16.30 41.86 20.16
CA ILE E 94 -14.90 42.22 20.40
C ILE E 94 -14.61 42.10 21.88
N GLU E 95 -13.36 41.76 22.20
CA GLU E 95 -12.92 41.61 23.59
C GLU E 95 -12.09 42.82 23.99
N VAL E 96 -12.44 43.42 25.13
CA VAL E 96 -11.73 44.55 25.69
C VAL E 96 -11.61 44.35 27.19
N GLY E 97 -10.46 44.72 27.74
CA GLY E 97 -10.25 44.62 29.19
C GLY E 97 -10.45 43.22 29.72
N GLY E 98 -10.14 42.20 28.93
CA GLY E 98 -10.31 40.83 29.37
C GLY E 98 -11.76 40.38 29.47
N LYS E 99 -12.67 41.09 28.81
CA LYS E 99 -14.08 40.71 28.81
C LYS E 99 -14.67 41.00 27.44
N VAL E 100 -15.61 40.14 27.02
CA VAL E 100 -16.21 40.24 25.70
C VAL E 100 -17.27 41.33 25.72
N GLN E 101 -17.69 41.80 24.54
CA GLN E 101 -18.81 42.72 24.44
C GLN E 101 -19.23 42.84 22.99
N LEU E 102 -20.52 43.11 22.78
CA LEU E 102 -21.09 43.18 21.45
C LEU E 102 -20.66 44.47 20.76
N THR E 103 -20.81 44.48 19.44
CA THR E 103 -20.49 45.63 18.61
C THR E 103 -21.60 45.88 17.61
N ASN E 104 -21.96 47.15 17.44
CA ASN E 104 -23.00 47.53 16.49
C ASN E 104 -22.58 47.34 15.04
N VAL E 105 -21.29 47.08 14.78
CA VAL E 105 -20.85 46.86 13.41
C VAL E 105 -21.52 45.62 12.85
N ARG E 106 -21.90 45.68 11.57
CA ARG E 106 -22.56 44.55 10.93
C ARG E 106 -22.23 44.55 9.45
N PHE E 107 -22.40 43.39 8.82
CA PHE E 107 -22.04 43.17 7.44
C PHE E 107 -23.23 43.46 6.53
N ARG E 108 -23.08 43.13 5.24
CA ARG E 108 -24.13 43.31 4.25
C ARG E 108 -24.80 42.02 3.84
N ASP E 109 -24.08 40.90 3.83
CA ASP E 109 -24.64 39.61 3.45
C ASP E 109 -23.59 38.54 3.68
N ASN E 110 -24.06 37.30 3.85
CA ASN E 110 -23.14 36.20 4.12
C ASN E 110 -22.10 36.04 3.01
N LEU E 111 -22.49 36.31 1.76
CA LEU E 111 -21.56 36.12 0.65
C LEU E 111 -20.37 37.08 0.79
N GLN E 112 -20.63 38.33 1.18
CA GLN E 112 -19.53 39.27 1.35
C GLN E 112 -18.58 38.83 2.46
N LEU E 113 -19.13 38.33 3.57
CA LEU E 113 -18.27 37.83 4.64
C LEU E 113 -17.45 36.63 4.18
N MET E 114 -18.06 35.74 3.42
CA MET E 114 -17.33 34.59 2.89
C MET E 114 -16.18 35.06 2.01
N ASN E 115 -16.43 36.02 1.13
CA ASN E 115 -15.38 36.55 0.28
C ASN E 115 -14.29 37.22 1.10
N ILE E 116 -14.67 37.97 2.13
CA ILE E 116 -13.68 38.66 2.97
C ILE E 116 -12.80 37.66 3.68
N CYS E 117 -13.38 36.57 4.20
CA CYS E 117 -12.58 35.54 4.85
C CYS E 117 -11.66 34.85 3.85
N GLN E 118 -12.18 34.51 2.68
CA GLN E 118 -11.37 33.84 1.67
C GLN E 118 -10.24 34.74 1.17
N ARG E 119 -10.40 36.06 1.30
CA ARG E 119 -9.34 37.00 0.93
C ARG E 119 -8.35 37.21 2.07
N ILE E 120 -8.82 37.27 3.31
CA ILE E 120 -7.90 37.40 4.44
C ILE E 120 -7.01 36.19 4.54
N VAL E 121 -7.54 34.99 4.28
CA VAL E 121 -6.70 33.80 4.27
C VAL E 121 -5.87 33.68 3.00
N SER E 122 -5.96 34.66 2.10
CA SER E 122 -5.15 34.63 0.89
C SER E 122 -3.75 35.19 1.13
N GLN E 123 -3.58 36.04 2.14
CA GLN E 123 -2.27 36.60 2.42
C GLN E 123 -1.23 35.52 2.70
N VAL E 124 -1.65 34.36 3.19
CA VAL E 124 -0.74 33.28 3.51
C VAL E 124 -0.82 32.15 2.48
N GLY E 125 -1.39 32.44 1.31
CA GLY E 125 -1.48 31.45 0.25
C GLY E 125 -2.25 30.21 0.66
N ARG E 126 -3.41 30.40 1.29
CA ARG E 126 -4.24 29.30 1.73
C ARG E 126 -5.68 29.57 1.31
N ARG E 127 -6.44 28.48 1.13
CA ARG E 127 -7.76 28.55 0.53
C ARG E 127 -8.78 27.87 1.42
N VAL E 128 -9.95 28.49 1.56
CA VAL E 128 -11.10 27.93 2.25
C VAL E 128 -12.27 27.92 1.29
N ASP E 129 -12.96 26.79 1.18
CA ASP E 129 -14.02 26.63 0.21
C ASP E 129 -14.98 25.55 0.72
N GLU E 130 -15.88 25.10 -0.15
CA GLU E 130 -16.83 24.06 0.20
C GLU E 130 -16.20 22.67 0.24
N SER E 131 -15.05 22.47 -0.40
CA SER E 131 -14.34 21.21 -0.35
C SER E 131 -13.31 21.16 0.77
N SER E 132 -13.09 22.26 1.48
CA SER E 132 -12.20 22.31 2.63
C SER E 132 -12.63 23.47 3.52
N PRO E 133 -13.57 23.24 4.45
CA PRO E 133 -14.21 24.37 5.13
C PRO E 133 -13.48 24.92 6.36
N ILE E 134 -12.42 24.28 6.82
CA ILE E 134 -11.70 24.69 8.03
C ILE E 134 -10.37 25.29 7.62
N CYS E 135 -10.09 26.50 8.10
CA CYS E 135 -8.81 27.15 7.81
C CYS E 135 -8.27 27.76 9.10
N ASP E 136 -7.00 27.49 9.38
CA ASP E 136 -6.29 28.08 10.52
C ASP E 136 -4.97 28.63 10.02
N ALA E 137 -4.73 29.92 10.25
CA ALA E 137 -3.58 30.58 9.66
C ALA E 137 -2.94 31.56 10.64
N ARG E 138 -1.65 31.80 10.43
CA ARG E 138 -0.88 32.81 11.14
C ARG E 138 -0.58 33.92 10.14
N LEU E 139 -1.22 35.07 10.32
CA LEU E 139 -1.00 36.18 9.40
C LEU E 139 0.44 36.68 9.52
N PRO E 140 1.03 37.16 8.42
CA PRO E 140 2.40 37.67 8.51
C PRO E 140 2.58 38.76 9.54
N ASP E 141 1.57 39.62 9.71
CA ASP E 141 1.67 40.71 10.68
C ASP E 141 1.71 40.20 12.12
N GLY E 142 1.35 38.94 12.35
CA GLY E 142 1.48 38.31 13.65
C GLY E 142 0.19 37.84 14.29
N SER E 143 -0.97 38.21 13.76
CA SER E 143 -2.22 37.79 14.37
C SER E 143 -2.50 36.32 14.08
N ARG E 144 -3.59 35.81 14.67
CA ARG E 144 -4.04 34.44 14.46
C ARG E 144 -5.44 34.48 13.87
N VAL E 145 -5.69 33.67 12.84
CA VAL E 145 -6.97 33.70 12.13
C VAL E 145 -7.51 32.28 12.06
N ASN E 146 -8.80 32.13 12.33
CA ASN E 146 -9.50 30.86 12.18
C ASN E 146 -10.82 31.10 11.47
N VAL E 147 -11.14 30.24 10.50
CA VAL E 147 -12.31 30.41 9.64
C VAL E 147 -12.99 29.06 9.44
N ILE E 148 -14.31 29.06 9.54
CA ILE E 148 -15.13 27.89 9.28
C ILE E 148 -16.23 28.29 8.30
N ALA E 149 -16.51 27.40 7.34
CA ALA E 149 -17.32 27.71 6.18
C ALA E 149 -18.77 27.28 6.38
N PRO E 150 -19.67 27.73 5.51
CA PRO E 150 -21.11 27.43 5.67
C PRO E 150 -21.40 25.94 5.65
N PRO E 151 -20.68 25.13 4.86
CA PRO E 151 -21.01 23.70 4.81
C PRO E 151 -21.04 23.03 6.18
N LEU E 152 -20.16 23.45 7.10
CA LEU E 152 -20.18 22.96 8.47
C LEU E 152 -20.92 23.91 9.39
N ALA E 153 -20.48 25.17 9.46
CA ALA E 153 -21.17 26.15 10.30
C ALA E 153 -22.56 26.42 9.74
N LEU E 154 -23.54 26.54 10.65
CA LEU E 154 -24.93 26.69 10.24
C LEU E 154 -25.36 28.14 10.12
N ASP E 155 -24.87 29.01 11.00
CA ASP E 155 -25.29 30.41 11.01
C ASP E 155 -24.44 31.29 10.10
N GLY E 156 -23.82 30.72 9.08
CA GLY E 156 -22.95 31.47 8.20
C GLY E 156 -21.49 31.27 8.56
N PRO E 157 -20.59 31.73 7.70
CA PRO E 157 -19.16 31.56 8.01
C PRO E 157 -18.80 32.18 9.35
N THR E 158 -17.96 31.48 10.10
CA THR E 158 -17.54 31.93 11.42
C THR E 158 -16.06 32.26 11.39
N LEU E 159 -15.71 33.42 11.94
CA LEU E 159 -14.35 33.94 11.88
C LEU E 159 -13.88 34.34 13.26
N THR E 160 -12.60 34.14 13.52
CA THR E 160 -11.98 34.55 14.78
C THR E 160 -10.60 35.09 14.49
N ILE E 161 -10.37 36.36 14.81
CA ILE E 161 -9.08 37.02 14.63
C ILE E 161 -8.59 37.39 16.03
N ARG E 162 -7.60 36.64 16.51
CA ARG E 162 -7.03 36.86 17.83
C ARG E 162 -5.64 37.45 17.64
N LYS E 163 -5.51 38.74 17.95
CA LYS E 163 -4.21 39.40 17.89
C LYS E 163 -3.37 39.00 19.09
N PHE E 164 -2.05 39.11 18.92
CA PHE E 164 -1.09 38.86 19.99
C PHE E 164 -0.38 40.15 20.34
N LYS E 165 -0.15 40.35 21.64
CA LYS E 165 0.34 41.62 22.16
C LYS E 165 1.84 41.73 21.93
N LYS E 166 2.49 42.64 22.65
CA LYS E 166 3.92 42.90 22.51
C LYS E 166 4.71 41.66 22.91
N ASP E 167 6.04 41.76 22.90
CA ASP E 167 7.25 40.95 22.97
C ASP E 167 7.11 39.88 24.05
N LYS E 168 7.82 38.77 23.87
CA LYS E 168 7.60 37.58 24.67
C LYS E 168 8.16 37.78 26.08
N LEU E 169 8.10 36.73 26.89
CA LEU E 169 8.53 36.77 28.27
C LEU E 169 9.95 36.25 28.39
N THR E 170 10.74 36.86 29.28
CA THR E 170 12.02 36.32 29.65
C THR E 170 11.85 35.25 30.72
N MET E 171 12.93 34.48 30.95
CA MET E 171 12.89 33.48 32.01
C MET E 171 12.53 34.11 33.34
N LYS E 172 12.96 35.35 33.57
CA LYS E 172 12.63 36.04 34.82
C LYS E 172 11.12 36.19 34.96
N ASN E 173 10.43 36.57 33.89
CA ASN E 173 8.98 36.69 33.94
C ASN E 173 8.34 35.33 34.22
N LEU E 174 8.83 34.27 33.59
CA LEU E 174 8.30 32.94 33.85
C LEU E 174 8.51 32.54 35.31
N VAL E 175 9.56 33.04 35.95
CA VAL E 175 9.69 32.83 37.39
C VAL E 175 8.77 33.75 38.18
N GLU E 176 8.38 34.90 37.61
CA GLU E 176 7.46 35.80 38.31
C GLU E 176 6.03 35.27 38.30
N PHE E 177 5.62 34.65 37.20
CA PHE E 177 4.26 34.12 37.08
C PHE E 177 4.13 32.71 37.67
N ALA E 178 5.07 32.31 38.53
CA ALA E 178 5.01 31.04 39.23
C ALA E 178 5.00 29.84 38.29
N SER E 179 5.38 30.03 37.03
CA SER E 179 5.41 28.92 36.09
C SER E 179 6.33 27.81 36.60
N ILE E 180 7.47 28.19 37.19
CA ILE E 180 8.38 27.23 37.79
C ILE E 180 9.34 27.99 38.69
N SER E 181 9.83 27.32 39.76
CA SER E 181 10.70 27.96 40.73
C SER E 181 12.16 27.62 40.46
N PRO E 182 13.09 28.51 40.82
CA PRO E 182 14.50 28.25 40.49
C PRO E 182 15.02 26.94 41.05
N GLU E 183 14.62 26.57 42.26
CA GLU E 183 15.18 25.39 42.91
C GLU E 183 14.95 24.12 42.09
N GLY E 184 13.90 24.09 41.28
CA GLY E 184 13.64 22.96 40.41
C GLY E 184 13.76 23.32 38.95
N ALA E 185 14.07 24.58 38.66
CA ALA E 185 14.15 25.07 37.29
C ALA E 185 15.58 25.34 36.83
N ARG E 186 16.56 25.26 37.73
CA ARG E 186 17.94 25.57 37.33
C ARG E 186 18.41 24.67 36.20
N VAL E 187 17.80 23.48 36.06
CA VAL E 187 18.14 22.60 34.94
C VAL E 187 17.83 23.28 33.61
N LEU E 188 16.83 24.16 33.59
CA LEU E 188 16.54 24.91 32.36
C LEU E 188 17.73 25.76 31.96
N GLY E 189 18.25 26.56 32.88
CA GLY E 189 19.43 27.36 32.57
C GLY E 189 20.63 26.49 32.24
N VAL E 190 20.76 25.35 32.91
CA VAL E 190 21.89 24.46 32.63
C VAL E 190 21.82 23.95 31.19
N ILE E 191 20.64 23.50 30.75
CA ILE E 191 20.49 23.03 29.38
C ILE E 191 20.51 24.18 28.39
N GLY E 192 20.34 25.41 28.85
CA GLY E 192 20.44 26.56 27.98
C GLY E 192 21.78 26.63 27.27
N ALA E 193 22.80 25.98 27.83
CA ALA E 193 24.11 25.90 27.20
C ALA E 193 24.73 24.52 27.25
N CYS E 194 24.08 23.53 27.87
CA CYS E 194 24.65 22.19 27.92
C CYS E 194 24.70 21.54 26.54
N ARG E 195 23.92 22.03 25.58
CA ARG E 195 23.89 21.50 24.23
C ARG E 195 23.50 20.01 24.24
N CYS E 196 22.27 19.78 24.68
CA CYS E 196 21.66 18.45 24.65
C CYS E 196 20.30 18.53 23.98
N ASN E 197 19.90 17.42 23.36
CA ASN E 197 18.64 17.39 22.64
C ASN E 197 17.48 17.67 23.59
N LEU E 198 16.42 18.27 23.05
CA LEU E 198 15.26 18.64 23.84
C LEU E 198 14.05 18.72 22.94
N VAL E 199 12.90 18.31 23.48
CA VAL E 199 11.63 18.28 22.73
C VAL E 199 10.56 18.85 23.65
N ILE E 200 10.03 20.02 23.30
CA ILE E 200 8.97 20.65 24.08
C ILE E 200 7.63 20.12 23.58
N SER E 201 6.77 19.70 24.51
CA SER E 201 5.46 19.17 24.20
C SER E 201 4.39 19.93 24.98
N GLY E 202 3.21 20.05 24.39
CA GLY E 202 2.13 20.73 25.07
C GLY E 202 0.89 20.78 24.19
N GLY E 203 -0.14 21.45 24.71
CA GLY E 203 -1.40 21.61 24.03
C GLY E 203 -1.55 23.00 23.44
N THR E 204 -2.61 23.18 22.67
CA THR E 204 -2.88 24.46 22.03
C THR E 204 -2.96 25.56 23.08
N GLY E 205 -2.27 26.67 22.81
CA GLY E 205 -2.27 27.79 23.74
C GLY E 205 -1.55 27.53 25.03
N SER E 206 -0.66 26.55 25.08
CA SER E 206 0.07 26.20 26.28
C SER E 206 1.43 26.88 26.37
N GLY E 207 1.79 27.71 25.40
CA GLY E 207 3.01 28.48 25.49
C GLY E 207 4.29 27.75 25.12
N LYS E 208 4.21 26.75 24.24
CA LYS E 208 5.41 26.03 23.84
C LYS E 208 6.42 26.96 23.18
N THR E 209 5.96 27.79 22.25
CA THR E 209 6.88 28.65 21.50
C THR E 209 7.60 29.62 22.41
N THR E 210 6.88 30.21 23.37
CA THR E 210 7.53 31.14 24.30
C THR E 210 8.54 30.42 25.17
N LEU E 211 8.24 29.18 25.58
CA LEU E 211 9.21 28.41 26.34
C LEU E 211 10.47 28.17 25.53
N LEU E 212 10.31 27.82 24.25
CA LEU E 212 11.47 27.61 23.39
C LEU E 212 12.27 28.89 23.23
N ASN E 213 11.58 30.02 23.04
CA ASN E 213 12.26 31.30 22.88
C ASN E 213 13.05 31.65 24.13
N THR E 214 12.49 31.37 25.30
CA THR E 214 13.22 31.62 26.55
C THR E 214 14.41 30.69 26.69
N MET E 215 14.27 29.43 26.29
CA MET E 215 15.29 28.42 26.50
C MET E 215 16.35 28.41 25.41
N THR E 216 16.20 29.21 24.36
CA THR E 216 17.22 29.34 23.32
C THR E 216 18.06 30.60 23.43
N ALA E 217 17.61 31.60 24.19
CA ALA E 217 18.42 32.80 24.37
C ALA E 217 19.71 32.52 25.14
N PHE E 218 19.79 31.37 25.82
CA PHE E 218 21.02 31.03 26.54
C PHE E 218 22.14 30.70 25.58
N ILE E 219 21.82 30.12 24.42
CA ILE E 219 22.85 29.65 23.50
C ILE E 219 23.80 30.79 23.16
N ASP E 220 25.09 30.54 23.31
CA ASP E 220 26.11 31.57 23.18
C ASP E 220 26.33 31.93 21.72
N PRO E 221 26.85 33.12 21.45
CA PRO E 221 26.95 33.60 20.06
C PRO E 221 27.86 32.76 19.18
N THR E 222 28.83 32.04 19.74
CA THR E 222 29.82 31.34 18.92
C THR E 222 29.21 30.25 18.06
N GLU E 223 28.00 29.80 18.36
CA GLU E 223 27.40 28.67 17.66
C GLU E 223 26.52 29.15 16.52
N ARG E 224 26.56 28.41 15.40
CA ARG E 224 25.77 28.70 14.22
C ARG E 224 24.47 27.90 14.31
N VAL E 225 23.35 28.60 14.42
CA VAL E 225 22.05 28.00 14.63
C VAL E 225 21.17 28.28 13.41
N VAL E 226 20.50 27.25 12.92
CA VAL E 226 19.60 27.35 11.77
C VAL E 226 18.19 27.10 12.29
N THR E 227 17.32 28.10 12.16
CA THR E 227 15.95 28.02 12.64
C THR E 227 15.01 27.82 11.46
N CYS E 228 14.13 26.82 11.57
CA CYS E 228 13.13 26.52 10.57
C CYS E 228 11.75 26.69 11.18
N GLU E 229 10.91 27.50 10.51
CA GLU E 229 9.60 27.82 11.04
C GLU E 229 8.58 27.86 9.91
N ASP E 230 7.33 27.55 10.25
CA ASP E 230 6.24 27.72 9.29
C ASP E 230 6.01 29.20 8.98
N ALA E 231 6.14 30.04 10.00
CA ALA E 231 6.02 31.49 9.84
C ALA E 231 6.84 32.14 10.93
N ALA E 232 7.36 33.33 10.65
CA ALA E 232 8.26 34.02 11.58
C ALA E 232 7.61 34.16 12.95
N GLU E 233 8.21 33.56 13.96
CA GLU E 233 7.71 33.61 15.34
C GLU E 233 8.81 33.90 16.35
N LEU E 234 10.00 33.33 16.16
CA LEU E 234 11.08 33.47 17.12
C LEU E 234 11.88 34.72 16.85
N GLN E 235 12.45 35.30 17.91
CA GLN E 235 13.17 36.56 17.85
C GLN E 235 14.48 36.47 18.64
N LEU E 236 15.25 35.43 18.37
CA LEU E 236 16.55 35.29 19.03
C LEU E 236 17.44 36.46 18.68
N GLN E 237 18.20 36.93 19.67
CA GLN E 237 19.06 38.09 19.53
C GLN E 237 20.53 37.71 19.33
N GLN E 238 20.83 36.44 19.09
CA GLN E 238 22.20 36.03 18.88
C GLN E 238 22.72 36.55 17.54
N PRO E 239 24.03 36.68 17.39
CA PRO E 239 24.58 37.33 16.19
C PRO E 239 24.66 36.40 14.98
N HIS E 240 24.84 35.10 15.23
CA HIS E 240 25.05 34.11 14.18
C HIS E 240 23.86 33.15 14.19
N VAL E 241 22.81 33.50 13.46
CA VAL E 241 21.62 32.67 13.34
C VAL E 241 21.06 32.84 11.92
N VAL E 242 20.62 31.72 11.34
CA VAL E 242 20.02 31.72 10.01
C VAL E 242 18.55 31.38 10.15
N ARG E 243 17.69 32.23 9.60
CA ARG E 243 16.25 32.06 9.66
C ARG E 243 15.74 31.57 8.31
N LEU E 244 14.65 30.79 8.36
CA LEU E 244 14.06 30.22 7.16
C LEU E 244 12.54 30.23 7.32
N GLU E 245 11.86 29.80 6.26
CA GLU E 245 10.40 29.78 6.24
C GLU E 245 9.94 29.01 5.02
N THR E 246 8.88 28.22 5.19
CA THR E 246 8.40 27.35 4.13
C THR E 246 7.51 28.11 3.16
N ARG E 247 7.16 27.44 2.06
CA ARG E 247 6.28 28.00 1.02
C ARG E 247 5.20 26.97 0.72
N PRO E 248 3.92 27.29 0.89
CA PRO E 248 2.85 26.34 0.56
C PRO E 248 2.68 26.25 -0.94
N PRO E 249 1.94 25.25 -1.43
CA PRO E 249 1.74 25.12 -2.87
C PRO E 249 1.11 26.37 -3.47
N ASN E 250 1.57 26.73 -4.66
CA ASN E 250 1.16 27.98 -5.30
C ASN E 250 -0.22 27.79 -5.93
N LEU E 251 -0.61 28.74 -6.79
CA LEU E 251 -1.92 28.70 -7.41
C LEU E 251 -2.16 27.38 -8.15
N GLU E 252 -1.13 26.86 -8.80
CA GLU E 252 -1.25 25.63 -9.59
C GLU E 252 -0.93 24.38 -8.79
N GLY E 253 -0.84 24.47 -7.47
CA GLY E 253 -0.53 23.32 -6.65
C GLY E 253 0.88 22.81 -6.88
N SER E 254 1.84 23.73 -6.98
CA SER E 254 3.23 23.36 -7.22
C SER E 254 4.12 24.32 -6.45
N GLY E 255 5.40 23.96 -6.37
CA GLY E 255 6.37 24.78 -5.66
C GLY E 255 6.27 24.70 -4.16
N ALA E 256 5.86 23.56 -3.62
CA ALA E 256 5.74 23.39 -2.18
C ALA E 256 7.09 23.03 -1.59
N VAL E 257 7.46 23.70 -0.51
CA VAL E 257 8.71 23.44 0.21
C VAL E 257 8.30 23.14 1.65
N THR E 258 8.10 21.86 1.95
CA THR E 258 7.69 21.45 3.29
C THR E 258 8.89 21.43 4.23
N MET E 259 8.60 21.27 5.52
CA MET E 259 9.65 21.30 6.52
C MET E 259 10.74 20.27 6.23
N ARG E 260 10.36 19.12 5.66
CA ARG E 260 11.36 18.12 5.31
C ARG E 260 12.34 18.67 4.28
N ASP E 261 11.82 19.38 3.27
CA ASP E 261 12.68 19.94 2.23
C ASP E 261 13.67 20.94 2.80
N LEU E 262 13.35 21.60 3.91
CA LEU E 262 14.26 22.54 4.53
C LEU E 262 15.24 21.86 5.48
N VAL E 263 14.77 20.89 6.26
CA VAL E 263 15.66 20.23 7.22
C VAL E 263 16.68 19.36 6.51
N LYS E 264 16.27 18.64 5.47
CA LYS E 264 17.23 17.84 4.73
C LYS E 264 18.31 18.71 4.12
N ASN E 265 17.98 19.93 3.71
CA ASN E 265 18.99 20.84 3.18
C ASN E 265 19.87 21.37 4.30
N CYS E 266 19.26 21.78 5.42
CA CYS E 266 20.04 22.29 6.55
C CYS E 266 21.04 21.25 7.04
N LEU E 267 20.74 19.96 6.82
CA LEU E 267 21.71 18.93 7.17
C LEU E 267 23.03 19.13 6.42
N ARG E 268 23.02 19.86 5.31
CA ARG E 268 24.21 20.07 4.49
C ARG E 268 24.57 21.55 4.41
N MET E 269 24.28 22.31 5.46
CA MET E 269 24.71 23.70 5.57
C MET E 269 25.72 23.89 6.69
N ARG E 270 26.25 22.79 7.22
CA ARG E 270 27.14 22.82 8.38
C ARG E 270 26.52 23.60 9.54
N PRO E 271 25.30 23.26 9.96
CA PRO E 271 24.74 23.89 11.16
C PRO E 271 25.23 23.21 12.42
N GLU E 272 25.45 24.02 13.46
CA GLU E 272 25.87 23.47 14.74
C GLU E 272 24.70 22.96 15.58
N ARG E 273 23.49 23.48 15.35
CA ARG E 273 22.31 22.97 16.03
C ARG E 273 21.07 23.52 15.35
N ILE E 274 20.12 22.63 15.04
CA ILE E 274 18.87 23.00 14.39
C ILE E 274 17.86 23.42 15.45
N ILE E 275 16.97 24.32 15.08
CA ILE E 275 15.84 24.73 15.93
C ILE E 275 14.60 24.70 15.05
N VAL E 276 13.87 23.60 15.09
CA VAL E 276 12.66 23.45 14.28
C VAL E 276 11.50 24.16 14.97
N GLY E 277 10.78 24.97 14.21
CA GLY E 277 9.65 25.70 14.76
C GLY E 277 8.58 24.79 15.32
N GLU E 278 7.96 23.99 14.46
CA GLU E 278 6.92 23.06 14.90
C GLU E 278 7.00 21.81 14.04
N VAL E 279 6.96 20.65 14.68
CA VAL E 279 7.02 19.36 13.99
C VAL E 279 5.59 18.89 13.74
N ARG E 280 5.29 18.58 12.49
CA ARG E 280 3.95 18.19 12.07
C ARG E 280 3.87 16.76 11.55
N GLY E 281 4.70 16.40 10.58
CA GLY E 281 4.63 15.10 9.95
C GLY E 281 6.01 14.49 9.74
N PRO E 282 6.30 14.06 8.51
CA PRO E 282 7.52 13.27 8.29
C PRO E 282 8.80 13.98 8.71
N GLU E 283 8.81 15.31 8.74
CA GLU E 283 10.05 16.02 9.04
C GLU E 283 10.66 15.53 10.35
N ALA E 284 9.82 15.17 11.31
CA ALA E 284 10.30 14.60 12.57
C ALA E 284 11.46 13.65 12.33
N PHE E 285 11.24 12.64 11.48
CA PHE E 285 12.28 11.66 11.20
C PHE E 285 13.61 12.35 10.93
N ASP E 286 13.65 13.20 9.90
CA ASP E 286 14.89 13.87 9.56
C ASP E 286 15.49 14.56 10.77
N LEU E 287 14.67 15.31 11.51
CA LEU E 287 15.19 16.02 12.68
C LEU E 287 15.84 15.04 13.65
N LEU E 288 15.17 13.92 13.93
CA LEU E 288 15.78 12.92 14.80
C LEU E 288 17.14 12.50 14.26
N GLN E 289 17.21 12.21 12.96
CA GLN E 289 18.49 11.84 12.37
C GLN E 289 19.51 12.96 12.57
N ALA E 290 19.08 14.21 12.40
CA ALA E 290 19.99 15.33 12.64
C ALA E 290 20.52 15.29 14.07
N MET E 291 19.66 14.98 15.03
CA MET E 291 20.11 14.87 16.41
C MET E 291 21.03 13.67 16.61
N ASN E 292 20.82 12.60 15.83
CA ASN E 292 21.63 11.41 16.01
C ASN E 292 23.03 11.59 15.41
N THR E 293 23.11 12.21 14.24
CA THR E 293 24.36 12.29 13.49
C THR E 293 25.01 13.65 13.68
N GLY E 294 25.74 13.78 14.78
CA GLY E 294 26.60 14.94 14.97
C GLY E 294 25.91 16.18 15.50
N HIS E 295 24.83 16.61 14.84
CA HIS E 295 24.18 17.87 15.18
C HIS E 295 23.42 17.75 16.50
N ASP E 296 24.17 17.58 17.58
CA ASP E 296 23.60 17.53 18.91
C ASP E 296 23.30 18.94 19.40
N GLY E 297 22.16 19.09 20.05
CA GLY E 297 21.70 20.37 20.52
C GLY E 297 20.48 20.91 19.82
N SER E 298 19.70 20.08 19.13
CA SER E 298 18.55 20.54 18.39
C SER E 298 17.36 20.73 19.33
N MET E 299 16.28 21.26 18.78
CA MET E 299 15.04 21.43 19.52
C MET E 299 13.86 21.32 18.55
N GLY E 300 12.69 21.02 19.08
CA GLY E 300 11.51 20.89 18.26
C GLY E 300 10.25 20.77 19.09
N THR E 301 9.24 21.59 18.77
CA THR E 301 7.98 21.60 19.51
C THR E 301 6.96 20.76 18.78
N LEU E 302 6.48 19.71 19.44
CA LEU E 302 5.44 18.84 18.91
C LEU E 302 4.13 19.12 19.64
N HIS E 303 3.11 18.32 19.31
CA HIS E 303 1.77 18.52 19.83
C HIS E 303 1.33 17.25 20.58
N ALA E 304 1.26 17.35 21.90
CA ALA E 304 0.86 16.21 22.72
C ALA E 304 0.51 16.72 24.12
N ASN E 305 -0.09 15.85 24.91
CA ASN E 305 -0.53 16.18 26.26
C ASN E 305 0.27 15.48 27.35
N SER E 306 0.72 14.24 27.12
CA SER E 306 1.51 13.51 28.09
C SER E 306 2.79 13.01 27.42
N PRO E 307 3.91 12.96 28.14
CA PRO E 307 5.17 12.56 27.50
C PRO E 307 5.11 11.22 26.79
N ARG E 308 4.43 10.23 27.37
CA ARG E 308 4.25 8.97 26.66
C ARG E 308 3.44 9.17 25.39
N GLU E 309 2.39 10.00 25.48
CA GLU E 309 1.64 10.35 24.28
C GLU E 309 2.53 11.07 23.28
N ALA E 310 3.43 11.92 23.76
CA ALA E 310 4.34 12.62 22.85
C ALA E 310 5.22 11.62 22.10
N ILE E 311 5.76 10.63 22.81
CA ILE E 311 6.63 9.65 22.18
C ILE E 311 5.83 8.80 21.19
N SER E 312 4.62 8.40 21.56
CA SER E 312 3.79 7.65 20.62
C SER E 312 3.45 8.48 19.39
N ARG E 313 3.21 9.78 19.59
CA ARG E 313 2.94 10.68 18.47
C ARG E 313 4.15 10.76 17.55
N ILE E 314 5.35 10.85 18.12
CA ILE E 314 6.57 10.85 17.30
C ILE E 314 6.68 9.55 16.52
N GLU E 315 6.38 8.43 17.18
CA GLU E 315 6.45 7.14 16.51
C GLU E 315 5.51 7.07 15.32
N SER E 316 4.27 7.54 15.51
CA SER E 316 3.32 7.56 14.41
C SER E 316 3.76 8.51 13.30
N MET E 317 4.31 9.66 13.70
CA MET E 317 4.78 10.64 12.71
C MET E 317 5.88 10.05 11.85
N ILE E 318 6.79 9.29 12.46
CA ILE E 318 7.85 8.63 11.69
C ILE E 318 7.25 7.52 10.83
N THR E 319 6.33 6.73 11.40
CA THR E 319 5.69 5.67 10.64
C THR E 319 5.02 6.20 9.39
N MET E 320 4.55 7.46 9.42
CA MET E 320 4.03 8.08 8.22
C MET E 320 5.06 8.12 7.10
N GLY E 321 6.35 8.05 7.44
CA GLY E 321 7.38 8.04 6.41
C GLY E 321 7.32 6.80 5.53
N GLY E 322 7.16 5.63 6.15
CA GLY E 322 7.05 4.40 5.41
C GLY E 322 8.39 3.71 5.19
N TYR E 323 9.12 3.46 6.27
CA TYR E 323 10.43 2.80 6.20
C TYR E 323 10.33 1.32 6.56
N GLY E 324 9.80 1.00 7.73
CA GLY E 324 9.59 -0.38 8.11
C GLY E 324 10.36 -0.80 9.35
N LEU E 325 10.78 0.16 10.16
CA LEU E 325 11.47 -0.16 11.39
C LEU E 325 10.47 -0.54 12.48
N PRO E 326 10.92 -1.32 13.46
CA PRO E 326 10.03 -1.68 14.57
C PRO E 326 9.90 -0.53 15.56
N SER E 327 8.93 -0.66 16.46
CA SER E 327 8.72 0.36 17.47
C SER E 327 9.94 0.49 18.37
N LYS E 328 10.56 -0.63 18.72
CA LYS E 328 11.70 -0.60 19.63
C LYS E 328 12.87 0.17 19.04
N THR E 329 13.14 -0.02 17.75
CA THR E 329 14.26 0.69 17.13
C THR E 329 14.03 2.20 17.11
N ILE E 330 12.81 2.62 16.79
CA ILE E 330 12.50 4.04 16.79
C ILE E 330 12.57 4.60 18.20
N LYS E 331 12.14 3.82 19.20
CA LYS E 331 12.26 4.26 20.58
C LYS E 331 13.72 4.39 20.99
N GLU E 332 14.57 3.49 20.52
CA GLU E 332 16.00 3.62 20.78
C GLU E 332 16.57 4.87 20.11
N MET E 333 16.12 5.16 18.89
CA MET E 333 16.50 6.41 18.23
C MET E 333 16.11 7.60 19.09
N ILE E 334 14.91 7.56 19.66
CA ILE E 334 14.46 8.64 20.54
C ILE E 334 15.36 8.73 21.78
N VAL E 335 15.69 7.58 22.37
CA VAL E 335 16.50 7.57 23.59
C VAL E 335 17.86 8.18 23.33
N GLY E 336 18.54 7.71 22.28
CA GLY E 336 19.86 8.21 21.95
C GLY E 336 19.87 9.53 21.23
N SER E 337 18.69 10.04 20.87
CA SER E 337 18.55 11.30 20.16
C SER E 337 17.73 12.34 20.89
N VAL E 338 16.86 11.92 21.81
CA VAL E 338 16.04 12.82 22.61
C VAL E 338 16.45 12.65 24.06
N ASP E 339 16.98 13.72 24.66
CA ASP E 339 17.42 13.69 26.05
C ASP E 339 16.31 14.16 26.99
N VAL E 340 15.80 15.38 26.77
CA VAL E 340 14.80 15.98 27.64
C VAL E 340 13.51 16.14 26.85
N ILE E 341 12.40 15.67 27.42
CA ILE E 341 11.08 15.83 26.83
C ILE E 341 10.26 16.63 27.83
N ILE E 342 10.29 17.96 27.71
CA ILE E 342 9.54 18.83 28.60
C ILE E 342 8.06 18.77 28.22
N GLN E 343 7.21 19.12 29.18
CA GLN E 343 5.77 19.19 28.96
C GLN E 343 5.27 20.56 29.40
N ALA E 344 4.38 21.15 28.63
CA ALA E 344 3.72 22.41 28.97
C ALA E 344 2.22 22.25 28.76
N ALA E 345 1.44 22.58 29.78
CA ALA E 345 0.00 22.42 29.70
C ALA E 345 -0.69 23.42 30.61
N ARG E 346 -1.92 23.77 30.26
CA ARG E 346 -2.74 24.62 31.10
C ARG E 346 -3.52 23.77 32.09
N LEU E 347 -3.76 24.32 33.28
CA LEU E 347 -4.49 23.60 34.31
C LEU E 347 -5.99 23.84 34.15
N ARG E 348 -6.79 23.32 35.09
CA ARG E 348 -8.23 23.48 35.01
C ARG E 348 -8.66 24.94 35.10
N ASP E 349 -7.79 25.82 35.58
CA ASP E 349 -8.11 27.24 35.66
C ASP E 349 -7.65 27.99 34.41
N GLY E 350 -6.46 27.67 33.91
CA GLY E 350 -5.99 28.26 32.66
C GLY E 350 -4.55 28.72 32.67
N SER E 351 -4.05 29.14 33.83
CA SER E 351 -2.70 29.67 33.90
C SER E 351 -1.68 28.61 33.46
N ARG E 352 -0.63 29.07 32.78
CA ARG E 352 0.36 28.17 32.22
C ARG E 352 1.19 27.51 33.31
N ARG E 353 1.73 26.33 32.99
CA ARG E 353 2.55 25.56 33.92
C ARG E 353 3.58 24.78 33.13
N ILE E 354 4.49 24.16 33.86
CA ILE E 354 5.48 23.24 33.30
C ILE E 354 5.38 21.95 34.10
N THR E 355 4.55 21.03 33.63
CA THR E 355 4.21 19.84 34.39
C THR E 355 5.29 18.78 34.38
N HIS E 356 6.35 18.94 33.58
CA HIS E 356 7.39 17.93 33.51
C HIS E 356 8.70 18.56 33.11
N ILE E 357 9.79 18.04 33.67
CA ILE E 357 11.12 18.08 33.05
C ILE E 357 11.60 16.63 33.06
N THR E 358 11.32 15.91 31.99
CA THR E 358 11.50 14.46 31.93
C THR E 358 12.68 14.12 31.05
N GLU E 359 13.32 12.99 31.36
CA GLU E 359 14.43 12.48 30.56
C GLU E 359 14.17 11.03 30.18
N VAL E 360 14.74 10.62 29.05
CA VAL E 360 14.58 9.28 28.51
C VAL E 360 15.85 8.49 28.83
N VAL E 361 15.67 7.27 29.32
CA VAL E 361 16.81 6.47 29.81
C VAL E 361 17.18 5.39 28.81
N GLY E 362 16.25 4.47 28.56
CA GLY E 362 16.58 3.32 27.74
C GLY E 362 15.34 2.53 27.41
N LEU E 363 15.58 1.31 26.89
CA LEU E 363 14.51 0.42 26.48
C LEU E 363 14.76 -0.98 27.02
N GLU E 364 13.65 -1.69 27.26
CA GLU E 364 13.66 -3.06 27.75
C GLU E 364 12.81 -3.94 26.85
N GLY E 365 13.03 -3.81 25.54
CA GLY E 365 12.24 -4.53 24.56
C GLY E 365 11.38 -3.58 23.74
N ASP E 366 10.08 -3.82 23.72
CA ASP E 366 9.12 -2.93 23.06
C ASP E 366 8.56 -1.88 24.01
N VAL E 367 9.04 -1.83 25.25
CA VAL E 367 8.56 -0.89 26.25
C VAL E 367 9.69 0.06 26.61
N ILE E 368 9.39 1.36 26.60
CA ILE E 368 10.39 2.37 26.90
C ILE E 368 10.57 2.49 28.41
N VAL E 369 11.78 2.84 28.82
CA VAL E 369 12.07 3.24 30.20
C VAL E 369 12.32 4.73 30.21
N THR E 370 11.54 5.45 31.02
CA THR E 370 11.58 6.93 31.03
C THR E 370 11.64 7.39 32.48
N GLN E 371 12.85 7.72 32.94
CA GLN E 371 12.99 8.38 34.23
C GLN E 371 12.19 9.67 34.23
N ASP E 372 11.77 10.13 35.41
CA ASP E 372 11.03 11.38 35.55
C ASP E 372 11.80 12.23 36.57
N LEU E 373 12.76 13.01 36.08
CA LEU E 373 13.54 13.86 36.98
C LEU E 373 12.64 14.85 37.70
N PHE E 374 11.53 15.24 37.08
CA PHE E 374 10.60 16.18 37.69
C PHE E 374 9.18 15.75 37.37
N VAL E 375 8.26 16.13 38.25
CA VAL E 375 6.83 15.97 38.06
C VAL E 375 6.13 17.17 38.69
N TYR E 376 4.80 17.20 38.57
CA TYR E 376 4.00 18.29 39.10
C TYR E 376 2.68 17.72 39.59
N GLU E 377 2.40 17.90 40.88
CA GLU E 377 1.18 17.38 41.47
C GLU E 377 0.28 18.54 41.89
N ILE E 378 -1.02 18.27 41.98
CA ILE E 378 -2.02 19.29 42.28
C ILE E 378 -2.69 18.92 43.59
N THR E 379 -2.72 19.87 44.53
CA THR E 379 -3.33 19.59 45.82
C THR E 379 -4.84 19.81 45.78
N GLY E 380 -5.29 20.84 45.09
CA GLY E 380 -6.71 21.15 45.02
C GLY E 380 -6.96 22.53 44.44
N GLU E 381 -7.78 23.33 45.11
CA GLU E 381 -8.06 24.69 44.71
C GLU E 381 -7.79 25.64 45.85
N ASP E 382 -7.65 26.91 45.51
CA ASP E 382 -7.33 27.96 46.49
C ASP E 382 -8.62 28.60 47.01
N GLU E 383 -8.45 29.47 48.00
CA GLU E 383 -9.60 30.19 48.55
C GLU E 383 -10.37 30.91 47.45
N HIS E 384 -9.67 31.46 46.46
CA HIS E 384 -10.29 32.18 45.37
C HIS E 384 -10.52 31.30 44.15
N GLY E 385 -10.28 30.00 44.26
CA GLY E 385 -10.62 29.07 43.19
C GLY E 385 -9.45 28.63 42.34
N LYS E 386 -8.49 29.52 42.11
CA LYS E 386 -7.38 29.21 41.23
C LYS E 386 -6.59 28.03 41.75
N VAL E 387 -6.12 27.18 40.83
CA VAL E 387 -5.54 25.89 41.22
C VAL E 387 -4.30 26.09 42.07
N VAL E 388 -4.02 25.08 42.90
CA VAL E 388 -2.84 25.06 43.77
C VAL E 388 -2.11 23.75 43.54
N GLY E 389 -0.81 23.84 43.28
CA GLY E 389 0.00 22.67 43.02
C GLY E 389 1.42 22.81 43.53
N LYS E 390 2.27 21.84 43.17
CA LYS E 390 3.63 21.80 43.65
C LYS E 390 4.47 20.99 42.67
N HIS E 391 5.58 21.58 42.21
CA HIS E 391 6.64 20.80 41.58
C HIS E 391 7.53 20.18 42.65
N ARG E 392 8.18 19.08 42.29
CA ARG E 392 9.02 18.38 43.25
C ARG E 392 10.10 17.62 42.51
N SER E 393 11.33 17.77 42.99
CA SER E 393 12.46 17.02 42.45
C SER E 393 12.31 15.57 42.89
N THR E 394 11.95 14.69 41.95
CA THR E 394 11.81 13.28 42.29
C THR E 394 13.09 12.73 42.90
N GLY E 395 14.24 13.26 42.50
CA GLY E 395 15.51 12.93 43.12
C GLY E 395 16.36 11.95 42.34
N ILE E 396 17.37 12.46 41.65
CA ILE E 396 18.38 11.65 40.96
C ILE E 396 19.65 12.50 40.92
N ALA E 397 20.64 12.15 41.75
CA ALA E 397 21.88 12.90 41.76
C ALA E 397 22.65 12.72 40.45
N ARG E 398 22.51 11.56 39.81
CA ARG E 398 23.24 11.24 38.58
C ARG E 398 22.26 10.75 37.53
N PRO E 399 21.61 11.67 36.80
CA PRO E 399 20.66 11.26 35.77
C PRO E 399 21.32 10.56 34.59
N ARG E 400 20.53 10.18 33.60
CA ARG E 400 21.09 9.56 32.40
C ARG E 400 22.05 10.50 31.69
N PHE E 401 21.68 11.77 31.56
CA PHE E 401 22.52 12.74 30.87
C PHE E 401 23.69 13.21 31.73
N TRP E 402 23.92 12.58 32.88
CA TRP E 402 25.09 12.89 33.68
C TRP E 402 26.37 12.67 32.87
N ASP E 403 26.47 11.53 32.19
CA ASP E 403 27.63 11.26 31.36
C ASP E 403 27.66 12.17 30.13
N ARG E 404 26.51 12.35 29.47
CA ARG E 404 26.45 13.15 28.26
C ARG E 404 26.78 14.61 28.51
N ALA E 405 26.66 15.09 29.74
CA ALA E 405 26.87 16.49 30.08
C ALA E 405 28.11 16.71 30.93
N ARG E 406 28.99 15.70 31.01
CA ARG E 406 30.17 15.79 31.86
C ARG E 406 31.30 16.59 31.24
N TYR E 407 31.23 16.90 29.94
CA TYR E 407 32.35 17.56 29.27
C TYR E 407 32.53 18.99 29.76
N TYR E 408 31.49 19.80 29.67
CA TYR E 408 31.59 21.21 30.04
C TYR E 408 31.83 21.40 31.52
N GLY E 409 31.84 20.30 32.28
CA GLY E 409 31.95 20.40 33.72
C GLY E 409 30.67 20.81 34.40
N LEU E 410 29.53 20.48 33.80
CA LEU E 410 28.22 20.91 34.28
C LEU E 410 27.60 19.94 35.27
N GLU E 411 28.26 18.80 35.56
CA GLU E 411 27.73 17.92 36.59
C GLU E 411 27.69 18.62 37.95
N ARG E 412 28.50 19.66 38.14
CA ARG E 412 28.42 20.43 39.37
C ARG E 412 27.03 21.01 39.58
N GLU E 413 26.59 21.85 38.64
CA GLU E 413 25.28 22.47 38.77
C GLU E 413 24.16 21.45 38.70
N LEU E 414 24.37 20.35 37.97
CA LEU E 414 23.37 19.28 37.96
C LEU E 414 23.18 18.69 39.34
N ALA E 415 24.29 18.35 40.01
CA ALA E 415 24.21 17.84 41.38
C ALA E 415 23.61 18.87 42.31
N GLU E 416 23.98 20.15 42.16
CA GLU E 416 23.40 21.19 42.99
C GLU E 416 21.89 21.21 42.84
N ALA E 417 21.40 21.25 41.59
CA ALA E 417 19.97 21.36 41.36
C ALA E 417 19.23 20.13 41.86
N LEU E 418 19.78 18.93 41.65
CA LEU E 418 19.08 17.70 41.99
C LEU E 418 19.39 17.20 43.39
N ASP E 419 20.17 17.94 44.18
CA ASP E 419 20.42 17.58 45.57
C ASP E 419 20.05 18.73 46.50
N ALA E 420 20.28 19.97 46.05
CA ALA E 420 19.87 21.13 46.84
C ALA E 420 18.36 21.29 46.90
N ALA E 421 17.61 20.52 46.08
CA ALA E 421 16.16 20.56 46.09
C ALA E 421 15.56 19.16 46.19
N GLU E 422 16.34 18.18 46.65
CA GLU E 422 15.83 16.83 46.80
C GLU E 422 14.71 16.75 47.83
N ALA E 423 14.62 17.72 48.73
CA ALA E 423 13.58 17.73 49.75
C ALA E 423 13.15 19.16 50.08
N ASP F 1 -64.69 13.70 -9.64
CA ASP F 1 -64.11 13.64 -10.97
C ASP F 1 -63.95 15.03 -11.56
N TYR F 2 -64.99 15.86 -11.42
CA TYR F 2 -64.94 17.21 -11.98
C TYR F 2 -63.82 18.02 -11.35
N TYR F 3 -63.70 17.95 -10.02
CA TYR F 3 -62.68 18.73 -9.32
C TYR F 3 -61.27 18.39 -9.79
N HIS F 4 -61.07 17.21 -10.37
CA HIS F 4 -59.79 16.81 -10.94
C HIS F 4 -59.80 16.82 -12.46
N ALA F 5 -60.93 16.45 -13.07
CA ALA F 5 -61.01 16.42 -14.53
C ALA F 5 -60.86 17.82 -15.12
N THR F 6 -61.44 18.83 -14.47
CA THR F 6 -61.32 20.19 -14.98
C THR F 6 -59.86 20.60 -15.06
N LYS F 7 -59.09 20.36 -14.00
CA LYS F 7 -57.67 20.70 -14.02
C LYS F 7 -56.92 19.85 -15.03
N THR F 8 -57.22 18.56 -15.11
CA THR F 8 -56.53 17.69 -16.06
C THR F 8 -56.72 18.16 -17.48
N THR F 9 -57.93 18.65 -17.81
CA THR F 9 -58.17 19.16 -19.16
C THR F 9 -57.56 20.54 -19.36
N ILE F 10 -57.63 21.40 -18.35
CA ILE F 10 -57.16 22.78 -18.51
C ILE F 10 -55.65 22.84 -18.64
N PHE F 11 -54.92 21.98 -17.92
CA PHE F 11 -53.47 22.08 -17.88
C PHE F 11 -52.86 21.99 -19.28
N ASN F 12 -53.55 21.32 -20.21
CA ASN F 12 -53.00 21.17 -21.55
C ASN F 12 -52.86 22.52 -22.25
N ALA F 13 -53.85 23.39 -22.09
CA ALA F 13 -53.79 24.71 -22.73
C ALA F 13 -52.60 25.51 -22.21
N LEU F 14 -52.40 25.51 -20.89
CA LEU F 14 -51.27 26.24 -20.32
C LEU F 14 -49.95 25.64 -20.79
N LEU F 15 -49.86 24.31 -20.82
CA LEU F 15 -48.61 23.67 -21.24
C LEU F 15 -48.28 23.99 -22.69
N ASN F 16 -49.29 23.95 -23.56
CA ASN F 16 -49.04 24.17 -24.99
C ASN F 16 -48.78 25.63 -25.29
N THR F 17 -49.49 26.54 -24.61
CA THR F 17 -49.33 27.97 -24.88
C THR F 17 -47.89 28.40 -24.61
N ILE F 18 -47.33 27.97 -23.48
CA ILE F 18 -45.93 28.23 -23.16
C ILE F 18 -45.35 26.98 -22.53
N ASP F 19 -44.51 26.26 -23.28
CA ASP F 19 -43.94 25.03 -22.78
C ASP F 19 -43.00 25.31 -21.61
N LEU F 20 -42.89 24.33 -20.70
CA LEU F 20 -42.00 24.47 -19.56
C LEU F 20 -40.55 24.64 -19.99
N SER F 21 -40.21 24.24 -21.22
CA SER F 21 -38.86 24.46 -21.73
C SER F 21 -38.53 25.93 -21.85
N GLN F 22 -39.55 26.80 -21.86
CA GLN F 22 -39.34 28.24 -21.94
C GLN F 22 -39.04 28.87 -20.58
N LEU F 23 -38.62 28.08 -19.60
CA LEU F 23 -38.27 28.62 -18.29
C LEU F 23 -37.12 29.60 -18.43
N ALA F 24 -37.08 30.58 -17.52
CA ALA F 24 -36.16 31.70 -17.50
C ALA F 24 -36.53 32.76 -18.53
N GLN F 25 -37.51 32.50 -19.39
CA GLN F 25 -38.08 33.50 -20.29
C GLN F 25 -39.51 33.75 -19.85
N LEU F 26 -39.81 35.01 -19.51
CA LEU F 26 -41.06 35.36 -18.84
C LEU F 26 -41.20 34.57 -17.54
N ASP F 27 -40.23 34.83 -16.66
CA ASP F 27 -40.06 34.06 -15.43
C ASP F 27 -41.23 34.34 -14.48
N LEU F 28 -41.08 33.97 -13.22
CA LEU F 28 -42.13 34.10 -12.21
C LEU F 28 -42.87 35.43 -12.32
N LYS F 29 -42.13 36.54 -12.43
CA LYS F 29 -42.76 37.85 -12.49
C LYS F 29 -43.76 37.91 -13.64
N GLN F 30 -43.29 37.70 -14.87
CA GLN F 30 -44.21 37.68 -16.01
C GLN F 30 -45.07 36.43 -16.02
N ALA F 31 -44.55 35.31 -15.49
CA ALA F 31 -45.28 34.05 -15.54
C ALA F 31 -46.57 34.11 -14.74
N GLY F 32 -46.60 34.91 -13.66
CA GLY F 32 -47.82 35.03 -12.90
C GLY F 32 -48.96 35.60 -13.72
N GLU F 33 -48.71 36.72 -14.41
CA GLU F 33 -49.72 37.29 -15.29
C GLU F 33 -50.00 36.38 -16.48
N GLU F 34 -48.97 35.72 -17.00
CA GLU F 34 -49.18 34.80 -18.12
C GLU F 34 -50.15 33.70 -17.73
N ILE F 35 -49.98 33.12 -16.55
CA ILE F 35 -50.89 32.07 -16.09
C ILE F 35 -52.26 32.65 -15.79
N ARG F 36 -52.31 33.83 -15.16
CA ARG F 36 -53.61 34.44 -14.85
C ARG F 36 -54.42 34.69 -16.12
N ASP F 37 -53.76 35.01 -17.23
CA ASP F 37 -54.48 35.23 -18.48
C ASP F 37 -54.76 33.92 -19.21
N ILE F 38 -53.82 32.97 -19.16
CA ILE F 38 -54.00 31.71 -19.88
C ILE F 38 -55.13 30.90 -19.27
N VAL F 39 -55.26 30.90 -17.95
CA VAL F 39 -56.34 30.17 -17.30
C VAL F 39 -57.68 30.75 -17.73
N ALA F 40 -57.79 32.08 -17.75
CA ALA F 40 -59.03 32.71 -18.19
C ALA F 40 -59.33 32.37 -19.64
N GLU F 41 -58.31 32.40 -20.50
CA GLU F 41 -58.52 32.08 -21.91
C GLU F 41 -58.99 30.63 -22.07
N LEU F 42 -58.39 29.71 -21.33
CA LEU F 42 -58.80 28.30 -21.41
C LEU F 42 -60.23 28.13 -20.90
N VAL F 43 -60.57 28.80 -19.81
CA VAL F 43 -61.92 28.68 -19.25
C VAL F 43 -62.95 29.21 -20.24
N ALA F 44 -62.67 30.36 -20.86
CA ALA F 44 -63.61 30.92 -21.82
C ALA F 44 -63.72 30.04 -23.07
N ILE F 45 -62.59 29.57 -23.59
CA ILE F 45 -62.61 28.77 -24.82
C ILE F 45 -63.26 27.42 -24.56
N LYS F 46 -62.85 26.74 -23.49
CA LYS F 46 -63.38 25.43 -23.14
C LYS F 46 -64.34 25.57 -21.97
N ASN F 47 -65.56 25.07 -22.14
CA ASN F 47 -66.58 25.22 -21.10
C ASN F 47 -66.08 24.62 -19.79
N VAL F 48 -66.31 25.34 -18.70
CA VAL F 48 -65.89 24.93 -17.36
C VAL F 48 -67.07 25.06 -16.42
N SER F 49 -67.02 24.28 -15.34
CA SER F 49 -68.04 24.30 -14.30
C SER F 49 -67.62 25.05 -13.05
N MET F 50 -66.31 25.20 -12.81
CA MET F 50 -65.84 25.93 -11.65
C MET F 50 -66.24 27.40 -11.75
N SER F 51 -66.43 28.03 -10.60
CA SER F 51 -66.83 29.42 -10.54
C SER F 51 -65.62 30.34 -10.71
N VAL F 52 -65.89 31.65 -10.67
CA VAL F 52 -64.81 32.64 -10.80
C VAL F 52 -63.82 32.48 -9.65
N ALA F 53 -64.32 32.34 -8.42
CA ALA F 53 -63.43 32.03 -7.31
C ALA F 53 -62.73 30.70 -7.54
N GLU F 54 -63.45 29.71 -8.05
CA GLU F 54 -62.81 28.45 -8.43
C GLU F 54 -61.81 28.66 -9.55
N GLN F 55 -62.08 29.61 -10.45
CA GLN F 55 -61.11 29.92 -11.51
C GLN F 55 -59.81 30.45 -10.93
N GLU F 56 -59.92 31.37 -9.96
CA GLU F 56 -58.71 31.89 -9.31
C GLU F 56 -58.00 30.79 -8.53
N HIS F 57 -58.76 29.90 -7.88
CA HIS F 57 -58.16 28.79 -7.16
C HIS F 57 -57.38 27.88 -8.12
N LEU F 58 -57.96 27.61 -9.28
CA LEU F 58 -57.26 26.79 -10.27
C LEU F 58 -56.05 27.52 -10.84
N VAL F 59 -56.11 28.84 -10.96
CA VAL F 59 -54.94 29.60 -11.38
C VAL F 59 -53.82 29.43 -10.37
N GLN F 60 -54.15 29.54 -9.09
CA GLN F 60 -53.13 29.36 -8.05
C GLN F 60 -52.60 27.93 -8.05
N ASP F 61 -53.47 26.95 -8.31
CA ASP F 61 -53.03 25.56 -8.41
C ASP F 61 -52.06 25.39 -9.57
N ILE F 62 -52.34 26.03 -10.70
CA ILE F 62 -51.42 25.99 -11.85
C ILE F 62 -50.08 26.59 -11.46
N ILE F 63 -50.12 27.73 -10.76
CA ILE F 63 -48.87 28.36 -10.32
C ILE F 63 -48.08 27.40 -9.44
N ASN F 64 -48.75 26.74 -8.50
CA ASN F 64 -48.06 25.81 -7.62
C ASN F 64 -47.48 24.63 -8.40
N ASP F 65 -48.24 24.08 -9.34
CA ASP F 65 -47.77 22.93 -10.10
C ASP F 65 -46.61 23.28 -11.00
N VAL F 66 -46.60 24.49 -11.54
CA VAL F 66 -45.55 24.88 -12.49
C VAL F 66 -44.30 25.36 -11.75
N LEU F 67 -44.45 26.40 -10.93
CA LEU F 67 -43.33 26.93 -10.16
C LEU F 67 -43.22 26.30 -8.78
N GLY F 68 -44.32 26.22 -8.03
CA GLY F 68 -44.29 25.72 -6.67
C GLY F 68 -43.93 24.25 -6.60
N TYR F 69 -44.07 23.67 -5.41
CA TYR F 69 -43.75 22.27 -5.18
C TYR F 69 -44.92 21.34 -5.45
N GLY F 70 -46.12 21.88 -5.66
CA GLY F 70 -47.26 21.08 -6.04
C GLY F 70 -47.88 20.34 -4.87
N PRO F 71 -47.91 19.00 -4.95
CA PRO F 71 -48.68 18.24 -3.95
C PRO F 71 -48.31 18.55 -2.50
N LEU F 72 -47.03 18.79 -2.23
CA LEU F 72 -46.54 18.99 -0.88
C LEU F 72 -46.64 20.44 -0.42
N GLU F 73 -47.16 21.33 -1.25
CA GLU F 73 -47.25 22.73 -0.84
C GLU F 73 -48.09 22.93 0.41
N PRO F 74 -49.27 22.32 0.55
CA PRO F 74 -50.04 22.53 1.79
C PRO F 74 -49.38 21.89 3.00
N LEU F 75 -48.85 20.68 2.86
CA LEU F 75 -48.31 19.96 4.02
C LEU F 75 -47.15 20.73 4.64
N LEU F 76 -46.24 21.25 3.82
CA LEU F 76 -45.08 21.97 4.35
C LEU F 76 -45.50 23.20 5.14
N ALA F 77 -46.71 23.71 4.95
CA ALA F 77 -47.17 24.89 5.65
C ALA F 77 -47.77 24.56 7.02
N ARG F 78 -48.36 23.39 7.18
CA ARG F 78 -49.01 23.04 8.44
C ARG F 78 -47.96 22.86 9.53
N ASP F 79 -48.19 23.51 10.68
CA ASP F 79 -47.27 23.41 11.80
C ASP F 79 -47.50 22.19 12.67
N ASP F 80 -48.64 21.51 12.53
CA ASP F 80 -48.93 20.32 13.32
C ASP F 80 -48.33 19.07 12.72
N ILE F 81 -47.68 19.16 11.56
CA ILE F 81 -47.03 18.03 10.91
C ILE F 81 -45.54 18.11 11.18
N ALA F 82 -44.92 16.95 11.40
CA ALA F 82 -43.50 16.86 11.70
C ALA F 82 -42.72 16.16 10.60
N ASP F 83 -43.21 15.02 10.10
CA ASP F 83 -42.54 14.26 9.06
C ASP F 83 -43.47 14.11 7.86
N ILE F 84 -42.88 14.05 6.67
CA ILE F 84 -43.60 13.89 5.42
C ILE F 84 -42.88 12.81 4.64
N MET F 85 -43.39 11.58 4.69
CA MET F 85 -42.81 10.44 4.00
C MET F 85 -43.66 10.10 2.79
N VAL F 86 -43.00 9.77 1.68
CA VAL F 86 -43.67 9.60 0.39
C VAL F 86 -43.64 8.13 -0.06
N ASN F 87 -42.45 7.60 -0.34
CA ASN F 87 -42.30 6.20 -0.69
C ASN F 87 -42.98 5.81 -2.01
N GLY F 88 -43.53 6.78 -2.73
CA GLY F 88 -44.24 6.45 -3.95
C GLY F 88 -44.91 7.65 -4.55
N ALA F 89 -45.91 7.39 -5.39
CA ALA F 89 -46.64 8.45 -6.08
C ALA F 89 -48.03 8.69 -5.53
N HIS F 90 -48.76 7.64 -5.17
CA HIS F 90 -50.11 7.77 -4.64
C HIS F 90 -50.23 7.33 -3.19
N ARG F 91 -49.11 7.01 -2.52
CA ARG F 91 -49.12 6.42 -1.19
C ARG F 91 -48.22 7.28 -0.29
N VAL F 92 -48.79 8.32 0.30
CA VAL F 92 -48.05 9.30 1.09
C VAL F 92 -48.60 9.31 2.51
N PHE F 93 -47.70 9.23 3.48
CA PHE F 93 -48.05 9.23 4.90
C PHE F 93 -47.55 10.52 5.55
N ILE F 94 -48.02 10.78 6.77
CA ILE F 94 -47.58 11.92 7.56
C ILE F 94 -47.58 11.52 9.03
N GLU F 95 -46.99 12.37 9.86
CA GLU F 95 -46.92 12.16 11.30
C GLU F 95 -47.48 13.37 12.01
N VAL F 96 -48.56 13.17 12.77
CA VAL F 96 -49.16 14.23 13.57
C VAL F 96 -49.37 13.68 14.98
N GLY F 97 -48.75 14.31 15.96
CA GLY F 97 -48.91 13.88 17.34
C GLY F 97 -48.35 12.52 17.65
N GLY F 98 -47.17 12.20 17.12
CA GLY F 98 -46.53 10.94 17.41
C GLY F 98 -46.88 9.83 16.44
N LYS F 99 -48.17 9.49 16.36
CA LYS F 99 -48.61 8.43 15.48
C LYS F 99 -48.38 8.81 14.02
N VAL F 100 -48.52 7.81 13.14
CA VAL F 100 -48.34 8.00 11.70
C VAL F 100 -49.64 7.62 11.02
N GLN F 101 -50.11 8.48 10.12
CA GLN F 101 -51.38 8.28 9.43
C GLN F 101 -51.21 8.46 7.94
N LEU F 102 -51.90 7.60 7.17
CA LEU F 102 -51.93 7.71 5.73
C LEU F 102 -52.78 8.90 5.30
N THR F 103 -52.52 9.39 4.10
CA THR F 103 -53.20 10.56 3.57
C THR F 103 -53.76 10.26 2.18
N ASN F 104 -54.77 11.04 1.79
CA ASN F 104 -55.40 10.92 0.49
C ASN F 104 -54.85 12.01 -0.42
N VAL F 105 -53.65 11.75 -0.96
CA VAL F 105 -52.98 12.68 -1.86
C VAL F 105 -52.24 11.85 -2.90
N ARG F 106 -52.23 12.33 -4.15
CA ARG F 106 -51.70 11.56 -5.26
C ARG F 106 -50.79 12.44 -6.11
N PHE F 107 -49.66 11.87 -6.51
CA PHE F 107 -48.83 12.47 -7.54
C PHE F 107 -49.41 12.14 -8.91
N ARG F 108 -48.67 12.49 -9.97
CA ARG F 108 -49.06 12.10 -11.32
C ARG F 108 -48.33 10.87 -11.81
N ASP F 109 -47.06 10.72 -11.44
CA ASP F 109 -46.28 9.55 -11.85
C ASP F 109 -44.89 9.58 -11.21
N ASN F 110 -44.09 8.53 -11.47
CA ASN F 110 -42.75 8.47 -10.90
C ASN F 110 -41.87 9.61 -11.42
N LEU F 111 -42.03 9.97 -12.70
CA LEU F 111 -41.24 11.07 -13.24
C LEU F 111 -41.50 12.35 -12.47
N GLN F 112 -42.74 12.60 -12.07
CA GLN F 112 -43.03 13.77 -11.25
C GLN F 112 -42.37 13.65 -9.88
N LEU F 113 -42.29 12.44 -9.33
CA LEU F 113 -41.55 12.25 -8.09
C LEU F 113 -40.09 12.68 -8.26
N MET F 114 -39.45 12.21 -9.33
CA MET F 114 -38.07 12.60 -9.58
C MET F 114 -37.94 14.11 -9.75
N ASN F 115 -38.87 14.71 -10.49
CA ASN F 115 -38.84 16.15 -10.72
C ASN F 115 -38.91 16.90 -9.39
N ILE F 116 -39.88 16.55 -8.54
CA ILE F 116 -40.06 17.26 -7.28
C ILE F 116 -38.85 17.03 -6.38
N CYS F 117 -38.36 15.79 -6.31
CA CYS F 117 -37.21 15.51 -5.46
C CYS F 117 -36.01 16.35 -5.87
N GLN F 118 -35.70 16.38 -7.17
CA GLN F 118 -34.55 17.16 -7.62
C GLN F 118 -34.76 18.64 -7.40
N ARG F 119 -35.95 19.16 -7.71
CA ARG F 119 -36.21 20.59 -7.56
C ARG F 119 -36.23 21.04 -6.11
N ILE F 120 -36.46 20.11 -5.17
CA ILE F 120 -36.44 20.48 -3.76
C ILE F 120 -35.07 20.26 -3.13
N VAL F 121 -34.29 19.28 -3.61
CA VAL F 121 -32.96 19.05 -3.05
C VAL F 121 -31.89 19.89 -3.72
N SER F 122 -32.20 20.54 -4.85
CA SER F 122 -31.20 21.40 -5.49
C SER F 122 -30.95 22.68 -4.72
N GLN F 123 -31.82 23.02 -3.76
CA GLN F 123 -31.67 24.29 -3.06
C GLN F 123 -30.38 24.39 -2.26
N VAL F 124 -29.71 23.27 -2.00
CA VAL F 124 -28.46 23.28 -1.24
C VAL F 124 -27.36 22.64 -2.06
N GLY F 125 -27.48 22.69 -3.39
CA GLY F 125 -26.44 22.24 -4.28
C GLY F 125 -26.33 20.74 -4.48
N ARG F 126 -27.21 19.95 -3.86
CA ARG F 126 -27.18 18.51 -4.06
C ARG F 126 -27.78 18.15 -5.42
N ARG F 127 -27.37 16.98 -5.92
CA ARG F 127 -27.91 16.46 -7.17
C ARG F 127 -27.98 14.94 -7.06
N VAL F 128 -29.17 14.38 -7.28
CA VAL F 128 -29.40 12.95 -7.19
C VAL F 128 -30.03 12.49 -8.50
N ASP F 129 -29.48 11.44 -9.09
CA ASP F 129 -29.99 10.89 -10.34
C ASP F 129 -29.57 9.43 -10.42
N GLU F 130 -29.80 8.82 -11.59
CA GLU F 130 -29.48 7.40 -11.74
C GLU F 130 -28.00 7.13 -11.44
N SER F 131 -27.13 8.08 -11.75
CA SER F 131 -25.71 7.90 -11.47
C SER F 131 -25.38 8.16 -10.00
N SER F 132 -26.15 9.01 -9.33
CA SER F 132 -25.96 9.30 -7.91
C SER F 132 -27.23 8.87 -7.18
N PRO F 133 -27.26 7.67 -6.58
CA PRO F 133 -28.55 7.17 -6.07
C PRO F 133 -29.04 7.89 -4.82
N ILE F 134 -28.16 8.14 -3.86
CA ILE F 134 -28.56 8.57 -2.53
C ILE F 134 -28.31 10.07 -2.38
N CYS F 135 -29.21 10.73 -1.67
CA CYS F 135 -29.05 12.15 -1.35
C CYS F 135 -29.54 12.41 0.07
N ASP F 136 -28.79 13.24 0.79
CA ASP F 136 -29.12 13.60 2.16
C ASP F 136 -28.60 15.00 2.42
N ALA F 137 -29.46 15.87 2.95
CA ALA F 137 -29.08 17.26 3.11
C ALA F 137 -29.92 17.93 4.17
N ARG F 138 -29.49 19.14 4.56
CA ARG F 138 -30.17 19.98 5.55
C ARG F 138 -30.52 21.30 4.86
N LEU F 139 -31.81 21.49 4.59
CA LEU F 139 -32.24 22.67 3.84
C LEU F 139 -32.15 23.92 4.69
N PRO F 140 -32.11 25.11 4.06
CA PRO F 140 -31.98 26.34 4.85
C PRO F 140 -33.11 26.54 5.84
N ASP F 141 -34.32 26.10 5.51
CA ASP F 141 -35.46 26.35 6.39
C ASP F 141 -35.33 25.63 7.73
N GLY F 142 -34.41 24.69 7.86
CA GLY F 142 -34.23 23.96 9.10
C GLY F 142 -34.90 22.60 9.08
N SER F 143 -34.71 21.86 8.00
CA SER F 143 -35.32 20.55 7.83
C SER F 143 -34.32 19.60 7.19
N ARG F 144 -34.51 18.30 7.45
CA ARG F 144 -33.70 17.26 6.86
C ARG F 144 -34.43 16.65 5.66
N VAL F 145 -33.67 16.39 4.59
CA VAL F 145 -34.21 15.79 3.39
C VAL F 145 -33.35 14.59 3.01
N ASN F 146 -34.03 13.51 2.61
CA ASN F 146 -33.36 12.29 2.18
C ASN F 146 -34.10 11.74 0.98
N VAL F 147 -33.35 11.28 -0.03
CA VAL F 147 -33.94 10.77 -1.26
C VAL F 147 -33.13 9.57 -1.74
N ILE F 148 -33.84 8.54 -2.21
CA ILE F 148 -33.24 7.33 -2.74
C ILE F 148 -33.78 7.09 -4.15
N ALA F 149 -32.89 6.65 -5.04
CA ALA F 149 -33.13 6.56 -6.47
C ALA F 149 -33.57 5.16 -6.87
N PRO F 150 -34.01 4.98 -8.12
CA PRO F 150 -34.61 3.70 -8.52
C PRO F 150 -33.65 2.53 -8.40
N PRO F 151 -32.43 2.61 -8.98
CA PRO F 151 -31.57 1.41 -9.08
C PRO F 151 -31.51 0.58 -7.81
N LEU F 152 -31.68 1.21 -6.66
CA LEU F 152 -31.71 0.51 -5.37
C LEU F 152 -33.13 0.25 -4.87
N ALA F 153 -34.01 1.24 -5.00
CA ALA F 153 -35.38 1.12 -4.49
C ALA F 153 -36.20 0.34 -5.52
N LEU F 154 -36.49 -0.92 -5.20
CA LEU F 154 -37.28 -1.75 -6.11
C LEU F 154 -38.66 -1.16 -6.34
N ASP F 155 -39.30 -0.68 -5.27
CA ASP F 155 -40.63 -0.08 -5.39
C ASP F 155 -40.60 1.27 -6.08
N GLY F 156 -39.43 1.87 -6.25
CA GLY F 156 -39.31 3.18 -6.84
C GLY F 156 -38.61 4.14 -5.90
N PRO F 157 -38.20 5.30 -6.41
CA PRO F 157 -37.49 6.26 -5.55
C PRO F 157 -38.33 6.67 -4.35
N THR F 158 -37.65 6.94 -3.25
CA THR F 158 -38.32 7.27 -1.99
C THR F 158 -37.82 8.61 -1.46
N LEU F 159 -38.71 9.29 -0.74
CA LEU F 159 -38.44 10.63 -0.21
C LEU F 159 -38.77 10.64 1.27
N THR F 160 -37.98 11.40 2.05
CA THR F 160 -38.19 11.54 3.48
C THR F 160 -37.86 12.96 3.90
N ILE F 161 -38.76 13.58 4.66
CA ILE F 161 -38.61 14.95 5.10
C ILE F 161 -38.93 15.02 6.58
N ARG F 162 -38.19 15.83 7.32
CA ARG F 162 -38.40 16.01 8.75
C ARG F 162 -38.62 17.50 9.05
N LYS F 163 -38.70 17.82 10.33
CA LYS F 163 -38.85 19.20 10.78
C LYS F 163 -38.04 19.41 12.05
N PHE F 164 -37.75 20.67 12.34
CA PHE F 164 -37.00 21.06 13.53
C PHE F 164 -38.00 21.43 14.62
N LYS F 165 -38.16 20.55 15.60
CA LYS F 165 -39.13 20.77 16.66
C LYS F 165 -38.81 22.06 17.41
N LYS F 166 -39.86 22.80 17.76
CA LYS F 166 -39.72 24.10 18.42
C LYS F 166 -40.41 24.15 19.78
N ASP F 167 -40.89 23.02 20.29
CA ASP F 167 -41.54 22.96 21.60
C ASP F 167 -40.88 21.83 22.39
N LYS F 168 -39.80 22.15 23.08
CA LYS F 168 -39.05 21.17 23.85
C LYS F 168 -39.37 21.33 25.34
N LEU F 169 -39.37 20.20 26.05
CA LEU F 169 -39.78 20.18 27.44
C LEU F 169 -38.83 21.03 28.28
N THR F 170 -39.38 22.00 29.01
CA THR F 170 -38.60 22.81 29.92
C THR F 170 -38.44 22.10 31.25
N MET F 171 -37.62 22.67 32.13
CA MET F 171 -37.37 22.03 33.43
C MET F 171 -38.66 21.91 34.23
N LYS F 172 -39.51 22.93 34.18
CA LYS F 172 -40.80 22.86 34.86
C LYS F 172 -41.61 21.66 34.37
N ASN F 173 -41.56 21.38 33.06
CA ASN F 173 -42.30 20.23 32.53
C ASN F 173 -41.75 18.93 33.13
N LEU F 174 -40.43 18.76 33.11
CA LEU F 174 -39.85 17.56 33.71
C LEU F 174 -40.23 17.43 35.17
N VAL F 175 -40.34 18.56 35.88
CA VAL F 175 -40.83 18.51 37.25
C VAL F 175 -42.27 18.00 37.28
N GLU F 176 -43.10 18.49 36.37
CA GLU F 176 -44.50 18.05 36.33
C GLU F 176 -44.60 16.57 36.02
N PHE F 177 -43.83 16.09 35.04
CA PHE F 177 -43.87 14.68 34.68
C PHE F 177 -43.29 13.78 35.75
N ALA F 178 -42.82 14.32 36.87
CA ALA F 178 -42.33 13.53 37.99
C ALA F 178 -41.19 12.62 37.56
N SER F 179 -40.28 13.16 36.76
CA SER F 179 -39.04 12.47 36.40
C SER F 179 -37.85 12.93 37.21
N ILE F 180 -37.96 14.05 37.92
CA ILE F 180 -36.91 14.52 38.81
C ILE F 180 -37.57 15.33 39.93
N SER F 181 -37.23 15.02 41.17
CA SER F 181 -37.85 15.70 42.29
C SER F 181 -37.46 17.18 42.28
N PRO F 182 -38.33 18.05 42.81
CA PRO F 182 -38.00 19.49 42.79
C PRO F 182 -36.68 19.82 43.45
N GLU F 183 -36.29 19.08 44.50
CA GLU F 183 -34.96 19.24 45.05
C GLU F 183 -33.91 18.91 44.01
N GLY F 184 -34.13 17.84 43.23
CA GLY F 184 -33.24 17.54 42.12
C GLY F 184 -33.19 18.67 41.12
N ALA F 185 -34.33 19.30 40.85
CA ALA F 185 -34.32 20.45 39.94
C ALA F 185 -33.48 21.58 40.49
N ARG F 186 -33.60 21.86 41.79
CA ARG F 186 -32.80 22.93 42.39
C ARG F 186 -31.31 22.61 42.31
N VAL F 187 -30.94 21.35 42.58
CA VAL F 187 -29.53 20.97 42.53
C VAL F 187 -29.01 21.07 41.10
N LEU F 188 -29.82 20.66 40.12
CA LEU F 188 -29.40 20.78 38.72
C LEU F 188 -29.24 22.24 38.34
N GLY F 189 -30.13 23.11 38.81
CA GLY F 189 -29.99 24.53 38.56
C GLY F 189 -28.72 25.09 39.17
N VAL F 190 -28.36 24.61 40.34
CA VAL F 190 -27.08 25.00 40.95
C VAL F 190 -25.93 24.55 40.05
N ILE F 191 -25.95 23.29 39.64
CA ILE F 191 -24.83 22.73 38.86
C ILE F 191 -24.67 23.49 37.54
N GLY F 192 -25.78 23.78 36.87
CA GLY F 192 -25.74 24.41 35.57
C GLY F 192 -24.85 25.65 35.53
N ALA F 193 -25.12 26.61 36.41
CA ALA F 193 -24.30 27.82 36.49
C ALA F 193 -23.03 27.62 37.31
N CYS F 194 -22.87 26.47 37.96
CA CYS F 194 -21.68 26.20 38.75
C CYS F 194 -20.47 25.84 37.90
N ARG F 195 -20.65 25.70 36.59
CA ARG F 195 -19.57 25.43 35.64
C ARG F 195 -19.02 24.02 35.75
N CYS F 196 -19.70 23.12 36.45
CA CYS F 196 -19.24 21.74 36.53
C CYS F 196 -19.33 21.06 35.17
N ASN F 197 -18.39 20.17 34.90
CA ASN F 197 -18.30 19.46 33.63
C ASN F 197 -19.11 18.17 33.74
N LEU F 198 -20.42 18.26 33.52
CA LEU F 198 -21.30 17.11 33.61
C LEU F 198 -21.19 16.26 32.35
N VAL F 199 -21.51 14.98 32.49
CA VAL F 199 -21.49 14.02 31.39
C VAL F 199 -22.76 13.18 31.52
N ILE F 200 -23.76 13.47 30.69
CA ILE F 200 -25.04 12.77 30.77
C ILE F 200 -24.87 11.38 30.19
N SER F 201 -25.50 10.39 30.84
CA SER F 201 -25.45 9.01 30.39
C SER F 201 -26.84 8.38 30.51
N GLY F 202 -27.11 7.44 29.62
CA GLY F 202 -28.41 6.78 29.62
C GLY F 202 -28.58 5.89 28.42
N GLY F 203 -29.59 5.03 28.51
CA GLY F 203 -29.92 4.13 27.43
C GLY F 203 -30.64 4.85 26.30
N THR F 204 -30.80 4.12 25.20
CA THR F 204 -31.42 4.70 24.01
C THR F 204 -32.81 5.23 24.33
N GLY F 205 -33.10 6.43 23.83
CA GLY F 205 -34.41 7.02 24.03
C GLY F 205 -34.77 7.22 25.49
N SER F 206 -33.79 7.56 26.31
CA SER F 206 -34.01 7.75 27.74
C SER F 206 -34.08 9.23 28.12
N GLY F 207 -34.15 10.14 27.16
CA GLY F 207 -34.27 11.55 27.45
C GLY F 207 -32.95 12.27 27.63
N LYS F 208 -31.92 11.91 26.86
CA LYS F 208 -30.61 12.52 27.03
C LYS F 208 -30.58 13.92 26.43
N THR F 209 -30.92 14.05 25.16
CA THR F 209 -30.81 15.35 24.48
C THR F 209 -31.72 16.38 25.13
N THR F 210 -32.94 15.98 25.52
CA THR F 210 -33.83 16.92 26.19
C THR F 210 -33.25 17.40 27.51
N LEU F 211 -32.65 16.48 28.28
CA LEU F 211 -32.04 16.87 29.55
C LEU F 211 -30.88 17.84 29.31
N LEU F 212 -30.05 17.56 28.30
CA LEU F 212 -28.95 18.46 27.99
C LEU F 212 -29.47 19.83 27.59
N ASN F 213 -30.53 19.88 26.78
CA ASN F 213 -31.09 21.16 26.37
C ASN F 213 -31.62 21.92 27.58
N THR F 214 -32.29 21.23 28.51
CA THR F 214 -32.76 21.88 29.71
C THR F 214 -31.60 22.42 30.54
N MET F 215 -30.52 21.66 30.65
CA MET F 215 -29.37 22.11 31.41
C MET F 215 -28.73 23.35 30.79
N THR F 216 -28.67 23.40 29.45
CA THR F 216 -28.00 24.51 28.79
C THR F 216 -28.63 25.86 29.13
N ALA F 217 -29.89 25.87 29.58
CA ALA F 217 -30.58 27.12 29.85
C ALA F 217 -30.00 27.88 31.04
N PHE F 218 -29.12 27.26 31.83
CA PHE F 218 -28.56 27.87 33.02
C PHE F 218 -27.26 28.62 32.74
N ILE F 219 -26.87 28.76 31.48
CA ILE F 219 -25.65 29.47 31.12
C ILE F 219 -25.89 30.96 31.19
N ASP F 220 -24.95 31.69 31.78
CA ASP F 220 -25.04 33.15 31.78
C ASP F 220 -24.85 33.67 30.36
N PRO F 221 -25.59 34.71 29.96
CA PRO F 221 -25.52 35.16 28.55
C PRO F 221 -24.18 35.72 28.14
N THR F 222 -23.22 35.89 29.06
CA THR F 222 -21.95 36.52 28.76
C THR F 222 -20.84 35.51 28.44
N GLU F 223 -21.18 34.37 27.84
CA GLU F 223 -20.21 33.33 27.54
C GLU F 223 -20.36 32.86 26.11
N ARG F 224 -19.23 32.59 25.47
CA ARG F 224 -19.25 31.95 24.15
C ARG F 224 -19.51 30.47 24.30
N VAL F 225 -20.50 29.97 23.58
CA VAL F 225 -20.84 28.54 23.59
C VAL F 225 -20.74 28.03 22.17
N VAL F 226 -19.96 26.97 21.97
CA VAL F 226 -19.78 26.34 20.67
C VAL F 226 -20.28 24.91 20.79
N THR F 227 -21.30 24.57 20.01
CA THR F 227 -21.94 23.27 20.06
C THR F 227 -21.57 22.47 18.81
N CYS F 228 -21.10 21.24 19.02
CA CYS F 228 -20.73 20.33 17.94
C CYS F 228 -21.73 19.19 17.91
N GLU F 229 -22.66 19.24 16.96
CA GLU F 229 -23.73 18.25 16.85
C GLU F 229 -23.60 17.48 15.54
N ASP F 230 -24.36 16.39 15.46
CA ASP F 230 -24.48 15.60 14.24
C ASP F 230 -25.85 15.70 13.60
N ALA F 231 -26.86 16.19 14.32
CA ALA F 231 -28.21 16.28 13.81
C ALA F 231 -28.87 17.65 14.01
N ALA F 232 -28.22 18.56 14.73
CA ALA F 232 -28.77 19.91 14.95
C ALA F 232 -30.12 19.84 15.65
N GLU F 233 -30.10 19.31 16.86
CA GLU F 233 -31.30 19.19 17.69
C GLU F 233 -31.41 20.29 18.74
N LEU F 234 -30.29 20.73 19.32
CA LEU F 234 -30.32 21.69 20.40
C LEU F 234 -30.71 23.07 19.89
N GLN F 235 -31.31 23.86 20.79
CA GLN F 235 -31.56 25.28 20.55
C GLN F 235 -31.40 26.01 21.87
N LEU F 236 -30.62 27.07 21.87
CA LEU F 236 -30.28 27.80 23.08
C LEU F 236 -30.82 29.22 22.99
N GLN F 237 -31.29 29.74 24.12
CA GLN F 237 -31.83 31.09 24.20
C GLN F 237 -30.76 32.14 24.46
N GLN F 238 -29.49 31.73 24.53
CA GLN F 238 -28.41 32.68 24.75
C GLN F 238 -28.22 33.54 23.50
N PRO F 239 -27.64 34.73 23.66
CA PRO F 239 -27.38 35.60 22.49
C PRO F 239 -26.05 35.36 21.80
N HIS F 240 -25.29 34.34 22.21
CA HIS F 240 -23.95 34.12 21.68
C HIS F 240 -23.72 32.61 21.60
N VAL F 241 -23.90 32.04 20.41
CA VAL F 241 -23.72 30.61 20.20
C VAL F 241 -23.20 30.39 18.79
N VAL F 242 -22.28 29.45 18.64
CA VAL F 242 -21.71 29.10 17.34
C VAL F 242 -22.06 27.64 17.10
N ARG F 243 -23.18 27.40 16.41
CA ARG F 243 -23.60 26.04 16.11
C ARG F 243 -22.75 25.46 14.99
N LEU F 244 -22.29 24.22 15.18
CA LEU F 244 -21.50 23.52 14.19
C LEU F 244 -22.12 22.15 13.94
N GLU F 245 -21.81 21.57 12.79
CA GLU F 245 -22.32 20.27 12.41
C GLU F 245 -21.29 19.54 11.55
N THR F 246 -21.19 18.23 11.73
CA THR F 246 -20.25 17.42 10.98
C THR F 246 -20.76 17.21 9.55
N ARG F 247 -20.03 16.40 8.79
CA ARG F 247 -20.41 16.05 7.43
C ARG F 247 -19.95 14.63 7.15
N PRO F 248 -20.87 13.72 6.78
CA PRO F 248 -20.46 12.36 6.44
C PRO F 248 -19.77 12.31 5.09
N PRO F 249 -19.08 11.22 4.77
CA PRO F 249 -18.45 11.13 3.45
C PRO F 249 -19.46 11.10 2.33
N ASN F 250 -19.47 12.14 1.50
CA ASN F 250 -20.41 12.25 0.40
C ASN F 250 -20.03 11.39 -0.79
N LEU F 251 -18.86 10.75 -0.76
CA LEU F 251 -18.39 9.87 -1.83
C LEU F 251 -17.65 8.72 -1.17
N GLU F 252 -16.79 8.04 -1.92
CA GLU F 252 -16.10 6.87 -1.39
C GLU F 252 -14.95 7.30 -0.48
N GLY F 253 -15.30 7.84 0.70
CA GLY F 253 -14.29 8.23 1.67
C GLY F 253 -13.68 9.59 1.44
N SER F 254 -14.37 10.49 0.76
CA SER F 254 -13.86 11.81 0.45
C SER F 254 -14.72 12.88 1.10
N GLY F 255 -14.07 13.91 1.65
CA GLY F 255 -14.78 15.04 2.21
C GLY F 255 -15.28 14.85 3.63
N ALA F 256 -14.91 13.75 4.29
CA ALA F 256 -15.39 13.50 5.63
C ALA F 256 -14.83 14.52 6.62
N VAL F 257 -15.70 15.00 7.51
CA VAL F 257 -15.29 15.89 8.61
C VAL F 257 -15.84 15.26 9.88
N THR F 258 -15.03 14.42 10.52
CA THR F 258 -15.48 13.71 11.71
C THR F 258 -15.61 14.69 12.88
N MET F 259 -16.46 14.31 13.85
CA MET F 259 -16.67 15.16 15.02
C MET F 259 -15.36 15.41 15.75
N ARG F 260 -14.40 14.50 15.65
CA ARG F 260 -13.09 14.74 16.25
C ARG F 260 -12.48 16.01 15.69
N ASP F 261 -12.58 16.20 14.37
CA ASP F 261 -12.02 17.39 13.75
C ASP F 261 -12.68 18.66 14.27
N LEU F 262 -14.01 18.64 14.39
CA LEU F 262 -14.71 19.83 14.89
C LEU F 262 -14.32 20.13 16.33
N VAL F 263 -14.26 19.12 17.18
CA VAL F 263 -13.90 19.34 18.58
C VAL F 263 -12.48 19.85 18.67
N LYS F 264 -11.58 19.33 17.84
CA LYS F 264 -10.20 19.79 17.87
C LYS F 264 -10.08 21.22 17.38
N ASN F 265 -10.87 21.59 16.37
CA ASN F 265 -10.83 22.96 15.87
C ASN F 265 -11.39 23.93 16.89
N CYS F 266 -12.44 23.52 17.62
CA CYS F 266 -13.06 24.44 18.57
C CYS F 266 -12.06 24.92 19.63
N LEU F 267 -11.03 24.13 19.91
CA LEU F 267 -10.06 24.54 20.93
C LEU F 267 -9.38 25.84 20.58
N ARG F 268 -9.37 26.25 19.31
CA ARG F 268 -8.69 27.46 18.88
C ARG F 268 -9.60 28.66 18.74
N MET F 269 -10.92 28.46 18.71
CA MET F 269 -11.86 29.56 18.57
C MET F 269 -12.13 30.27 19.90
N ARG F 270 -11.34 30.01 20.92
CA ARG F 270 -11.51 30.62 22.23
C ARG F 270 -12.94 30.46 22.75
N PRO F 271 -13.44 29.23 22.87
CA PRO F 271 -14.76 29.03 23.47
C PRO F 271 -14.70 29.19 24.99
N GLU F 272 -15.85 29.47 25.57
CA GLU F 272 -15.99 29.46 27.02
C GLU F 272 -16.46 28.11 27.55
N ARG F 273 -17.10 27.30 26.71
CA ARG F 273 -17.44 25.93 27.06
C ARG F 273 -17.90 25.20 25.81
N ILE F 274 -17.44 23.96 25.65
CA ILE F 274 -17.76 23.14 24.49
C ILE F 274 -18.88 22.18 24.86
N ILE F 275 -19.94 22.17 24.06
CA ILE F 275 -21.07 21.26 24.26
C ILE F 275 -21.10 20.31 23.07
N VAL F 276 -21.04 19.01 23.34
CA VAL F 276 -21.00 17.98 22.31
C VAL F 276 -22.37 17.32 22.25
N GLY F 277 -22.75 16.89 21.05
CA GLY F 277 -24.04 16.25 20.85
C GLY F 277 -24.09 14.83 21.36
N GLU F 278 -23.19 13.98 20.85
CA GLU F 278 -23.12 12.59 21.29
C GLU F 278 -21.70 12.09 21.09
N VAL F 279 -21.02 11.74 22.17
CA VAL F 279 -19.64 11.29 22.10
C VAL F 279 -19.64 9.81 21.71
N ARG F 280 -19.27 9.52 20.47
CA ARG F 280 -19.26 8.15 19.96
C ARG F 280 -17.85 7.64 19.68
N GLY F 281 -17.09 8.35 18.84
CA GLY F 281 -15.79 7.89 18.42
C GLY F 281 -14.69 8.27 19.40
N PRO F 282 -13.48 8.47 18.89
CA PRO F 282 -12.37 8.88 19.78
C PRO F 282 -12.46 10.32 20.23
N GLU F 283 -13.37 11.12 19.68
CA GLU F 283 -13.46 12.52 20.06
C GLU F 283 -13.52 12.70 21.56
N ALA F 284 -13.95 11.68 22.30
CA ALA F 284 -14.02 11.78 23.76
C ALA F 284 -12.71 12.32 24.31
N PHE F 285 -11.59 11.75 23.86
CA PHE F 285 -10.29 12.19 24.34
C PHE F 285 -10.14 13.70 24.17
N ASP F 286 -10.38 14.19 22.95
CA ASP F 286 -10.28 15.62 22.72
C ASP F 286 -11.21 16.38 23.67
N LEU F 287 -12.46 15.90 23.80
CA LEU F 287 -13.38 16.56 24.69
C LEU F 287 -12.81 16.64 26.10
N LEU F 288 -12.20 15.55 26.57
CA LEU F 288 -11.62 15.58 27.91
C LEU F 288 -10.54 16.64 28.00
N GLN F 289 -9.71 16.77 26.96
CA GLN F 289 -8.74 17.85 26.96
C GLN F 289 -9.42 19.19 27.11
N ALA F 290 -10.53 19.39 26.40
CA ALA F 290 -11.30 20.62 26.58
C ALA F 290 -11.79 20.73 28.02
N MET F 291 -12.25 19.63 28.60
CA MET F 291 -12.68 19.67 29.99
C MET F 291 -11.53 19.94 30.95
N ASN F 292 -10.29 19.82 30.48
CA ASN F 292 -9.14 19.95 31.37
C ASN F 292 -8.41 21.28 31.22
N THR F 293 -8.33 21.82 30.00
CA THR F 293 -7.53 23.00 29.73
C THR F 293 -8.40 24.25 29.79
N GLY F 294 -8.89 24.54 30.99
CA GLY F 294 -9.53 25.82 31.25
C GLY F 294 -10.79 26.09 30.46
N HIS F 295 -11.58 25.07 30.17
CA HIS F 295 -12.92 25.26 29.61
C HIS F 295 -13.96 24.65 30.51
N ASP F 296 -13.82 24.86 31.82
CA ASP F 296 -14.77 24.33 32.78
C ASP F 296 -16.18 24.77 32.43
N GLY F 297 -17.05 23.81 32.11
CA GLY F 297 -18.40 24.11 31.70
C GLY F 297 -18.88 23.25 30.55
N SER F 298 -17.97 22.46 29.99
CA SER F 298 -18.33 21.60 28.87
C SER F 298 -19.38 20.59 29.29
N MET F 299 -19.99 19.95 28.29
CA MET F 299 -21.02 18.96 28.51
C MET F 299 -20.94 17.90 27.43
N GLY F 300 -21.54 16.74 27.68
CA GLY F 300 -21.52 15.67 26.72
C GLY F 300 -22.60 14.66 27.01
N THR F 301 -22.81 13.75 26.05
CA THR F 301 -23.82 12.71 26.19
C THR F 301 -23.29 11.45 25.54
N LEU F 302 -23.08 10.41 26.33
CA LEU F 302 -22.66 9.11 25.83
C LEU F 302 -23.80 8.11 25.99
N HIS F 303 -23.52 6.85 25.65
CA HIS F 303 -24.53 5.79 25.64
C HIS F 303 -24.08 4.69 26.60
N ALA F 304 -24.49 4.81 27.87
CA ALA F 304 -24.19 3.81 28.89
C ALA F 304 -25.40 3.64 29.78
N ASN F 305 -25.44 2.52 30.49
CA ASN F 305 -26.56 2.17 31.36
C ASN F 305 -26.40 2.67 32.78
N SER F 306 -25.20 2.59 33.33
CA SER F 306 -24.90 3.05 34.68
C SER F 306 -23.62 3.88 34.66
N PRO F 307 -23.44 4.79 35.61
CA PRO F 307 -22.25 5.65 35.58
C PRO F 307 -20.95 4.87 35.54
N ARG F 308 -20.87 3.72 36.22
CA ARG F 308 -19.68 2.89 36.11
C ARG F 308 -19.46 2.46 34.66
N GLU F 309 -20.53 2.03 33.99
CA GLU F 309 -20.40 1.67 32.59
C GLU F 309 -20.11 2.90 31.73
N ALA F 310 -20.56 4.08 32.16
CA ALA F 310 -20.20 5.31 31.45
C ALA F 310 -18.69 5.54 31.50
N ILE F 311 -18.09 5.35 32.67
CA ILE F 311 -16.64 5.50 32.81
C ILE F 311 -15.93 4.45 31.95
N SER F 312 -16.41 3.21 31.99
CA SER F 312 -15.80 2.15 31.19
C SER F 312 -15.88 2.48 29.70
N ARG F 313 -17.02 2.99 29.25
CA ARG F 313 -17.18 3.34 27.85
C ARG F 313 -16.29 4.51 27.46
N ILE F 314 -16.12 5.49 28.36
CA ILE F 314 -15.21 6.59 28.08
C ILE F 314 -13.79 6.05 27.88
N GLU F 315 -13.36 5.16 28.78
CA GLU F 315 -12.03 4.58 28.63
C GLU F 315 -11.90 3.80 27.33
N SER F 316 -12.94 3.04 26.97
CA SER F 316 -12.90 2.28 25.72
C SER F 316 -12.81 3.21 24.52
N MET F 317 -13.57 4.30 24.53
CA MET F 317 -13.52 5.24 23.42
C MET F 317 -12.14 5.88 23.31
N ILE F 318 -11.54 6.24 24.46
CA ILE F 318 -10.20 6.81 24.42
C ILE F 318 -9.21 5.81 23.84
N THR F 319 -9.29 4.55 24.28
CA THR F 319 -8.36 3.54 23.79
C THR F 319 -8.59 3.24 22.31
N MET F 320 -9.82 3.43 21.81
CA MET F 320 -10.08 3.15 20.40
C MET F 320 -9.20 3.99 19.50
N GLY F 321 -8.89 5.22 19.90
CA GLY F 321 -8.07 6.09 19.07
C GLY F 321 -6.66 5.58 18.83
N GLY F 322 -6.21 4.60 19.60
CA GLY F 322 -4.88 4.04 19.40
C GLY F 322 -3.75 5.00 19.70
N TYR F 323 -3.85 5.76 20.79
CA TYR F 323 -2.79 6.67 21.19
C TYR F 323 -1.70 5.99 22.00
N GLY F 324 -1.85 4.70 22.32
CA GLY F 324 -0.86 3.98 23.09
C GLY F 324 -0.67 4.54 24.49
N LEU F 325 -1.76 4.84 25.17
CA LEU F 325 -1.71 5.39 26.51
C LEU F 325 -1.74 4.27 27.55
N PRO F 326 -1.19 4.52 28.74
CA PRO F 326 -1.35 3.57 29.84
C PRO F 326 -2.67 3.80 30.57
N SER F 327 -3.31 2.69 30.97
CA SER F 327 -4.66 2.78 31.50
C SER F 327 -4.73 3.65 32.75
N LYS F 328 -3.70 3.58 33.60
CA LYS F 328 -3.72 4.37 34.84
C LYS F 328 -3.72 5.85 34.52
N THR F 329 -2.96 6.28 33.52
CA THR F 329 -2.97 7.69 33.13
C THR F 329 -4.34 8.10 32.61
N ILE F 330 -5.01 7.23 31.85
CA ILE F 330 -6.35 7.53 31.37
C ILE F 330 -7.31 7.70 32.55
N LYS F 331 -7.20 6.81 33.53
CA LYS F 331 -8.07 6.92 34.71
C LYS F 331 -7.79 8.21 35.47
N GLU F 332 -6.52 8.59 35.61
CA GLU F 332 -6.21 9.87 36.26
C GLU F 332 -6.81 11.03 35.49
N MET F 333 -6.71 11.01 34.17
CA MET F 333 -7.27 12.08 33.36
C MET F 333 -8.78 12.17 33.54
N ILE F 334 -9.47 11.03 33.52
CA ILE F 334 -10.92 11.03 33.70
C ILE F 334 -11.27 11.55 35.09
N VAL F 335 -10.54 11.10 36.11
CA VAL F 335 -10.82 11.54 37.48
C VAL F 335 -10.66 13.05 37.59
N GLY F 336 -9.64 13.61 36.94
CA GLY F 336 -9.45 15.04 36.99
C GLY F 336 -10.35 15.84 36.07
N SER F 337 -11.00 15.17 35.11
CA SER F 337 -11.81 15.85 34.10
C SER F 337 -13.29 15.89 34.48
N VAL F 338 -13.91 14.72 34.63
CA VAL F 338 -15.35 14.65 34.84
C VAL F 338 -15.68 14.99 36.29
N ASP F 339 -16.60 15.93 36.49
CA ASP F 339 -17.04 16.32 37.81
C ASP F 339 -18.41 15.76 38.19
N VAL F 340 -19.34 15.69 37.23
CA VAL F 340 -20.68 15.19 37.48
C VAL F 340 -21.03 14.18 36.40
N ILE F 341 -21.94 13.27 36.73
CA ILE F 341 -22.46 12.28 35.81
C ILE F 341 -23.93 12.11 36.13
N ILE F 342 -24.79 12.49 35.20
CA ILE F 342 -26.24 12.36 35.37
C ILE F 342 -26.70 11.15 34.57
N GLN F 343 -27.42 10.24 35.22
CA GLN F 343 -27.92 9.03 34.60
C GLN F 343 -29.40 9.19 34.28
N ALA F 344 -29.79 8.89 33.05
CA ALA F 344 -31.17 8.99 32.61
C ALA F 344 -31.56 7.69 31.94
N ALA F 345 -32.50 6.97 32.54
CA ALA F 345 -32.96 5.69 32.03
C ALA F 345 -34.46 5.71 31.82
N ARG F 346 -34.95 4.73 31.08
CA ARG F 346 -36.39 4.53 30.88
C ARG F 346 -36.77 3.16 31.42
N LEU F 347 -37.93 3.09 32.07
CA LEU F 347 -38.35 1.90 32.78
C LEU F 347 -39.36 1.12 31.96
N ARG F 348 -39.77 -0.04 32.49
CA ARG F 348 -40.62 -0.95 31.76
C ARG F 348 -41.99 -0.38 31.46
N ASP F 349 -42.40 0.68 32.16
CA ASP F 349 -43.70 1.29 31.93
C ASP F 349 -43.67 2.40 30.89
N GLY F 350 -42.50 2.73 30.35
CA GLY F 350 -42.38 3.75 29.34
C GLY F 350 -42.05 5.14 29.85
N SER F 351 -42.05 5.35 31.16
CA SER F 351 -41.72 6.66 31.71
C SER F 351 -40.20 6.88 31.64
N ARG F 352 -39.78 8.04 32.12
CA ARG F 352 -38.36 8.40 32.14
C ARG F 352 -38.00 8.94 33.51
N ARG F 353 -36.84 8.53 34.02
CA ARG F 353 -36.39 8.89 35.35
C ARG F 353 -34.92 9.29 35.31
N ILE F 354 -34.52 10.09 36.28
CA ILE F 354 -33.12 10.44 36.50
C ILE F 354 -32.64 9.58 37.66
N THR F 355 -32.07 8.42 37.32
CA THR F 355 -31.73 7.45 38.36
C THR F 355 -30.63 7.96 39.28
N HIS F 356 -29.59 8.58 38.72
CA HIS F 356 -28.42 8.98 39.51
C HIS F 356 -27.99 10.39 39.15
N ILE F 357 -27.50 11.11 40.16
CA ILE F 357 -26.75 12.35 39.96
C ILE F 357 -25.45 12.16 40.76
N THR F 358 -24.42 11.65 40.10
CA THR F 358 -23.22 11.13 40.75
C THR F 358 -22.06 12.10 40.56
N GLU F 359 -21.11 12.05 41.50
CA GLU F 359 -19.85 12.76 41.39
C GLU F 359 -18.72 11.76 41.60
N VAL F 360 -17.53 12.11 41.08
CA VAL F 360 -16.38 11.23 41.10
C VAL F 360 -15.52 11.59 42.32
N VAL F 361 -15.37 10.64 43.25
CA VAL F 361 -14.60 10.88 44.46
C VAL F 361 -13.12 11.00 44.14
N GLY F 362 -12.64 10.20 43.22
CA GLY F 362 -11.24 10.22 42.85
C GLY F 362 -10.79 8.84 42.38
N LEU F 363 -9.50 8.59 42.53
CA LEU F 363 -8.90 7.31 42.18
C LEU F 363 -8.14 6.78 43.38
N GLU F 364 -8.54 5.62 43.87
CA GLU F 364 -7.86 4.92 44.95
C GLU F 364 -7.30 3.61 44.42
N GLY F 365 -6.00 3.40 44.60
CA GLY F 365 -5.34 2.24 44.04
C GLY F 365 -5.45 2.23 42.53
N ASP F 366 -6.28 1.33 42.00
CA ASP F 366 -6.54 1.26 40.57
C ASP F 366 -8.04 1.20 40.28
N VAL F 367 -8.84 1.71 41.22
CA VAL F 367 -10.30 1.67 41.11
C VAL F 367 -10.84 3.09 41.22
N ILE F 368 -11.84 3.40 40.41
CA ILE F 368 -12.48 4.71 40.40
C ILE F 368 -13.71 4.64 41.30
N VAL F 369 -13.78 5.55 42.27
CA VAL F 369 -14.86 5.55 43.25
C VAL F 369 -15.71 6.80 43.02
N THR F 370 -17.00 6.68 43.37
CA THR F 370 -17.95 7.76 43.15
C THR F 370 -18.86 7.89 44.36
N GLN F 371 -19.31 9.12 44.60
CA GLN F 371 -20.34 9.42 45.58
C GLN F 371 -21.61 9.84 44.86
N ASP F 372 -22.74 9.74 45.57
CA ASP F 372 -24.05 9.99 44.99
C ASP F 372 -24.78 11.06 45.78
N LEU F 373 -25.59 11.85 45.07
CA LEU F 373 -26.42 12.88 45.69
C LEU F 373 -27.91 12.62 45.52
N PHE F 374 -28.33 11.83 44.54
CA PHE F 374 -29.72 11.45 44.36
C PHE F 374 -29.77 10.08 43.73
N VAL F 375 -30.57 9.19 44.30
CA VAL F 375 -30.76 7.85 43.78
C VAL F 375 -32.26 7.54 43.73
N TYR F 376 -32.74 7.12 42.57
CA TYR F 376 -34.15 6.79 42.38
C TYR F 376 -34.33 5.31 42.72
N GLU F 377 -35.06 5.03 43.80
CA GLU F 377 -35.28 3.68 44.27
C GLU F 377 -36.72 3.28 43.97
N ILE F 378 -36.89 2.09 43.38
CA ILE F 378 -38.19 1.53 43.06
C ILE F 378 -38.70 0.74 44.27
N THR F 379 -40.01 0.71 44.45
CA THR F 379 -40.62 -0.05 45.54
C THR F 379 -41.65 -1.05 45.05
N GLY F 380 -42.40 -0.75 44.00
CA GLY F 380 -43.40 -1.67 43.51
C GLY F 380 -44.19 -1.05 42.38
N GLU F 381 -45.34 -1.64 42.11
CA GLU F 381 -46.25 -1.18 41.05
C GLU F 381 -47.61 -0.88 41.65
N ASP F 382 -48.21 0.22 41.22
CA ASP F 382 -49.52 0.61 41.70
C ASP F 382 -50.58 -0.35 41.15
N GLU F 383 -51.84 -0.05 41.45
CA GLU F 383 -52.93 -0.93 41.04
C GLU F 383 -52.99 -1.04 39.52
N HIS F 384 -52.85 0.08 38.82
CA HIS F 384 -52.91 0.06 37.36
C HIS F 384 -51.76 -0.76 36.78
N GLY F 385 -50.56 -0.58 37.31
CA GLY F 385 -49.40 -1.32 36.85
C GLY F 385 -48.19 -0.46 36.55
N LYS F 386 -48.28 0.84 36.84
CA LYS F 386 -47.17 1.75 36.60
C LYS F 386 -46.08 1.56 37.64
N VAL F 387 -44.85 1.91 37.28
CA VAL F 387 -43.73 1.79 38.20
C VAL F 387 -43.88 2.82 39.31
N VAL F 388 -43.43 2.44 40.52
CA VAL F 388 -43.54 3.29 41.70
C VAL F 388 -42.17 3.37 42.36
N GLY F 389 -41.74 4.58 42.69
CA GLY F 389 -40.48 4.77 43.36
C GLY F 389 -40.30 6.23 43.72
N LYS F 390 -39.17 6.53 44.36
CA LYS F 390 -38.88 7.89 44.75
C LYS F 390 -37.38 8.06 44.97
N HIS F 391 -36.95 9.31 45.00
CA HIS F 391 -35.55 9.67 45.16
C HIS F 391 -35.21 9.82 46.65
N ARG F 392 -33.95 10.14 46.92
CA ARG F 392 -33.48 10.39 48.27
C ARG F 392 -32.02 10.82 48.21
N SER F 393 -31.60 11.59 49.20
CA SER F 393 -30.19 11.96 49.33
C SER F 393 -29.43 10.86 50.05
N THR F 394 -28.10 10.98 50.05
CA THR F 394 -27.21 10.02 50.70
C THR F 394 -26.47 10.66 51.87
N GLY F 395 -27.11 11.62 52.53
CA GLY F 395 -26.54 12.22 53.71
C GLY F 395 -25.24 12.97 53.50
N ILE F 396 -24.99 13.45 52.30
CA ILE F 396 -23.79 14.22 51.99
C ILE F 396 -24.14 15.70 52.10
N ALA F 397 -23.52 16.39 53.06
CA ALA F 397 -23.91 17.75 53.39
C ALA F 397 -23.36 18.76 52.38
N ARG F 398 -22.03 18.86 52.29
CA ARG F 398 -21.40 19.74 51.32
C ARG F 398 -20.86 18.90 50.17
N PRO F 399 -21.38 19.05 48.95
CA PRO F 399 -20.89 18.21 47.85
C PRO F 399 -19.40 18.40 47.61
N ARG F 400 -18.83 17.58 46.72
CA ARG F 400 -17.43 17.69 46.38
C ARG F 400 -17.12 18.97 45.61
N PHE F 401 -18.15 19.72 45.19
CA PHE F 401 -17.97 20.97 44.46
C PHE F 401 -18.58 22.16 45.20
N TRP F 402 -18.73 22.05 46.53
CA TRP F 402 -19.35 23.13 47.28
C TRP F 402 -18.56 24.43 47.15
N ASP F 403 -17.23 24.33 47.14
CA ASP F 403 -16.40 25.51 47.01
C ASP F 403 -16.71 26.27 45.72
N ARG F 404 -17.06 25.56 44.65
CA ARG F 404 -17.48 26.23 43.43
C ARG F 404 -18.73 27.08 43.66
N ALA F 405 -19.72 26.51 44.36
CA ALA F 405 -20.92 27.26 44.67
C ALA F 405 -20.61 28.48 45.51
N ARG F 406 -19.68 28.33 46.45
CA ARG F 406 -19.23 29.50 47.21
C ARG F 406 -18.62 30.55 46.30
N TYR F 407 -17.79 30.12 45.35
CA TYR F 407 -17.11 31.05 44.46
C TYR F 407 -18.12 31.84 43.63
N TYR F 408 -19.13 31.16 43.09
CA TYR F 408 -20.05 31.80 42.15
C TYR F 408 -21.25 32.43 42.84
N GLY F 409 -21.29 32.46 44.17
CA GLY F 409 -22.37 33.13 44.87
C GLY F 409 -23.65 32.34 44.96
N LEU F 410 -23.62 31.04 44.67
CA LEU F 410 -24.78 30.17 44.79
C LEU F 410 -24.70 29.29 46.03
N GLU F 411 -23.90 29.68 47.01
CA GLU F 411 -23.76 28.89 48.22
C GLU F 411 -25.08 28.77 48.97
N ARG F 412 -25.82 29.87 49.08
CA ARG F 412 -27.04 29.86 49.88
C ARG F 412 -28.08 28.93 49.28
N GLU F 413 -28.27 29.01 47.96
CA GLU F 413 -29.29 28.19 47.32
C GLU F 413 -28.96 26.71 47.42
N LEU F 414 -27.70 26.34 47.17
CA LEU F 414 -27.30 24.94 47.30
C LEU F 414 -27.44 24.46 48.74
N ALA F 415 -27.04 25.30 49.70
CA ALA F 415 -27.15 24.91 51.10
C ALA F 415 -28.61 24.69 51.49
N GLU F 416 -29.51 25.57 51.04
CA GLU F 416 -30.93 25.40 51.35
C GLU F 416 -31.48 24.15 50.70
N ALA F 417 -31.12 23.90 49.44
CA ALA F 417 -31.64 22.73 48.74
C ALA F 417 -31.18 21.44 49.40
N LEU F 418 -29.91 21.38 49.79
CA LEU F 418 -29.38 20.16 50.41
C LEU F 418 -29.88 19.98 51.83
N ASP F 419 -30.00 21.07 52.59
CA ASP F 419 -30.58 20.99 53.92
C ASP F 419 -32.06 20.63 53.86
N ALA F 420 -32.76 21.14 52.85
CA ALA F 420 -34.15 20.74 52.63
C ALA F 420 -34.28 19.30 52.18
N ALA F 421 -33.17 18.65 51.81
CA ALA F 421 -33.23 17.24 51.44
C ALA F 421 -33.82 16.39 52.56
N GLU F 422 -33.55 16.77 53.81
CA GLU F 422 -34.10 16.05 54.96
C GLU F 422 -35.56 16.43 55.14
N ALA F 423 -36.41 15.98 54.22
CA ALA F 423 -37.84 16.28 54.27
C ALA F 423 -38.66 15.07 53.86
#